data_8XZP
# 
_entry.id   8XZP 
# 
_audit_conform.dict_name       mmcif_pdbx.dic 
_audit_conform.dict_version    5.395 
_audit_conform.dict_location   http://mmcif.pdb.org/dictionaries/ascii/mmcif_pdbx.dic 
# 
loop_
_database_2.database_id 
_database_2.database_code 
_database_2.pdbx_database_accession 
_database_2.pdbx_DOI 
PDB   8XZP         pdb_00008xzp 10.2210/pdb8xzp/pdb 
WWPDB D_1300044560 ?            ?                   
# 
loop_
_pdbx_audit_revision_history.ordinal 
_pdbx_audit_revision_history.data_content_type 
_pdbx_audit_revision_history.major_revision 
_pdbx_audit_revision_history.minor_revision 
_pdbx_audit_revision_history.revision_date 
1 'Structure model' 1 0 2024-07-24 
2 'Structure model' 1 1 2024-08-21 
# 
_pdbx_audit_revision_details.ordinal             1 
_pdbx_audit_revision_details.revision_ordinal    1 
_pdbx_audit_revision_details.data_content_type   'Structure model' 
_pdbx_audit_revision_details.provider            repository 
_pdbx_audit_revision_details.type                'Initial release' 
_pdbx_audit_revision_details.description         ? 
_pdbx_audit_revision_details.details             ? 
# 
_pdbx_audit_revision_group.ordinal             1 
_pdbx_audit_revision_group.revision_ordinal    2 
_pdbx_audit_revision_group.data_content_type   'Structure model' 
_pdbx_audit_revision_group.group               'Database references' 
# 
_pdbx_audit_revision_category.ordinal             1 
_pdbx_audit_revision_category.revision_ordinal    2 
_pdbx_audit_revision_category.data_content_type   'Structure model' 
_pdbx_audit_revision_category.category            citation 
# 
loop_
_pdbx_audit_revision_item.ordinal 
_pdbx_audit_revision_item.revision_ordinal 
_pdbx_audit_revision_item.data_content_type 
_pdbx_audit_revision_item.item 
1 2 'Structure model' '_citation.journal_volume' 
2 2 'Structure model' '_citation.page_first'     
3 2 'Structure model' '_citation.page_last'      
# 
_pdbx_database_status.status_code                     REL 
_pdbx_database_status.status_code_sf                  REL 
_pdbx_database_status.status_code_mr                  ? 
_pdbx_database_status.entry_id                        8XZP 
_pdbx_database_status.recvd_initial_deposition_date   2024-01-21 
_pdbx_database_status.SG_entry                        N 
_pdbx_database_status.deposit_site                    PDBJ 
_pdbx_database_status.process_site                    PDBJ 
_pdbx_database_status.status_code_cs                  ? 
_pdbx_database_status.status_code_nmr_data            ? 
_pdbx_database_status.methods_development_category    ? 
_pdbx_database_status.pdb_format_compatible           N 
# 
_pdbx_contact_author.id                 2 
_pdbx_contact_author.email              aimingren@zju.edu.cn 
_pdbx_contact_author.name_first         Aiming 
_pdbx_contact_author.name_last          Ren 
_pdbx_contact_author.name_mi            ? 
_pdbx_contact_author.role               'principal investigator/group leader' 
_pdbx_contact_author.identifier_ORCID   0000-0002-5420-4899 
# 
loop_
_audit_author.name 
_audit_author.pdbx_ordinal 
_audit_author.identifier_ORCID 
'Li, C.Y.'  1 ? 
'Ren, A.M.' 2 ? 
# 
_citation.abstract                  ? 
_citation.abstract_id_CAS           ? 
_citation.book_id_ISBN              ? 
_citation.book_publisher            ? 
_citation.book_publisher_city       ? 
_citation.book_title                ? 
_citation.coordinate_linkage        ? 
_citation.country                   UK 
_citation.database_id_Medline       ? 
_citation.details                   ? 
_citation.id                        primary 
_citation.journal_abbrev            'Nucleic Acids Res.' 
_citation.journal_id_ASTM           NARHAD 
_citation.journal_id_CSD            0389 
_citation.journal_id_ISSN           1362-4962 
_citation.journal_full              ? 
_citation.journal_issue             ? 
_citation.journal_volume            52 
_citation.language                  ? 
_citation.page_first                8454 
_citation.page_last                 8465 
_citation.title                     
'Structure-based characterization and compound identification of the wild-type THF class-II riboswitch.' 
_citation.year                      2024 
_citation.database_id_CSD           ? 
_citation.pdbx_database_id_DOI      10.1093/nar/gkae377 
_citation.pdbx_database_id_PubMed   38769061 
_citation.pdbx_database_id_patent   ? 
_citation.unpublished_flag          ? 
# 
loop_
_citation_author.citation_id 
_citation_author.name 
_citation_author.ordinal 
_citation_author.identifier_ORCID 
primary 'Li, C.'    1  ?                   
primary 'Xu, X.'    2  ?                   
primary 'Geng, Z.'  3  ?                   
primary 'Zheng, L.' 4  ?                   
primary 'Song, Q.'  5  ?                   
primary 'Shen, X.'  6  ?                   
primary 'Wu, J.'    7  ?                   
primary 'Zhao, J.'  8  ?                   
primary 'Li, H.'    9  ?                   
primary 'He, M.'    10 ?                   
primary 'Tai, X.'   11 ?                   
primary 'Zhang, L.' 12 0000-0001-8139-0474 
primary 'Ma, J.'    13 ?                   
primary 'Dong, Y.'  14 ?                   
primary 'Ren, A.'   15 0000-0002-5420-4899 
# 
loop_
_entity.id 
_entity.type 
_entity.src_method 
_entity.pdbx_description 
_entity.formula_weight 
_entity.pdbx_number_of_molecules 
_entity.pdbx_ec 
_entity.pdbx_mutation 
_entity.pdbx_fragment 
_entity.details 
1 polymer     man 'RNA (53-MER)'                           17174.043 1  ? ? ? ? 
2 non-polymer syn 'MAGNESIUM ION'                          24.305    5  ? ? ? ? 
3 non-polymer syn 2-azanyl-8-methyl-1,9-dihydropurin-6-one 165.153   1  ? ? ? ? 
4 non-polymer syn SPERMINE                                 202.340   1  ? ? ? ? 
5 water       nat water                                    18.015    32 ? ? ? ? 
# 
_entity_poly.entity_id                      1 
_entity_poly.type                           polyribonucleotide 
_entity_poly.nstd_linkage                   no 
_entity_poly.nstd_monomer                   yes 
_entity_poly.pdbx_seq_one_letter_code       '(GTP)GGUGUGUACCGUUCAACUCGUCCCAGCUUCGACUGGGACUACGGGAGCGCCU' 
_entity_poly.pdbx_seq_one_letter_code_can   GGGUGUGUACCGUUCAACUCGUCCCAGCUUCGACUGGGACUACGGGAGCGCCU 
_entity_poly.pdbx_strand_id                 A 
_entity_poly.pdbx_target_identifier         ? 
# 
loop_
_pdbx_entity_nonpoly.entity_id 
_pdbx_entity_nonpoly.name 
_pdbx_entity_nonpoly.comp_id 
2 'MAGNESIUM ION'                          MG    
3 2-azanyl-8-methyl-1,9-dihydropurin-6-one A1LXN 
4 SPERMINE                                 SPM   
5 water                                    HOH   
# 
loop_
_entity_poly_seq.entity_id 
_entity_poly_seq.num 
_entity_poly_seq.mon_id 
_entity_poly_seq.hetero 
1 1  GTP n 
1 2  G   n 
1 3  G   n 
1 4  U   n 
1 5  G   n 
1 6  U   n 
1 7  G   n 
1 8  U   n 
1 9  A   n 
1 10 C   n 
1 11 C   n 
1 12 G   n 
1 13 U   n 
1 14 U   n 
1 15 C   n 
1 16 A   n 
1 17 A   n 
1 18 C   n 
1 19 U   n 
1 20 C   n 
1 21 G   n 
1 22 U   n 
1 23 C   n 
1 24 C   n 
1 25 C   n 
1 26 A   n 
1 27 G   n 
1 28 C   n 
1 29 U   n 
1 30 U   n 
1 31 C   n 
1 32 G   n 
1 33 A   n 
1 34 C   n 
1 35 U   n 
1 36 G   n 
1 37 G   n 
1 38 G   n 
1 39 A   n 
1 40 C   n 
1 41 U   n 
1 42 A   n 
1 43 C   n 
1 44 G   n 
1 45 G   n 
1 46 G   n 
1 47 A   n 
1 48 G   n 
1 49 C   n 
1 50 G   n 
1 51 C   n 
1 52 C   n 
1 53 U   n 
# 
_entity_src_gen.entity_id                          1 
_entity_src_gen.pdbx_src_id                        1 
_entity_src_gen.pdbx_alt_source_flag               sample 
_entity_src_gen.pdbx_seq_type                      'Biological sequence' 
_entity_src_gen.pdbx_beg_seq_num                   1 
_entity_src_gen.pdbx_end_seq_num                   53 
_entity_src_gen.gene_src_common_name               ? 
_entity_src_gen.gene_src_genus                     ? 
_entity_src_gen.pdbx_gene_src_gene                 ? 
_entity_src_gen.gene_src_species                   ? 
_entity_src_gen.gene_src_strain                    ? 
_entity_src_gen.gene_src_tissue                    ? 
_entity_src_gen.gene_src_tissue_fraction           ? 
_entity_src_gen.gene_src_details                   ? 
_entity_src_gen.pdbx_gene_src_fragment             ? 
_entity_src_gen.pdbx_gene_src_scientific_name      'unidentified eubacterium clone A70' 
_entity_src_gen.pdbx_gene_src_ncbi_taxonomy_id     41312 
_entity_src_gen.pdbx_gene_src_variant              ? 
_entity_src_gen.pdbx_gene_src_cell_line            ? 
_entity_src_gen.pdbx_gene_src_atcc                 ? 
_entity_src_gen.pdbx_gene_src_organ                ? 
_entity_src_gen.pdbx_gene_src_organelle            ? 
_entity_src_gen.pdbx_gene_src_cell                 ? 
_entity_src_gen.pdbx_gene_src_cellular_location    ? 
_entity_src_gen.host_org_common_name               ? 
_entity_src_gen.pdbx_host_org_scientific_name      'in vitro transcription vector pT7-TP(deltai)' 
_entity_src_gen.pdbx_host_org_ncbi_taxonomy_id     905931 
_entity_src_gen.host_org_genus                     ? 
_entity_src_gen.pdbx_host_org_gene                 ? 
_entity_src_gen.pdbx_host_org_organ                ? 
_entity_src_gen.host_org_species                   ? 
_entity_src_gen.pdbx_host_org_tissue               ? 
_entity_src_gen.pdbx_host_org_tissue_fraction      ? 
_entity_src_gen.pdbx_host_org_strain               ? 
_entity_src_gen.pdbx_host_org_variant              ? 
_entity_src_gen.pdbx_host_org_cell_line            ? 
_entity_src_gen.pdbx_host_org_atcc                 ? 
_entity_src_gen.pdbx_host_org_culture_collection   ? 
_entity_src_gen.pdbx_host_org_cell                 ? 
_entity_src_gen.pdbx_host_org_organelle            ? 
_entity_src_gen.pdbx_host_org_cellular_location    ? 
_entity_src_gen.pdbx_host_org_vector_type          ? 
_entity_src_gen.pdbx_host_org_vector               ? 
_entity_src_gen.host_org_details                   ? 
_entity_src_gen.expression_system_id               ? 
_entity_src_gen.plasmid_name                       ? 
_entity_src_gen.plasmid_details                    ? 
_entity_src_gen.pdbx_description                   ? 
# 
loop_
_chem_comp.id 
_chem_comp.type 
_chem_comp.mon_nstd_flag 
_chem_comp.name 
_chem_comp.pdbx_synonyms 
_chem_comp.formula 
_chem_comp.formula_weight 
A     'RNA linking' y "ADENOSINE-5'-MONOPHOSPHATE"             ? 'C10 H14 N5 O7 P'   347.221 
A1LXN non-polymer   . 2-azanyl-8-methyl-1,9-dihydropurin-6-one ? 'C6 H7 N5 O'        165.153 
C     'RNA linking' y "CYTIDINE-5'-MONOPHOSPHATE"              ? 'C9 H14 N3 O8 P'    323.197 
G     'RNA linking' y "GUANOSINE-5'-MONOPHOSPHATE"             ? 'C10 H14 N5 O8 P'   363.221 
GTP   non-polymer   n "GUANOSINE-5'-TRIPHOSPHATE"              ? 'C10 H16 N5 O14 P3' 523.180 
HOH   non-polymer   . WATER                                    ? 'H2 O'              18.015  
MG    non-polymer   . 'MAGNESIUM ION'                          ? 'Mg 2'              24.305  
SPM   non-polymer   . SPERMINE                                 ? 'C10 H26 N4'        202.340 
U     'RNA linking' y "URIDINE-5'-MONOPHOSPHATE"               ? 'C9 H13 N2 O9 P'    324.181 
# 
loop_
_pdbx_poly_seq_scheme.asym_id 
_pdbx_poly_seq_scheme.entity_id 
_pdbx_poly_seq_scheme.seq_id 
_pdbx_poly_seq_scheme.mon_id 
_pdbx_poly_seq_scheme.ndb_seq_num 
_pdbx_poly_seq_scheme.pdb_seq_num 
_pdbx_poly_seq_scheme.auth_seq_num 
_pdbx_poly_seq_scheme.pdb_mon_id 
_pdbx_poly_seq_scheme.auth_mon_id 
_pdbx_poly_seq_scheme.pdb_strand_id 
_pdbx_poly_seq_scheme.pdb_ins_code 
_pdbx_poly_seq_scheme.hetero 
A 1 1  GTP 1  1  1  GTP GTP A . n 
A 1 2  G   2  2  2  G   G   A . n 
A 1 3  G   3  3  3  G   G   A . n 
A 1 4  U   4  4  4  U   U   A . n 
A 1 5  G   5  5  5  G   G   A . n 
A 1 6  U   6  6  6  U   U   A . n 
A 1 7  G   7  7  7  G   G   A . n 
A 1 8  U   8  8  8  U   U   A . n 
A 1 9  A   9  9  9  A   A   A . n 
A 1 10 C   10 10 10 C   C   A . n 
A 1 11 C   11 11 11 C   C   A . n 
A 1 12 G   12 12 12 G   G   A . n 
A 1 13 U   13 13 13 U   U   A . n 
A 1 14 U   14 14 14 U   U   A . n 
A 1 15 C   15 15 15 C   C   A . n 
A 1 16 A   16 16 16 A   A   A . n 
A 1 17 A   17 17 17 A   A   A . n 
A 1 18 C   18 18 18 C   C   A . n 
A 1 19 U   19 19 19 U   U   A . n 
A 1 20 C   20 20 20 C   C   A . n 
A 1 21 G   21 21 21 G   G   A . n 
A 1 22 U   22 22 22 U   U   A . n 
A 1 23 C   23 23 23 C   C   A . n 
A 1 24 C   24 24 24 C   C   A . n 
A 1 25 C   25 25 25 C   C   A . n 
A 1 26 A   26 26 26 A   A   A . n 
A 1 27 G   27 27 27 G   G   A . n 
A 1 28 C   28 28 28 C   C   A . n 
A 1 29 U   29 29 29 U   U   A . n 
A 1 30 U   30 30 30 U   U   A . n 
A 1 31 C   31 31 31 C   C   A . n 
A 1 32 G   32 32 32 G   G   A . n 
A 1 33 A   33 33 33 A   A   A . n 
A 1 34 C   34 34 34 C   C   A . n 
A 1 35 U   35 35 35 U   U   A . n 
A 1 36 G   36 36 36 G   G   A . n 
A 1 37 G   37 37 37 G   G   A . n 
A 1 38 G   38 38 38 G   G   A . n 
A 1 39 A   39 39 39 A   A   A . n 
A 1 40 C   40 40 40 C   C   A . n 
A 1 41 U   41 41 41 U   U   A . n 
A 1 42 A   42 42 42 A   A   A . n 
A 1 43 C   43 43 43 C   C   A . n 
A 1 44 G   44 44 44 G   G   A . n 
A 1 45 G   45 45 45 G   G   A . n 
A 1 46 G   46 46 46 G   G   A . n 
A 1 47 A   47 47 47 A   A   A . n 
A 1 48 G   48 48 48 G   G   A . n 
A 1 49 C   49 49 49 C   C   A . n 
A 1 50 G   50 50 50 G   G   A . n 
A 1 51 C   51 51 51 C   C   A . n 
A 1 52 C   52 52 52 C   C   A . n 
A 1 53 U   53 53 53 U   U   A . n 
# 
loop_
_pdbx_nonpoly_scheme.asym_id 
_pdbx_nonpoly_scheme.entity_id 
_pdbx_nonpoly_scheme.mon_id 
_pdbx_nonpoly_scheme.ndb_seq_num 
_pdbx_nonpoly_scheme.pdb_seq_num 
_pdbx_nonpoly_scheme.auth_seq_num 
_pdbx_nonpoly_scheme.pdb_mon_id 
_pdbx_nonpoly_scheme.auth_mon_id 
_pdbx_nonpoly_scheme.pdb_strand_id 
_pdbx_nonpoly_scheme.pdb_ins_code 
B 2 MG    1  101 1   MG    MG  A . 
C 2 MG    1  102 2   MG    MG  A . 
D 2 MG    1  103 3   MG    MG  A . 
E 2 MG    1  104 4   MG    MG  A . 
F 2 MG    1  105 5   MG    MG  A . 
G 3 A1LXN 1  106 101 A1LXN LIG A . 
H 4 SPM   1  107 201 SPM   SPM A . 
I 5 HOH   1  201 11  HOH   HOH A . 
I 5 HOH   2  202 12  HOH   HOH A . 
I 5 HOH   3  203 19  HOH   HOH A . 
I 5 HOH   4  204 20  HOH   HOH A . 
I 5 HOH   5  205 4   HOH   HOH A . 
I 5 HOH   6  206 31  HOH   HOH A . 
I 5 HOH   7  207 30  HOH   HOH A . 
I 5 HOH   8  208 23  HOH   HOH A . 
I 5 HOH   9  209 7   HOH   HOH A . 
I 5 HOH   10 210 14  HOH   HOH A . 
I 5 HOH   11 211 21  HOH   HOH A . 
I 5 HOH   12 212 28  HOH   HOH A . 
I 5 HOH   13 213 10  HOH   HOH A . 
I 5 HOH   14 214 16  HOH   HOH A . 
I 5 HOH   15 215 8   HOH   HOH A . 
I 5 HOH   16 216 17  HOH   HOH A . 
I 5 HOH   17 217 25  HOH   HOH A . 
I 5 HOH   18 218 5   HOH   HOH A . 
I 5 HOH   19 219 9   HOH   HOH A . 
I 5 HOH   20 220 13  HOH   HOH A . 
I 5 HOH   21 221 15  HOH   HOH A . 
I 5 HOH   22 222 32  HOH   HOH A . 
I 5 HOH   23 223 27  HOH   HOH A . 
I 5 HOH   24 224 3   HOH   HOH A . 
I 5 HOH   25 225 1   HOH   HOH A . 
I 5 HOH   26 226 6   HOH   HOH A . 
I 5 HOH   27 227 18  HOH   HOH A . 
I 5 HOH   28 228 29  HOH   HOH A . 
I 5 HOH   29 229 26  HOH   HOH A . 
I 5 HOH   30 230 2   HOH   HOH A . 
I 5 HOH   31 231 22  HOH   HOH A . 
I 5 HOH   32 232 24  HOH   HOH A . 
# 
loop_
_software.citation_id 
_software.classification 
_software.compiler_name 
_software.compiler_version 
_software.contact_author 
_software.contact_author_email 
_software.date 
_software.description 
_software.dependencies 
_software.hardware 
_software.language 
_software.location 
_software.mods 
_software.name 
_software.os 
_software.os_version 
_software.type 
_software.version 
_software.pdbx_ordinal 
? refinement       ? ? ? ? ? ? ? ? ? ? ? PHENIX   ? ? ? '(1.18.2_3874: ???)' 1 
? 'data scaling'   ? ? ? ? ? ? ? ? ? ? ? HKL-3000 ? ? ? .                    2 
? 'data reduction' ? ? ? ? ? ? ? ? ? ? ? HKL-3000 ? ? ? .                    3 
? phasing          ? ? ? ? ? ? ? ? ? ? ? PHASER   ? ? ? .                    4 
# 
_cell.angle_alpha                  90.00 
_cell.angle_alpha_esd              ? 
_cell.angle_beta                   90.00 
_cell.angle_beta_esd               ? 
_cell.angle_gamma                  90.00 
_cell.angle_gamma_esd              ? 
_cell.entry_id                     8XZP 
_cell.details                      ? 
_cell.formula_units_Z              ? 
_cell.length_a                     49.531 
_cell.length_a_esd                 ? 
_cell.length_b                     58.085 
_cell.length_b_esd                 ? 
_cell.length_c                     61.778 
_cell.length_c_esd                 ? 
_cell.volume                       ? 
_cell.volume_esd                   ? 
_cell.Z_PDB                        4 
_cell.reciprocal_angle_alpha       ? 
_cell.reciprocal_angle_beta        ? 
_cell.reciprocal_angle_gamma       ? 
_cell.reciprocal_angle_alpha_esd   ? 
_cell.reciprocal_angle_beta_esd    ? 
_cell.reciprocal_angle_gamma_esd   ? 
_cell.reciprocal_length_a          ? 
_cell.reciprocal_length_b          ? 
_cell.reciprocal_length_c          ? 
_cell.reciprocal_length_a_esd      ? 
_cell.reciprocal_length_b_esd      ? 
_cell.reciprocal_length_c_esd      ? 
_cell.pdbx_unique_axis             ? 
_cell.pdbx_esd_method              ? 
# 
_symmetry.entry_id                         8XZP 
_symmetry.cell_setting                     ? 
_symmetry.Int_Tables_number                19 
_symmetry.space_group_name_Hall            ? 
_symmetry.space_group_name_H-M             'P 21 21 21' 
_symmetry.pdbx_full_space_group_name_H-M   ? 
# 
_exptl.absorpt_coefficient_mu     ? 
_exptl.absorpt_correction_T_max   ? 
_exptl.absorpt_correction_T_min   ? 
_exptl.absorpt_correction_type    ? 
_exptl.absorpt_process_details    ? 
_exptl.entry_id                   8XZP 
_exptl.crystals_number            1 
_exptl.details                    ? 
_exptl.method                     'X-RAY DIFFRACTION' 
_exptl.method_details             ? 
# 
_exptl_crystal.colour                       ? 
_exptl_crystal.density_diffrn               ? 
_exptl_crystal.density_Matthews             2.67 
_exptl_crystal.density_method               ? 
_exptl_crystal.density_percent_sol          53.86 
_exptl_crystal.description                  ? 
_exptl_crystal.F_000                        ? 
_exptl_crystal.id                           1 
_exptl_crystal.preparation                  ? 
_exptl_crystal.size_max                     ? 
_exptl_crystal.size_mid                     ? 
_exptl_crystal.size_min                     ? 
_exptl_crystal.size_rad                     ? 
_exptl_crystal.colour_lustre                ? 
_exptl_crystal.colour_modifier              ? 
_exptl_crystal.colour_primary               ? 
_exptl_crystal.density_meas                 ? 
_exptl_crystal.density_meas_esd             ? 
_exptl_crystal.density_meas_gt              ? 
_exptl_crystal.density_meas_lt              ? 
_exptl_crystal.density_meas_temp            ? 
_exptl_crystal.density_meas_temp_esd        ? 
_exptl_crystal.density_meas_temp_gt         ? 
_exptl_crystal.density_meas_temp_lt         ? 
_exptl_crystal.pdbx_crystal_image_url       ? 
_exptl_crystal.pdbx_crystal_image_format    ? 
_exptl_crystal.pdbx_mosaicity               ? 
_exptl_crystal.pdbx_mosaicity_esd           ? 
_exptl_crystal.pdbx_mosaic_method           ? 
_exptl_crystal.pdbx_mosaic_block_size       ? 
_exptl_crystal.pdbx_mosaic_block_size_esd   ? 
# 
_exptl_crystal_grow.apparatus       ? 
_exptl_crystal_grow.atmosphere      ? 
_exptl_crystal_grow.crystal_id      1 
_exptl_crystal_grow.details         ? 
_exptl_crystal_grow.method          'VAPOR DIFFUSION, SITTING DROP' 
_exptl_crystal_grow.method_ref      ? 
_exptl_crystal_grow.pH              ? 
_exptl_crystal_grow.pressure        ? 
_exptl_crystal_grow.pressure_esd    ? 
_exptl_crystal_grow.seeding         ? 
_exptl_crystal_grow.seeding_ref     ? 
_exptl_crystal_grow.temp_details    ? 
_exptl_crystal_grow.temp_esd        ? 
_exptl_crystal_grow.time            ? 
_exptl_crystal_grow.pdbx_details    
'0.08 M Sodium chloride, 0.04 M Sodium cacodylate trihydrate pH 7.0, 30% v/v MPD, 0.012 M Spermine tetrahydrochloride' 
_exptl_crystal_grow.pdbx_pH_range   ? 
_exptl_crystal_grow.temp            289 
# 
_diffrn.ambient_environment              ? 
_diffrn.ambient_temp                     100 
_diffrn.ambient_temp_details             ? 
_diffrn.ambient_temp_esd                 ? 
_diffrn.crystal_id                       1 
_diffrn.crystal_support                  ? 
_diffrn.crystal_treatment                ? 
_diffrn.details                          ? 
_diffrn.id                               1 
_diffrn.ambient_pressure                 ? 
_diffrn.ambient_pressure_esd             ? 
_diffrn.ambient_pressure_gt              ? 
_diffrn.ambient_pressure_lt              ? 
_diffrn.ambient_temp_gt                  ? 
_diffrn.ambient_temp_lt                  ? 
_diffrn.pdbx_serial_crystal_experiment   N 
# 
_diffrn_detector.details                      ? 
_diffrn_detector.detector                     PIXEL 
_diffrn_detector.diffrn_id                    1 
_diffrn_detector.type                         'DECTRIS PILATUS 6M' 
_diffrn_detector.area_resol_mean              ? 
_diffrn_detector.dtime                        ? 
_diffrn_detector.pdbx_frames_total            ? 
_diffrn_detector.pdbx_collection_time_total   ? 
_diffrn_detector.pdbx_collection_date         2022-09-03 
_diffrn_detector.pdbx_frequency               ? 
_diffrn_detector.id                           ? 
_diffrn_detector.number_of_axes               ? 
# 
_diffrn_radiation.collimation                      ? 
_diffrn_radiation.diffrn_id                        1 
_diffrn_radiation.filter_edge                      ? 
_diffrn_radiation.inhomogeneity                    ? 
_diffrn_radiation.monochromator                    ? 
_diffrn_radiation.polarisn_norm                    ? 
_diffrn_radiation.polarisn_ratio                   ? 
_diffrn_radiation.probe                            ? 
_diffrn_radiation.type                             ? 
_diffrn_radiation.xray_symbol                      ? 
_diffrn_radiation.wavelength_id                    1 
_diffrn_radiation.pdbx_monochromatic_or_laue_m_l   M 
_diffrn_radiation.pdbx_wavelength_list             ? 
_diffrn_radiation.pdbx_wavelength                  ? 
_diffrn_radiation.pdbx_diffrn_protocol             'SINGLE WAVELENGTH' 
_diffrn_radiation.pdbx_analyzer                    ? 
_diffrn_radiation.pdbx_scattering_type             x-ray 
# 
_diffrn_radiation_wavelength.id           1 
_diffrn_radiation_wavelength.wavelength   0.97853 
_diffrn_radiation_wavelength.wt           1.0 
# 
_diffrn_source.current                     ? 
_diffrn_source.details                     ? 
_diffrn_source.diffrn_id                   1 
_diffrn_source.power                       ? 
_diffrn_source.size                        ? 
_diffrn_source.source                      SYNCHROTRON 
_diffrn_source.target                      ? 
_diffrn_source.type                        'SSRF BEAMLINE BL19U1' 
_diffrn_source.voltage                     ? 
_diffrn_source.take-off_angle              ? 
_diffrn_source.pdbx_wavelength_list        0.97853 
_diffrn_source.pdbx_wavelength             ? 
_diffrn_source.pdbx_synchrotron_beamline   BL19U1 
_diffrn_source.pdbx_synchrotron_site       SSRF 
# 
_reflns.B_iso_Wilson_estimate                          ? 
_reflns.entry_id                                       8XZP 
_reflns.data_reduction_details                         ? 
_reflns.data_reduction_method                          ? 
_reflns.d_resolution_high                              2.18 
_reflns.d_resolution_low                               50.00 
_reflns.details                                        ? 
_reflns.limit_h_max                                    ? 
_reflns.limit_h_min                                    ? 
_reflns.limit_k_max                                    ? 
_reflns.limit_k_min                                    ? 
_reflns.limit_l_max                                    ? 
_reflns.limit_l_min                                    ? 
_reflns.number_all                                     ? 
_reflns.number_obs                                     9713 
_reflns.observed_criterion                             ? 
_reflns.observed_criterion_F_max                       ? 
_reflns.observed_criterion_F_min                       ? 
_reflns.observed_criterion_I_max                       ? 
_reflns.observed_criterion_I_min                       ? 
_reflns.observed_criterion_sigma_F                     ? 
_reflns.observed_criterion_sigma_I                     ? 
_reflns.percent_possible_obs                           99.9 
_reflns.R_free_details                                 ? 
_reflns.Rmerge_F_all                                   ? 
_reflns.Rmerge_F_obs                                   ? 
_reflns.Friedel_coverage                               ? 
_reflns.number_gt                                      ? 
_reflns.threshold_expression                           ? 
_reflns.pdbx_redundancy                                12.5 
_reflns.pdbx_netI_over_av_sigmaI                       ? 
_reflns.pdbx_netI_over_sigmaI                          6.1 
_reflns.pdbx_res_netI_over_av_sigmaI_2                 ? 
_reflns.pdbx_res_netI_over_sigmaI_2                    ? 
_reflns.pdbx_chi_squared                               1.117 
_reflns.pdbx_scaling_rejects                           ? 
_reflns.pdbx_d_res_high_opt                            ? 
_reflns.pdbx_d_res_low_opt                             ? 
_reflns.pdbx_d_res_opt_method                          ? 
_reflns.phase_calculation_details                      ? 
_reflns.pdbx_Rrim_I_all                                0.099 
_reflns.pdbx_Rpim_I_all                                0.028 
_reflns.pdbx_d_opt                                     ? 
_reflns.pdbx_number_measured_all                       ? 
_reflns.pdbx_diffrn_id                                 1 
_reflns.pdbx_ordinal                                   1 
_reflns.pdbx_CC_half                                   0.985 
_reflns.pdbx_CC_star                                   0.996 
_reflns.pdbx_R_split                                   ? 
_reflns.pdbx_Rmerge_I_obs                              0.094 
_reflns.pdbx_Rmerge_I_all                              ? 
_reflns.pdbx_Rsym_value                                ? 
_reflns.pdbx_CC_split_method                           ? 
_reflns.pdbx_aniso_diffraction_limit_axis_1_ortho[1]   ? 
_reflns.pdbx_aniso_diffraction_limit_axis_1_ortho[2]   ? 
_reflns.pdbx_aniso_diffraction_limit_axis_1_ortho[3]   ? 
_reflns.pdbx_aniso_diffraction_limit_axis_2_ortho[1]   ? 
_reflns.pdbx_aniso_diffraction_limit_axis_2_ortho[2]   ? 
_reflns.pdbx_aniso_diffraction_limit_axis_2_ortho[3]   ? 
_reflns.pdbx_aniso_diffraction_limit_axis_3_ortho[1]   ? 
_reflns.pdbx_aniso_diffraction_limit_axis_3_ortho[2]   ? 
_reflns.pdbx_aniso_diffraction_limit_axis_3_ortho[3]   ? 
_reflns.pdbx_aniso_diffraction_limit_1                 ? 
_reflns.pdbx_aniso_diffraction_limit_2                 ? 
_reflns.pdbx_aniso_diffraction_limit_3                 ? 
_reflns.pdbx_aniso_B_tensor_eigenvector_1_ortho[1]     ? 
_reflns.pdbx_aniso_B_tensor_eigenvector_1_ortho[2]     ? 
_reflns.pdbx_aniso_B_tensor_eigenvector_1_ortho[3]     ? 
_reflns.pdbx_aniso_B_tensor_eigenvector_2_ortho[1]     ? 
_reflns.pdbx_aniso_B_tensor_eigenvector_2_ortho[2]     ? 
_reflns.pdbx_aniso_B_tensor_eigenvector_2_ortho[3]     ? 
_reflns.pdbx_aniso_B_tensor_eigenvector_3_ortho[1]     ? 
_reflns.pdbx_aniso_B_tensor_eigenvector_3_ortho[2]     ? 
_reflns.pdbx_aniso_B_tensor_eigenvector_3_ortho[3]     ? 
_reflns.pdbx_aniso_B_tensor_eigenvalue_1               ? 
_reflns.pdbx_aniso_B_tensor_eigenvalue_2               ? 
_reflns.pdbx_aniso_B_tensor_eigenvalue_3               ? 
_reflns.pdbx_orthogonalization_convention              ? 
_reflns.pdbx_percent_possible_ellipsoidal              ? 
_reflns.pdbx_percent_possible_spherical                ? 
_reflns.pdbx_percent_possible_ellipsoidal_anomalous    ? 
_reflns.pdbx_percent_possible_spherical_anomalous      ? 
_reflns.pdbx_redundancy_anomalous                      ? 
_reflns.pdbx_CC_half_anomalous                         ? 
_reflns.pdbx_absDiff_over_sigma_anomalous              ? 
_reflns.pdbx_percent_possible_anomalous                ? 
_reflns.pdbx_observed_signal_threshold                 ? 
_reflns.pdbx_signal_type                               ? 
_reflns.pdbx_signal_details                            ? 
_reflns.pdbx_signal_software_id                        ? 
# 
loop_
_reflns_shell.d_res_high 
_reflns_shell.d_res_low 
_reflns_shell.meanI_over_sigI_all 
_reflns_shell.meanI_over_sigI_obs 
_reflns_shell.number_measured_all 
_reflns_shell.number_measured_obs 
_reflns_shell.number_possible 
_reflns_shell.number_unique_all 
_reflns_shell.number_unique_obs 
_reflns_shell.percent_possible_obs 
_reflns_shell.Rmerge_F_all 
_reflns_shell.Rmerge_F_obs 
_reflns_shell.meanI_over_sigI_gt 
_reflns_shell.meanI_over_uI_all 
_reflns_shell.meanI_over_uI_gt 
_reflns_shell.number_measured_gt 
_reflns_shell.number_unique_gt 
_reflns_shell.percent_possible_gt 
_reflns_shell.Rmerge_F_gt 
_reflns_shell.Rmerge_I_gt 
_reflns_shell.pdbx_redundancy 
_reflns_shell.pdbx_chi_squared 
_reflns_shell.pdbx_netI_over_sigmaI_all 
_reflns_shell.pdbx_netI_over_sigmaI_obs 
_reflns_shell.pdbx_Rrim_I_all 
_reflns_shell.pdbx_Rpim_I_all 
_reflns_shell.pdbx_rejects 
_reflns_shell.pdbx_ordinal 
_reflns_shell.pdbx_diffrn_id 
_reflns_shell.pdbx_CC_half 
_reflns_shell.pdbx_CC_star 
_reflns_shell.pdbx_R_split 
_reflns_shell.percent_possible_all 
_reflns_shell.Rmerge_I_all 
_reflns_shell.Rmerge_I_obs 
_reflns_shell.pdbx_Rsym_value 
_reflns_shell.pdbx_percent_possible_ellipsoidal 
_reflns_shell.pdbx_percent_possible_spherical 
_reflns_shell.pdbx_percent_possible_ellipsoidal_anomalous 
_reflns_shell.pdbx_percent_possible_spherical_anomalous 
_reflns_shell.pdbx_redundancy_anomalous 
_reflns_shell.pdbx_CC_half_anomalous 
_reflns_shell.pdbx_absDiff_over_sigma_anomalous 
_reflns_shell.pdbx_percent_possible_anomalous 
2.19 2.23  ? ? ? ? ? ? 468 ? ? ? ? ? ? ? ? ? ? ? 13.0 0.468 ? ? 0.933 0.256 ? 1  1 0.856 0.961 ? 100.0 ? 0.897 ? ? ? ? ? ? ? ? ? 
2.23 2.27  ? ? ? ? ? ? 472 ? ? ? ? ? ? ? ? ? ? ? 12.4 1.000 ? ? 1.039 0.294 ? 2  1 0.750 0.926 ? 100.0 ? 0.996 ? ? ? ? ? ? ? ? ? 
2.27 2.31  ? ? ? ? ? ? 472 ? ? ? ? ? ? ? ? ? ? ? 12.1 0.478 ? ? 0.828 0.237 ? 3  1 0.923 0.980 ? 100.0 ? 0.793 ? ? ? ? ? ? ? ? ? 
2.31 2.36  ? ? ? ? ? ? 477 ? ? ? ? ? ? ? ? ? ? ? 12.3 0.507 ? ? 0.655 0.185 ? 4  1 0.912 0.977 ? 100.0 ? 0.628 ? ? ? ? ? ? ? ? ? 
2.36 2.41  ? ? ? ? ? ? 472 ? ? ? ? ? ? ? ? ? ? ? 13.0 0.523 ? ? 0.573 0.157 ? 5  1 0.924 0.980 ? 100.0 ? 0.551 ? ? ? ? ? ? ? ? ? 
2.41 2.47  ? ? ? ? ? ? 485 ? ? ? ? ? ? ? ? ? ? ? 13.1 0.538 ? ? 0.476 0.130 ? 6  1 0.958 0.989 ? 100.0 ? 0.457 ? ? ? ? ? ? ? ? ? 
2.47 2.53  ? ? ? ? ? ? 468 ? ? ? ? ? ? ? ? ? ? ? 12.9 0.596 ? ? 0.433 0.120 ? 7  1 0.958 0.989 ? 100.0 ? 0.416 ? ? ? ? ? ? ? ? ? 
2.53 2.60  ? ? ? ? ? ? 489 ? ? ? ? ? ? ? ? ? ? ? 12.3 0.613 ? ? 0.365 0.104 ? 8  1 0.975 0.994 ? 100.0 ? 0.350 ? ? ? ? ? ? ? ? ? 
2.60 2.67  ? ? ? ? ? ? 468 ? ? ? ? ? ? ? ? ? ? ? 13.0 0.887 ? ? 0.291 0.080 ? 9  1 0.977 0.994 ? 100.0 ? 0.279 ? ? ? ? ? ? ? ? ? 
2.67 2.76  ? ? ? ? ? ? 486 ? ? ? ? ? ? ? ? ? ? ? 13.2 0.905 ? ? 0.264 0.073 ? 10 1 0.977 0.994 ? 100.0 ? 0.254 ? ? ? ? ? ? ? ? ? 
2.76 2.86  ? ? ? ? ? ? 472 ? ? ? ? ? ? ? ? ? ? ? 13.2 0.905 ? ? 0.203 0.055 ? 11 1 0.987 0.997 ? 100.0 ? 0.195 ? ? ? ? ? ? ? ? ? 
2.86 2.97  ? ? ? ? ? ? 488 ? ? ? ? ? ? ? ? ? ? ? 12.8 1.061 ? ? 0.166 0.046 ? 12 1 0.993 0.998 ? 100.0 ? 0.159 ? ? ? ? ? ? ? ? ? 
2.97 3.11  ? ? ? ? ? ? 484 ? ? ? ? ? ? ? ? ? ? ? 11.9 1.466 ? ? 0.130 0.038 ? 13 1 0.993 0.998 ? 100.0 ? 0.125 ? ? ? ? ? ? ? ? ? 
3.11 3.27  ? ? ? ? ? ? 490 ? ? ? ? ? ? ? ? ? ? ? 13.1 1.736 ? ? 0.108 0.031 ? 14 1 0.997 0.999 ? 100.0 ? 0.104 ? ? ? ? ? ? ? ? ? 
3.27 3.48  ? ? ? ? ? ? 478 ? ? ? ? ? ? ? ? ? ? ? 12.7 2.040 ? ? 0.103 0.029 ? 15 1 0.997 0.999 ? 100.0 ? 0.098 ? ? ? ? ? ? ? ? ? 
3.48 3.74  ? ? ? ? ? ? 489 ? ? ? ? ? ? ? ? ? ? ? 12.1 2.128 ? ? 0.094 0.027 ? 16 1 0.997 0.999 ? 100.0 ? 0.090 ? ? ? ? ? ? ? ? ? 
3.74 4.12  ? ? ? ? ? ? 501 ? ? ? ? ? ? ? ? ? ? ? 12.9 1.957 ? ? 0.081 0.022 ? 17 1 0.998 0.999 ? 100.0 ? 0.078 ? ? ? ? ? ? ? ? ? 
4.12 4.72  ? ? ? ? ? ? 495 ? ? ? ? ? ? ? ? ? ? ? 12.1 1.710 ? ? 0.072 0.020 ? 18 1 0.997 0.999 ? 99.6  ? 0.069 ? ? ? ? ? ? ? ? ? 
4.72 5.94  ? ? ? ? ? ? 507 ? ? ? ? ? ? ? ? ? ? ? 12.0 1.411 ? ? 0.061 0.018 ? 19 1 0.996 0.999 ? 99.8  ? 0.059 ? ? ? ? ? ? ? ? ? 
5.94 50.00 ? ? ? ? ? ? 552 ? ? ? ? ? ? ? ? ? ? ? 10.9 1.366 ? ? 0.059 0.018 ? 20 1 0.997 0.999 ? 98.7  ? 0.056 ? ? ? ? ? ? ? ? ? 
# 
_refine.aniso_B[1][1]                            ? 
_refine.aniso_B[1][2]                            ? 
_refine.aniso_B[1][3]                            ? 
_refine.aniso_B[2][2]                            ? 
_refine.aniso_B[2][3]                            ? 
_refine.aniso_B[3][3]                            ? 
_refine.B_iso_max                                ? 
_refine.B_iso_mean                               ? 
_refine.B_iso_min                                ? 
_refine.correlation_coeff_Fo_to_Fc               ? 
_refine.correlation_coeff_Fo_to_Fc_free          ? 
_refine.details                                  ? 
_refine.diff_density_max                         ? 
_refine.diff_density_max_esd                     ? 
_refine.diff_density_min                         ? 
_refine.diff_density_min_esd                     ? 
_refine.diff_density_rms                         ? 
_refine.diff_density_rms_esd                     ? 
_refine.entry_id                                 8XZP 
_refine.pdbx_refine_id                           'X-RAY DIFFRACTION' 
_refine.ls_abs_structure_details                 ? 
_refine.ls_abs_structure_Flack                   ? 
_refine.ls_abs_structure_Flack_esd               ? 
_refine.ls_abs_structure_Rogers                  ? 
_refine.ls_abs_structure_Rogers_esd              ? 
_refine.ls_d_res_high                            2.18 
_refine.ls_d_res_low                             25.05 
_refine.ls_extinction_coef                       ? 
_refine.ls_extinction_coef_esd                   ? 
_refine.ls_extinction_expression                 ? 
_refine.ls_extinction_method                     ? 
_refine.ls_goodness_of_fit_all                   ? 
_refine.ls_goodness_of_fit_all_esd               ? 
_refine.ls_goodness_of_fit_obs                   ? 
_refine.ls_goodness_of_fit_obs_esd               ? 
_refine.ls_hydrogen_treatment                    ? 
_refine.ls_matrix_type                           ? 
_refine.ls_number_constraints                    ? 
_refine.ls_number_parameters                     ? 
_refine.ls_number_reflns_all                     ? 
_refine.ls_number_reflns_obs                     9658 
_refine.ls_number_reflns_R_free                  431 
_refine.ls_number_reflns_R_work                  ? 
_refine.ls_number_restraints                     ? 
_refine.ls_percent_reflns_obs                    99.33 
_refine.ls_percent_reflns_R_free                 4.46 
_refine.ls_R_factor_all                          ? 
_refine.ls_R_factor_obs                          0.2078 
_refine.ls_R_factor_R_free                       0.2176 
_refine.ls_R_factor_R_free_error                 ? 
_refine.ls_R_factor_R_free_error_details         ? 
_refine.ls_R_factor_R_work                       0.2073 
_refine.ls_R_Fsqd_factor_obs                     ? 
_refine.ls_R_I_factor_obs                        ? 
_refine.ls_redundancy_reflns_all                 ? 
_refine.ls_redundancy_reflns_obs                 ? 
_refine.ls_restrained_S_all                      ? 
_refine.ls_restrained_S_obs                      ? 
_refine.ls_shift_over_esd_max                    ? 
_refine.ls_shift_over_esd_mean                   ? 
_refine.ls_structure_factor_coef                 ? 
_refine.ls_weighting_details                     ? 
_refine.ls_weighting_scheme                      ? 
_refine.ls_wR_factor_all                         ? 
_refine.ls_wR_factor_obs                         ? 
_refine.ls_wR_factor_R_free                      ? 
_refine.ls_wR_factor_R_work                      ? 
_refine.occupancy_max                            ? 
_refine.occupancy_min                            ? 
_refine.solvent_model_details                    'FLAT BULK SOLVENT MODEL' 
_refine.solvent_model_param_bsol                 ? 
_refine.solvent_model_param_ksol                 ? 
_refine.pdbx_R_complete                          ? 
_refine.ls_R_factor_gt                           ? 
_refine.ls_goodness_of_fit_gt                    ? 
_refine.ls_goodness_of_fit_ref                   ? 
_refine.ls_shift_over_su_max                     ? 
_refine.ls_shift_over_su_max_lt                  ? 
_refine.ls_shift_over_su_mean                    ? 
_refine.ls_shift_over_su_mean_lt                 ? 
_refine.pdbx_ls_sigma_I                          ? 
_refine.pdbx_ls_sigma_F                          1.36 
_refine.pdbx_ls_sigma_Fsqd                       ? 
_refine.pdbx_data_cutoff_high_absF               ? 
_refine.pdbx_data_cutoff_high_rms_absF           ? 
_refine.pdbx_data_cutoff_low_absF                ? 
_refine.pdbx_isotropic_thermal_model             ? 
_refine.pdbx_ls_cross_valid_method               THROUGHOUT 
_refine.pdbx_method_to_determine_struct          'MOLECULAR REPLACEMENT' 
_refine.pdbx_starting_model                      ? 
_refine.pdbx_stereochemistry_target_values       ML 
_refine.pdbx_R_Free_selection_details            ? 
_refine.pdbx_stereochem_target_val_spec_case     ? 
_refine.pdbx_overall_ESU_R                       ? 
_refine.pdbx_overall_ESU_R_Free                  ? 
_refine.pdbx_solvent_vdw_probe_radii             1.11 
_refine.pdbx_solvent_ion_probe_radii             ? 
_refine.pdbx_solvent_shrinkage_radii             0.90 
_refine.pdbx_real_space_R                        ? 
_refine.pdbx_density_correlation                 ? 
_refine.pdbx_pd_number_of_powder_patterns        ? 
_refine.pdbx_pd_number_of_points                 ? 
_refine.pdbx_pd_meas_number_of_points            ? 
_refine.pdbx_pd_proc_ls_prof_R_factor            ? 
_refine.pdbx_pd_proc_ls_prof_wR_factor           ? 
_refine.pdbx_pd_Marquardt_correlation_coeff      ? 
_refine.pdbx_pd_Fsqrd_R_factor                   ? 
_refine.pdbx_pd_ls_matrix_band_width             ? 
_refine.pdbx_overall_phase_error                 27.72 
_refine.pdbx_overall_SU_R_free_Cruickshank_DPI   ? 
_refine.pdbx_overall_SU_R_free_Blow_DPI          ? 
_refine.pdbx_overall_SU_R_Blow_DPI               ? 
_refine.pdbx_TLS_residual_ADP_flag               ? 
_refine.pdbx_diffrn_id                           1 
_refine.overall_SU_B                             ? 
_refine.overall_SU_ML                            0.25 
_refine.overall_SU_R_Cruickshank_DPI             ? 
_refine.overall_SU_R_free                        ? 
_refine.overall_FOM_free_R_set                   ? 
_refine.overall_FOM_work_R_set                   ? 
_refine.pdbx_average_fsc_overall                 ? 
_refine.pdbx_average_fsc_work                    ? 
_refine.pdbx_average_fsc_free                    ? 
# 
_refine_hist.pdbx_refine_id                   'X-RAY DIFFRACTION' 
_refine_hist.cycle_id                         LAST 
_refine_hist.details                          ? 
_refine_hist.d_res_high                       2.18 
_refine_hist.d_res_low                        25.05 
_refine_hist.number_atoms_solvent             32 
_refine_hist.number_atoms_total               1199 
_refine_hist.number_reflns_all                ? 
_refine_hist.number_reflns_obs                ? 
_refine_hist.number_reflns_R_free             ? 
_refine_hist.number_reflns_R_work             ? 
_refine_hist.R_factor_all                     ? 
_refine_hist.R_factor_obs                     ? 
_refine_hist.R_factor_R_free                  ? 
_refine_hist.R_factor_R_work                  ? 
_refine_hist.pdbx_number_residues_total       ? 
_refine_hist.pdbx_B_iso_mean_ligand           ? 
_refine_hist.pdbx_B_iso_mean_solvent          ? 
_refine_hist.pdbx_number_atoms_protein        0 
_refine_hist.pdbx_number_atoms_nucleic_acid   1136 
_refine_hist.pdbx_number_atoms_ligand         31 
_refine_hist.pdbx_number_atoms_lipid          ? 
_refine_hist.pdbx_number_atoms_carb           ? 
_refine_hist.pdbx_pseudo_atom_details         ? 
# 
loop_
_refine_ls_restr.pdbx_refine_id 
_refine_ls_restr.criterion 
_refine_ls_restr.dev_ideal 
_refine_ls_restr.dev_ideal_target 
_refine_ls_restr.number 
_refine_ls_restr.rejects 
_refine_ls_restr.type 
_refine_ls_restr.weight 
_refine_ls_restr.pdbx_restraint_function 
'X-RAY DIFFRACTION' ? 0.005  ? 1291 ? f_bond_d           ? ? 
'X-RAY DIFFRACTION' ? 1.043  ? 2001 ? f_angle_d          ? ? 
'X-RAY DIFFRACTION' ? 16.037 ? 646  ? f_dihedral_angle_d ? ? 
'X-RAY DIFFRACTION' ? 0.041  ? 264  ? f_chiral_restr     ? ? 
'X-RAY DIFFRACTION' ? 0.006  ? 54   ? f_plane_restr      ? ? 
# 
loop_
_refine_ls_shell.pdbx_refine_id 
_refine_ls_shell.d_res_high 
_refine_ls_shell.d_res_low 
_refine_ls_shell.number_reflns_all 
_refine_ls_shell.number_reflns_obs 
_refine_ls_shell.number_reflns_R_free 
_refine_ls_shell.number_reflns_R_work 
_refine_ls_shell.percent_reflns_obs 
_refine_ls_shell.percent_reflns_R_free 
_refine_ls_shell.R_factor_all 
_refine_ls_shell.R_factor_obs 
_refine_ls_shell.R_factor_R_free_error 
_refine_ls_shell.R_factor_R_work 
_refine_ls_shell.redundancy_reflns_all 
_refine_ls_shell.redundancy_reflns_obs 
_refine_ls_shell.wR_factor_all 
_refine_ls_shell.wR_factor_obs 
_refine_ls_shell.wR_factor_R_free 
_refine_ls_shell.wR_factor_R_work 
_refine_ls_shell.pdbx_R_complete 
_refine_ls_shell.pdbx_total_number_of_bins_used 
_refine_ls_shell.pdbx_phase_error 
_refine_ls_shell.pdbx_fsc_work 
_refine_ls_shell.pdbx_fsc_free 
_refine_ls_shell.R_factor_R_free 
'X-RAY DIFFRACTION' 2.18 2.50  . . 137 2986 99.00  . . . . 0.2840 . . . . . . . . . . . 0.3522 
'X-RAY DIFFRACTION' 2.50 3.14  . . 152 3049 100.00 . . . . 0.2864 . . . . . . . . . . . 0.3075 
'X-RAY DIFFRACTION' 3.14 25.05 . . 142 3192 99.00  . . . . 0.1721 . . . . . . . . . . . 0.1693 
# 
_struct.entry_id                     8XZP 
_struct.title                        'Crystal structure of folE riboswitch with 8-CH3 Guanine' 
_struct.pdbx_model_details           ? 
_struct.pdbx_formula_weight          ? 
_struct.pdbx_formula_weight_method   ? 
_struct.pdbx_model_type_details      ? 
_struct.pdbx_CASP_flag               N 
# 
_struct_keywords.entry_id        8XZP 
_struct_keywords.text            'riboswitch, 8-CH3 Guanine, RNA' 
_struct_keywords.pdbx_keywords   RNA 
# 
loop_
_struct_asym.id 
_struct_asym.pdbx_blank_PDB_chainid_flag 
_struct_asym.pdbx_modified 
_struct_asym.entity_id 
_struct_asym.details 
A N N 1 ? 
B N N 2 ? 
C N N 2 ? 
D N N 2 ? 
E N N 2 ? 
F N N 2 ? 
G N N 3 ? 
H N N 4 ? 
I N N 5 ? 
# 
_struct_ref.id                         1 
_struct_ref.db_name                    PDB 
_struct_ref.db_code                    8XZP 
_struct_ref.pdbx_db_accession          8XZP 
_struct_ref.pdbx_db_isoform            ? 
_struct_ref.entity_id                  1 
_struct_ref.pdbx_seq_one_letter_code   ? 
_struct_ref.pdbx_align_begin           1 
# 
_struct_ref_seq.align_id                      1 
_struct_ref_seq.ref_id                        1 
_struct_ref_seq.pdbx_PDB_id_code              8XZP 
_struct_ref_seq.pdbx_strand_id                A 
_struct_ref_seq.seq_align_beg                 1 
_struct_ref_seq.pdbx_seq_align_beg_ins_code   ? 
_struct_ref_seq.seq_align_end                 53 
_struct_ref_seq.pdbx_seq_align_end_ins_code   ? 
_struct_ref_seq.pdbx_db_accession             8XZP 
_struct_ref_seq.db_align_beg                  1 
_struct_ref_seq.pdbx_db_align_beg_ins_code    ? 
_struct_ref_seq.db_align_end                  53 
_struct_ref_seq.pdbx_db_align_end_ins_code    ? 
_struct_ref_seq.pdbx_auth_seq_align_beg       1 
_struct_ref_seq.pdbx_auth_seq_align_end       53 
# 
_pdbx_struct_assembly.id                   1 
_pdbx_struct_assembly.details              author_defined_assembly 
_pdbx_struct_assembly.method_details       ? 
_pdbx_struct_assembly.oligomeric_details   monomeric 
_pdbx_struct_assembly.oligomeric_count     1 
# 
_pdbx_struct_assembly_gen.assembly_id       1 
_pdbx_struct_assembly_gen.oper_expression   1 
_pdbx_struct_assembly_gen.asym_id_list      A,B,C,D,E,F,G,H,I 
# 
_pdbx_struct_assembly_auth_evidence.id                     1 
_pdbx_struct_assembly_auth_evidence.assembly_id            1 
_pdbx_struct_assembly_auth_evidence.experimental_support   'isothermal titration calorimetry' 
_pdbx_struct_assembly_auth_evidence.details                ? 
# 
_pdbx_struct_oper_list.id                   1 
_pdbx_struct_oper_list.type                 'identity operation' 
_pdbx_struct_oper_list.name                 1_555 
_pdbx_struct_oper_list.symmetry_operation   x,y,z 
_pdbx_struct_oper_list.matrix[1][1]         1.0000000000 
_pdbx_struct_oper_list.matrix[1][2]         0.0000000000 
_pdbx_struct_oper_list.matrix[1][3]         0.0000000000 
_pdbx_struct_oper_list.vector[1]            0.0000000000 
_pdbx_struct_oper_list.matrix[2][1]         0.0000000000 
_pdbx_struct_oper_list.matrix[2][2]         1.0000000000 
_pdbx_struct_oper_list.matrix[2][3]         0.0000000000 
_pdbx_struct_oper_list.vector[2]            0.0000000000 
_pdbx_struct_oper_list.matrix[3][1]         0.0000000000 
_pdbx_struct_oper_list.matrix[3][2]         0.0000000000 
_pdbx_struct_oper_list.matrix[3][3]         1.0000000000 
_pdbx_struct_oper_list.vector[3]            0.0000000000 
# 
loop_
_struct_conn.id 
_struct_conn.conn_type_id 
_struct_conn.pdbx_leaving_atom_flag 
_struct_conn.pdbx_PDB_id 
_struct_conn.ptnr1_label_asym_id 
_struct_conn.ptnr1_label_comp_id 
_struct_conn.ptnr1_label_seq_id 
_struct_conn.ptnr1_label_atom_id 
_struct_conn.pdbx_ptnr1_label_alt_id 
_struct_conn.pdbx_ptnr1_PDB_ins_code 
_struct_conn.pdbx_ptnr1_standard_comp_id 
_struct_conn.ptnr1_symmetry 
_struct_conn.ptnr2_label_asym_id 
_struct_conn.ptnr2_label_comp_id 
_struct_conn.ptnr2_label_seq_id 
_struct_conn.ptnr2_label_atom_id 
_struct_conn.pdbx_ptnr2_label_alt_id 
_struct_conn.pdbx_ptnr2_PDB_ins_code 
_struct_conn.ptnr1_auth_asym_id 
_struct_conn.ptnr1_auth_comp_id 
_struct_conn.ptnr1_auth_seq_id 
_struct_conn.ptnr2_auth_asym_id 
_struct_conn.ptnr2_auth_comp_id 
_struct_conn.ptnr2_auth_seq_id 
_struct_conn.ptnr2_symmetry 
_struct_conn.pdbx_ptnr3_label_atom_id 
_struct_conn.pdbx_ptnr3_label_seq_id 
_struct_conn.pdbx_ptnr3_label_comp_id 
_struct_conn.pdbx_ptnr3_label_asym_id 
_struct_conn.pdbx_ptnr3_label_alt_id 
_struct_conn.pdbx_ptnr3_PDB_ins_code 
_struct_conn.details 
_struct_conn.pdbx_dist_value 
_struct_conn.pdbx_value_order 
_struct_conn.pdbx_role 
covale1  covale both ? A GTP 1  "O3'" ? ? ? 1_555 A G   2  P  ? ? A GTP 1   A G   2   1_555 ? ? ? ? ? ? ?             1.559 ? ? 
metalc1  metalc ?    ? A U   53 "O3'" ? ? ? 1_555 C MG  .  MG ? ? A U   53  A MG  102 1_555 ? ? ? ? ? ? ?             1.887 ? ? 
metalc2  metalc ?    ? A U   53 "O2'" ? ? ? 1_555 C MG  .  MG ? ? A U   53  A MG  102 1_555 ? ? ? ? ? ? ?             2.748 ? ? 
metalc3  metalc ?    ? B MG  .  MG    ? ? ? 1_555 I HOH .  O  ? ? A MG  101 A HOH 207 1_555 ? ? ? ? ? ? ?             2.213 ? ? 
metalc4  metalc ?    ? E MG  .  MG    ? ? ? 1_555 I HOH .  O  ? ? A MG  104 A HOH 212 1_555 ? ? ? ? ? ? ?             1.916 ? ? 
metalc5  metalc ?    ? E MG  .  MG    ? ? ? 1_555 I HOH .  O  ? ? A MG  104 A HOH 228 1_555 ? ? ? ? ? ? ?             1.919 ? ? 
metalc6  metalc ?    ? F MG  .  MG    ? ? ? 1_555 I HOH .  O  ? ? A MG  105 A HOH 203 1_555 ? ? ? ? ? ? ?             2.278 ? ? 
metalc7  metalc ?    ? F MG  .  MG    ? ? ? 1_555 I HOH .  O  ? ? A MG  105 A HOH 204 1_555 ? ? ? ? ? ? ?             2.149 ? ? 
metalc8  metalc ?    ? F MG  .  MG    ? ? ? 1_555 I HOH .  O  ? ? A MG  105 A HOH 208 1_555 ? ? ? ? ? ? ?             2.113 ? ? 
metalc9  metalc ?    ? F MG  .  MG    ? ? ? 1_555 I HOH .  O  ? ? A MG  105 A HOH 211 1_555 ? ? ? ? ? ? ?             2.220 ? ? 
metalc10 metalc ?    ? F MG  .  MG    ? ? ? 1_555 I HOH .  O  ? ? A MG  105 A HOH 231 1_555 ? ? ? ? ? ? ?             2.290 ? ? 
metalc11 metalc ?    ? F MG  .  MG    ? ? ? 1_555 I HOH .  O  ? ? A MG  105 A HOH 232 1_555 ? ? ? ? ? ? ?             2.197 ? ? 
hydrog1  hydrog ?    ? A GTP 1  N1    ? ? ? 1_555 A U   53 O2 ? ? A GTP 1   A U   53  1_555 ? ? ? ? ? ? TYPE_28_PAIR  ?     ? ? 
hydrog2  hydrog ?    ? A GTP 1  O6    ? ? ? 1_555 A U   53 N3 ? ? A GTP 1   A U   53  1_555 ? ? ? ? ? ? TYPE_28_PAIR  ?     ? ? 
hydrog3  hydrog ?    ? A G   2  N1    ? ? ? 1_555 A C   52 N3 ? ? A G   2   A C   52  1_555 ? ? ? ? ? ? WATSON-CRICK  ?     ? ? 
hydrog4  hydrog ?    ? A G   2  N2    ? ? ? 1_555 A C   52 O2 ? ? A G   2   A C   52  1_555 ? ? ? ? ? ? WATSON-CRICK  ?     ? ? 
hydrog5  hydrog ?    ? A G   2  O6    ? ? ? 1_555 A C   52 N4 ? ? A G   2   A C   52  1_555 ? ? ? ? ? ? WATSON-CRICK  ?     ? ? 
hydrog6  hydrog ?    ? A G   3  N1    ? ? ? 1_555 A C   51 N3 ? ? A G   3   A C   51  1_555 ? ? ? ? ? ? WATSON-CRICK  ?     ? ? 
hydrog7  hydrog ?    ? A G   3  N2    ? ? ? 1_555 A C   51 O2 ? ? A G   3   A C   51  1_555 ? ? ? ? ? ? WATSON-CRICK  ?     ? ? 
hydrog8  hydrog ?    ? A G   3  O6    ? ? ? 1_555 A C   51 N4 ? ? A G   3   A C   51  1_555 ? ? ? ? ? ? WATSON-CRICK  ?     ? ? 
hydrog9  hydrog ?    ? A U   4  N3    ? ? ? 1_555 A G   50 O6 ? ? A U   4   A G   50  1_555 ? ? ? ? ? ? TYPE_28_PAIR  ?     ? ? 
hydrog10 hydrog ?    ? A U   4  O2    ? ? ? 1_555 A G   50 N1 ? ? A U   4   A G   50  1_555 ? ? ? ? ? ? TYPE_28_PAIR  ?     ? ? 
hydrog11 hydrog ?    ? A G   5  N1    ? ? ? 1_555 A C   49 N3 ? ? A G   5   A C   49  1_555 ? ? ? ? ? ? WATSON-CRICK  ?     ? ? 
hydrog12 hydrog ?    ? A G   5  N2    ? ? ? 1_555 A C   49 O2 ? ? A G   5   A C   49  1_555 ? ? ? ? ? ? WATSON-CRICK  ?     ? ? 
hydrog13 hydrog ?    ? A G   5  O6    ? ? ? 1_555 A C   49 N4 ? ? A G   5   A C   49  1_555 ? ? ? ? ? ? WATSON-CRICK  ?     ? ? 
hydrog14 hydrog ?    ? A U   6  N3    ? ? ? 1_555 A G   48 O6 ? ? A U   6   A G   48  1_555 ? ? ? ? ? ? TYPE_28_PAIR  ?     ? ? 
hydrog15 hydrog ?    ? A U   6  O2    ? ? ? 1_555 A G   48 N1 ? ? A U   6   A G   48  1_555 ? ? ? ? ? ? TYPE_28_PAIR  ?     ? ? 
hydrog16 hydrog ?    ? A G   7  N2    ? ? ? 1_555 A A   47 N7 ? ? A G   7   A A   47  1_555 ? ? ? ? ? ? TYPE_11_PAIR  ?     ? ? 
hydrog17 hydrog ?    ? A G   7  N3    ? ? ? 1_555 A A   47 N6 ? ? A G   7   A A   47  1_555 ? ? ? ? ? ? TYPE_11_PAIR  ?     ? ? 
hydrog18 hydrog ?    ? A A   9  N6    ? ? ? 1_555 A G   46 N3 ? ? A A   9   A G   46  1_555 ? ? ? ? ? ? TYPE_11_PAIR  ?     ? ? 
hydrog19 hydrog ?    ? A A   9  N7    ? ? ? 1_555 A G   46 N2 ? ? A A   9   A G   46  1_555 ? ? ? ? ? ? TYPE_11_PAIR  ?     ? ? 
hydrog20 hydrog ?    ? A C   10 N3    ? ? ? 1_555 A G   45 N1 ? ? A C   10  A G   45  1_555 ? ? ? ? ? ? WATSON-CRICK  ?     ? ? 
hydrog21 hydrog ?    ? A C   10 N4    ? ? ? 1_555 A G   45 O6 ? ? A C   10  A G   45  1_555 ? ? ? ? ? ? WATSON-CRICK  ?     ? ? 
hydrog22 hydrog ?    ? A C   10 O2    ? ? ? 1_555 A G   45 N2 ? ? A C   10  A G   45  1_555 ? ? ? ? ? ? WATSON-CRICK  ?     ? ? 
hydrog23 hydrog ?    ? A C   11 N3    ? ? ? 1_555 A G   44 N1 ? ? A C   11  A G   44  1_555 ? ? ? ? ? ? WATSON-CRICK  ?     ? ? 
hydrog24 hydrog ?    ? A C   11 N4    ? ? ? 1_555 A G   44 O6 ? ? A C   11  A G   44  1_555 ? ? ? ? ? ? WATSON-CRICK  ?     ? ? 
hydrog25 hydrog ?    ? A C   11 O2    ? ? ? 1_555 A G   44 N2 ? ? A C   11  A G   44  1_555 ? ? ? ? ? ? WATSON-CRICK  ?     ? ? 
hydrog26 hydrog ?    ? A G   12 N1    ? ? ? 1_555 A C   43 N3 ? ? A G   12  A C   43  1_555 ? ? ? ? ? ? WATSON-CRICK  ?     ? ? 
hydrog27 hydrog ?    ? A G   12 N2    ? ? ? 1_555 A C   43 O2 ? ? A G   12  A C   43  1_555 ? ? ? ? ? ? WATSON-CRICK  ?     ? ? 
hydrog28 hydrog ?    ? A G   12 O6    ? ? ? 1_555 A C   43 N4 ? ? A G   12  A C   43  1_555 ? ? ? ? ? ? WATSON-CRICK  ?     ? ? 
hydrog29 hydrog ?    ? A U   13 N3    ? ? ? 1_555 A A   42 N1 ? ? A U   13  A A   42  1_555 ? ? ? ? ? ? WATSON-CRICK  ?     ? ? 
hydrog30 hydrog ?    ? A U   13 O4    ? ? ? 1_555 A A   42 N6 ? ? A U   13  A A   42  1_555 ? ? ? ? ? ? WATSON-CRICK  ?     ? ? 
hydrog31 hydrog ?    ? A U   14 N3    ? ? ? 1_555 A A   17 N7 ? ? A U   14  A A   17  1_555 ? ? ? ? ? ? HOOGSTEEN     ?     ? ? 
hydrog32 hydrog ?    ? A U   14 O4    ? ? ? 1_555 A A   17 N6 ? ? A U   14  A A   17  1_555 ? ? ? ? ? ? HOOGSTEEN     ?     ? ? 
hydrog33 hydrog ?    ? A A   16 N6    ? ? ? 1_555 A C   43 O2 ? ? A A   16  A C   43  1_555 ? ? ? ? ? ? 'A-C MISPAIR' ?     ? ? 
hydrog34 hydrog ?    ? A A   17 N6    ? ? ? 1_555 A A   42 N3 ? ? A A   17  A A   42  1_555 ? ? ? ? ? ? 'A-A MISPAIR' ?     ? ? 
hydrog35 hydrog ?    ? A G   21 N1    ? ? ? 1_555 A C   40 N3 ? ? A G   21  A C   40  1_555 ? ? ? ? ? ? WATSON-CRICK  ?     ? ? 
hydrog36 hydrog ?    ? A G   21 N2    ? ? ? 1_555 A C   40 O2 ? ? A G   21  A C   40  1_555 ? ? ? ? ? ? WATSON-CRICK  ?     ? ? 
hydrog37 hydrog ?    ? A G   21 O6    ? ? ? 1_555 A C   40 N4 ? ? A G   21  A C   40  1_555 ? ? ? ? ? ? WATSON-CRICK  ?     ? ? 
hydrog38 hydrog ?    ? A U   22 N3    ? ? ? 1_555 A A   39 N1 ? ? A U   22  A A   39  1_555 ? ? ? ? ? ? WATSON-CRICK  ?     ? ? 
hydrog39 hydrog ?    ? A U   22 O4    ? ? ? 1_555 A A   39 N6 ? ? A U   22  A A   39  1_555 ? ? ? ? ? ? WATSON-CRICK  ?     ? ? 
hydrog40 hydrog ?    ? A C   23 N3    ? ? ? 1_555 A G   38 N1 ? ? A C   23  A G   38  1_555 ? ? ? ? ? ? WATSON-CRICK  ?     ? ? 
hydrog41 hydrog ?    ? A C   23 N4    ? ? ? 1_555 A G   38 O6 ? ? A C   23  A G   38  1_555 ? ? ? ? ? ? WATSON-CRICK  ?     ? ? 
hydrog42 hydrog ?    ? A C   23 O2    ? ? ? 1_555 A G   38 N2 ? ? A C   23  A G   38  1_555 ? ? ? ? ? ? WATSON-CRICK  ?     ? ? 
hydrog43 hydrog ?    ? A C   24 N3    ? ? ? 1_555 A G   37 N1 ? ? A C   24  A G   37  1_555 ? ? ? ? ? ? WATSON-CRICK  ?     ? ? 
hydrog44 hydrog ?    ? A C   24 N4    ? ? ? 1_555 A G   37 O6 ? ? A C   24  A G   37  1_555 ? ? ? ? ? ? WATSON-CRICK  ?     ? ? 
hydrog45 hydrog ?    ? A C   24 O2    ? ? ? 1_555 A G   37 N2 ? ? A C   24  A G   37  1_555 ? ? ? ? ? ? WATSON-CRICK  ?     ? ? 
hydrog46 hydrog ?    ? A C   25 N3    ? ? ? 1_555 A G   36 N1 ? ? A C   25  A G   36  1_555 ? ? ? ? ? ? WATSON-CRICK  ?     ? ? 
hydrog47 hydrog ?    ? A C   25 N4    ? ? ? 1_555 A G   36 O6 ? ? A C   25  A G   36  1_555 ? ? ? ? ? ? WATSON-CRICK  ?     ? ? 
hydrog48 hydrog ?    ? A C   25 O2    ? ? ? 1_555 A G   36 N2 ? ? A C   25  A G   36  1_555 ? ? ? ? ? ? WATSON-CRICK  ?     ? ? 
hydrog49 hydrog ?    ? A A   26 N1    ? ? ? 1_555 A U   35 N3 ? ? A A   26  A U   35  1_555 ? ? ? ? ? ? WATSON-CRICK  ?     ? ? 
hydrog50 hydrog ?    ? A A   26 N6    ? ? ? 1_555 A U   35 O4 ? ? A A   26  A U   35  1_555 ? ? ? ? ? ? WATSON-CRICK  ?     ? ? 
hydrog51 hydrog ?    ? A G   27 N1    ? ? ? 1_555 A C   34 N3 ? ? A G   27  A C   34  1_555 ? ? ? ? ? ? WATSON-CRICK  ?     ? ? 
hydrog52 hydrog ?    ? A G   27 N2    ? ? ? 1_555 A C   34 O2 ? ? A G   27  A C   34  1_555 ? ? ? ? ? ? WATSON-CRICK  ?     ? ? 
hydrog53 hydrog ?    ? A G   27 O6    ? ? ? 1_555 A C   34 N4 ? ? A G   27  A C   34  1_555 ? ? ? ? ? ? WATSON-CRICK  ?     ? ? 
hydrog54 hydrog ?    ? A C   28 N3    ? ? ? 1_555 A G   32 N1 ? ? A C   28  A G   32  1_555 ? ? ? ? ? ? WATSON-CRICK  ?     ? ? 
hydrog55 hydrog ?    ? A C   28 N4    ? ? ? 1_555 A G   32 O6 ? ? A C   28  A G   32  1_555 ? ? ? ? ? ? WATSON-CRICK  ?     ? ? 
hydrog56 hydrog ?    ? A C   28 O2    ? ? ? 1_555 A G   32 N2 ? ? A C   28  A G   32  1_555 ? ? ? ? ? ? WATSON-CRICK  ?     ? ? 
# 
loop_
_struct_conn_type.id 
_struct_conn_type.criteria 
_struct_conn_type.reference 
covale ? ? 
metalc ? ? 
hydrog ? ? 
# 
loop_
_pdbx_struct_conn_angle.id 
_pdbx_struct_conn_angle.ptnr1_label_atom_id 
_pdbx_struct_conn_angle.ptnr1_label_alt_id 
_pdbx_struct_conn_angle.ptnr1_label_asym_id 
_pdbx_struct_conn_angle.ptnr1_label_comp_id 
_pdbx_struct_conn_angle.ptnr1_label_seq_id 
_pdbx_struct_conn_angle.ptnr1_auth_atom_id 
_pdbx_struct_conn_angle.ptnr1_auth_asym_id 
_pdbx_struct_conn_angle.ptnr1_auth_comp_id 
_pdbx_struct_conn_angle.ptnr1_auth_seq_id 
_pdbx_struct_conn_angle.ptnr1_PDB_ins_code 
_pdbx_struct_conn_angle.ptnr1_symmetry 
_pdbx_struct_conn_angle.ptnr2_label_atom_id 
_pdbx_struct_conn_angle.ptnr2_label_alt_id 
_pdbx_struct_conn_angle.ptnr2_label_asym_id 
_pdbx_struct_conn_angle.ptnr2_label_comp_id 
_pdbx_struct_conn_angle.ptnr2_label_seq_id 
_pdbx_struct_conn_angle.ptnr2_auth_atom_id 
_pdbx_struct_conn_angle.ptnr2_auth_asym_id 
_pdbx_struct_conn_angle.ptnr2_auth_comp_id 
_pdbx_struct_conn_angle.ptnr2_auth_seq_id 
_pdbx_struct_conn_angle.ptnr2_PDB_ins_code 
_pdbx_struct_conn_angle.ptnr2_symmetry 
_pdbx_struct_conn_angle.ptnr3_label_atom_id 
_pdbx_struct_conn_angle.ptnr3_label_alt_id 
_pdbx_struct_conn_angle.ptnr3_label_asym_id 
_pdbx_struct_conn_angle.ptnr3_label_comp_id 
_pdbx_struct_conn_angle.ptnr3_label_seq_id 
_pdbx_struct_conn_angle.ptnr3_auth_atom_id 
_pdbx_struct_conn_angle.ptnr3_auth_asym_id 
_pdbx_struct_conn_angle.ptnr3_auth_comp_id 
_pdbx_struct_conn_angle.ptnr3_auth_seq_id 
_pdbx_struct_conn_angle.ptnr3_PDB_ins_code 
_pdbx_struct_conn_angle.ptnr3_symmetry 
_pdbx_struct_conn_angle.value 
_pdbx_struct_conn_angle.value_esd 
1  "O3'" ? A U   53 ? A U   53  ? 1_555 MG ? C MG . ? A MG 102 ? 1_555 "O2'" ? A U   53 ? A U   53  ? 1_555 68.3  ? 
2  O     ? I HOH .  ? A HOH 212 ? 1_555 MG ? E MG . ? A MG 104 ? 1_555 O     ? I HOH .  ? A HOH 228 ? 1_555 70.6  ? 
3  O     ? I HOH .  ? A HOH 203 ? 1_555 MG ? F MG . ? A MG 105 ? 1_555 O     ? I HOH .  ? A HOH 204 ? 1_555 172.8 ? 
4  O     ? I HOH .  ? A HOH 203 ? 1_555 MG ? F MG . ? A MG 105 ? 1_555 O     ? I HOH .  ? A HOH 208 ? 1_555 98.2  ? 
5  O     ? I HOH .  ? A HOH 204 ? 1_555 MG ? F MG . ? A MG 105 ? 1_555 O     ? I HOH .  ? A HOH 208 ? 1_555 88.1  ? 
6  O     ? I HOH .  ? A HOH 203 ? 1_555 MG ? F MG . ? A MG 105 ? 1_555 O     ? I HOH .  ? A HOH 211 ? 1_555 91.2  ? 
7  O     ? I HOH .  ? A HOH 204 ? 1_555 MG ? F MG . ? A MG 105 ? 1_555 O     ? I HOH .  ? A HOH 211 ? 1_555 90.2  ? 
8  O     ? I HOH .  ? A HOH 208 ? 1_555 MG ? F MG . ? A MG 105 ? 1_555 O     ? I HOH .  ? A HOH 211 ? 1_555 107.4 ? 
9  O     ? I HOH .  ? A HOH 203 ? 1_555 MG ? F MG . ? A MG 105 ? 1_555 O     ? I HOH .  ? A HOH 231 ? 1_555 96.4  ? 
10 O     ? I HOH .  ? A HOH 204 ? 1_555 MG ? F MG . ? A MG 105 ? 1_555 O     ? I HOH .  ? A HOH 231 ? 1_555 81.3  ? 
11 O     ? I HOH .  ? A HOH 208 ? 1_555 MG ? F MG . ? A MG 105 ? 1_555 O     ? I HOH .  ? A HOH 231 ? 1_555 78.1  ? 
12 O     ? I HOH .  ? A HOH 211 ? 1_555 MG ? F MG . ? A MG 105 ? 1_555 O     ? I HOH .  ? A HOH 231 ? 1_555 169.9 ? 
13 O     ? I HOH .  ? A HOH 203 ? 1_555 MG ? F MG . ? A MG 105 ? 1_555 O     ? I HOH .  ? A HOH 232 ? 1_555 89.2  ? 
14 O     ? I HOH .  ? A HOH 204 ? 1_555 MG ? F MG . ? A MG 105 ? 1_555 O     ? I HOH .  ? A HOH 232 ? 1_555 84.1  ? 
15 O     ? I HOH .  ? A HOH 208 ? 1_555 MG ? F MG . ? A MG 105 ? 1_555 O     ? I HOH .  ? A HOH 232 ? 1_555 170.0 ? 
16 O     ? I HOH .  ? A HOH 211 ? 1_555 MG ? F MG . ? A MG 105 ? 1_555 O     ? I HOH .  ? A HOH 232 ? 1_555 79.0  ? 
17 O     ? I HOH .  ? A HOH 231 ? 1_555 MG ? F MG . ? A MG 105 ? 1_555 O     ? I HOH .  ? A HOH 232 ? 1_555 94.4  ? 
# 
loop_
_pdbx_validate_rmsd_angle.id 
_pdbx_validate_rmsd_angle.PDB_model_num 
_pdbx_validate_rmsd_angle.auth_atom_id_1 
_pdbx_validate_rmsd_angle.auth_asym_id_1 
_pdbx_validate_rmsd_angle.auth_comp_id_1 
_pdbx_validate_rmsd_angle.auth_seq_id_1 
_pdbx_validate_rmsd_angle.PDB_ins_code_1 
_pdbx_validate_rmsd_angle.label_alt_id_1 
_pdbx_validate_rmsd_angle.auth_atom_id_2 
_pdbx_validate_rmsd_angle.auth_asym_id_2 
_pdbx_validate_rmsd_angle.auth_comp_id_2 
_pdbx_validate_rmsd_angle.auth_seq_id_2 
_pdbx_validate_rmsd_angle.PDB_ins_code_2 
_pdbx_validate_rmsd_angle.label_alt_id_2 
_pdbx_validate_rmsd_angle.auth_atom_id_3 
_pdbx_validate_rmsd_angle.auth_asym_id_3 
_pdbx_validate_rmsd_angle.auth_comp_id_3 
_pdbx_validate_rmsd_angle.auth_seq_id_3 
_pdbx_validate_rmsd_angle.PDB_ins_code_3 
_pdbx_validate_rmsd_angle.label_alt_id_3 
_pdbx_validate_rmsd_angle.angle_value 
_pdbx_validate_rmsd_angle.angle_target_value 
_pdbx_validate_rmsd_angle.angle_deviation 
_pdbx_validate_rmsd_angle.angle_standard_deviation 
_pdbx_validate_rmsd_angle.linker_flag 
1 1 "C3'" A GTP 1 ? ? "O3'" A GTP 1 ? ? P   A G 2 ? ? 109.56 119.70 -10.14 1.20 Y 
2 1 "O3'" A GTP 1 ? ? P     A G   2 ? ? OP2 A G 2 ? ? 126.80 110.50 16.30  1.10 Y 
3 1 "O3'" A GTP 1 ? ? P     A G   2 ? ? OP1 A G 2 ? ? 91.75  105.20 -13.45 2.20 Y 
# 
_pdbx_entry_details.entry_id                   8XZP 
_pdbx_entry_details.nonpolymer_details         ? 
_pdbx_entry_details.sequence_details           ? 
_pdbx_entry_details.compound_details           ? 
_pdbx_entry_details.source_details             ? 
_pdbx_entry_details.has_ligand_of_interest     Y 
_pdbx_entry_details.has_protein_modification   ? 
# 
loop_
_chem_comp_atom.comp_id 
_chem_comp_atom.atom_id 
_chem_comp_atom.type_symbol 
_chem_comp_atom.pdbx_aromatic_flag 
_chem_comp_atom.pdbx_stereo_config 
_chem_comp_atom.pdbx_ordinal 
A     OP3    O  N N 1   
A     P      P  N N 2   
A     OP1    O  N N 3   
A     OP2    O  N N 4   
A     "O5'"  O  N N 5   
A     "C5'"  C  N N 6   
A     "C4'"  C  N R 7   
A     "O4'"  O  N N 8   
A     "C3'"  C  N S 9   
A     "O3'"  O  N N 10  
A     "C2'"  C  N R 11  
A     "O2'"  O  N N 12  
A     "C1'"  C  N R 13  
A     N9     N  Y N 14  
A     C8     C  Y N 15  
A     N7     N  Y N 16  
A     C5     C  Y N 17  
A     C6     C  Y N 18  
A     N6     N  N N 19  
A     N1     N  Y N 20  
A     C2     C  Y N 21  
A     N3     N  Y N 22  
A     C4     C  Y N 23  
A     HOP3   H  N N 24  
A     HOP2   H  N N 25  
A     "H5'"  H  N N 26  
A     "H5''" H  N N 27  
A     "H4'"  H  N N 28  
A     "H3'"  H  N N 29  
A     "HO3'" H  N N 30  
A     "H2'"  H  N N 31  
A     "HO2'" H  N N 32  
A     "H1'"  H  N N 33  
A     H8     H  N N 34  
A     H61    H  N N 35  
A     H62    H  N N 36  
A     H2     H  N N 37  
A1LXN C02    C  Y N 38  
A1LXN C04    C  Y N 39  
A1LXN C06    C  N N 40  
A1LXN C09    C  N N 41  
A1LXN C11    C  Y N 42  
A1LXN C12    C  N N 43  
A1LXN N01    N  Y N 44  
A1LXN N03    N  Y N 45  
A1LXN N05    N  N N 46  
A1LXN N07    N  N N 47  
A1LXN N08    N  N N 48  
A1LXN O10    O  N N 49  
A1LXN H1     H  N N 50  
A1LXN H2     H  N N 51  
A1LXN H3     H  N N 52  
A1LXN H4     H  N N 53  
A1LXN H6     H  N N 54  
A1LXN H7     H  N N 55  
A1LXN H8     H  N N 56  
C     OP3    O  N N 57  
C     P      P  N N 58  
C     OP1    O  N N 59  
C     OP2    O  N N 60  
C     "O5'"  O  N N 61  
C     "C5'"  C  N N 62  
C     "C4'"  C  N R 63  
C     "O4'"  O  N N 64  
C     "C3'"  C  N S 65  
C     "O3'"  O  N N 66  
C     "C2'"  C  N R 67  
C     "O2'"  O  N N 68  
C     "C1'"  C  N R 69  
C     N1     N  N N 70  
C     C2     C  N N 71  
C     O2     O  N N 72  
C     N3     N  N N 73  
C     C4     C  N N 74  
C     N4     N  N N 75  
C     C5     C  N N 76  
C     C6     C  N N 77  
C     HOP3   H  N N 78  
C     HOP2   H  N N 79  
C     "H5'"  H  N N 80  
C     "H5''" H  N N 81  
C     "H4'"  H  N N 82  
C     "H3'"  H  N N 83  
C     "HO3'" H  N N 84  
C     "H2'"  H  N N 85  
C     "HO2'" H  N N 86  
C     "H1'"  H  N N 87  
C     H41    H  N N 88  
C     H42    H  N N 89  
C     H5     H  N N 90  
C     H6     H  N N 91  
G     OP3    O  N N 92  
G     P      P  N N 93  
G     OP1    O  N N 94  
G     OP2    O  N N 95  
G     "O5'"  O  N N 96  
G     "C5'"  C  N N 97  
G     "C4'"  C  N R 98  
G     "O4'"  O  N N 99  
G     "C3'"  C  N S 100 
G     "O3'"  O  N N 101 
G     "C2'"  C  N R 102 
G     "O2'"  O  N N 103 
G     "C1'"  C  N R 104 
G     N9     N  Y N 105 
G     C8     C  Y N 106 
G     N7     N  Y N 107 
G     C5     C  Y N 108 
G     C6     C  N N 109 
G     O6     O  N N 110 
G     N1     N  N N 111 
G     C2     C  N N 112 
G     N2     N  N N 113 
G     N3     N  N N 114 
G     C4     C  Y N 115 
G     HOP3   H  N N 116 
G     HOP2   H  N N 117 
G     "H5'"  H  N N 118 
G     "H5''" H  N N 119 
G     "H4'"  H  N N 120 
G     "H3'"  H  N N 121 
G     "HO3'" H  N N 122 
G     "H2'"  H  N N 123 
G     "HO2'" H  N N 124 
G     "H1'"  H  N N 125 
G     H8     H  N N 126 
G     H1     H  N N 127 
G     H21    H  N N 128 
G     H22    H  N N 129 
GTP   PG     P  N N 130 
GTP   O1G    O  N N 131 
GTP   O2G    O  N N 132 
GTP   O3G    O  N N 133 
GTP   O3B    O  N N 134 
GTP   PB     P  N N 135 
GTP   O1B    O  N N 136 
GTP   O2B    O  N N 137 
GTP   O3A    O  N N 138 
GTP   PA     P  N N 139 
GTP   O1A    O  N N 140 
GTP   O2A    O  N N 141 
GTP   "O5'"  O  N N 142 
GTP   "C5'"  C  N N 143 
GTP   "C4'"  C  N R 144 
GTP   "O4'"  O  N N 145 
GTP   "C3'"  C  N S 146 
GTP   "O3'"  O  N N 147 
GTP   "C2'"  C  N R 148 
GTP   "O2'"  O  N N 149 
GTP   "C1'"  C  N R 150 
GTP   N9     N  Y N 151 
GTP   C8     C  Y N 152 
GTP   N7     N  Y N 153 
GTP   C5     C  Y N 154 
GTP   C6     C  N N 155 
GTP   O6     O  N N 156 
GTP   N1     N  N N 157 
GTP   C2     C  N N 158 
GTP   N2     N  N N 159 
GTP   N3     N  N N 160 
GTP   C4     C  Y N 161 
GTP   HOG2   H  N N 162 
GTP   HOG3   H  N N 163 
GTP   HOB2   H  N N 164 
GTP   HOA2   H  N N 165 
GTP   "H5'"  H  N N 166 
GTP   "H5''" H  N N 167 
GTP   "H4'"  H  N N 168 
GTP   "H3'"  H  N N 169 
GTP   "HO3'" H  N N 170 
GTP   "H2'"  H  N N 171 
GTP   "HO2'" H  N N 172 
GTP   "H1'"  H  N N 173 
GTP   H8     H  N N 174 
GTP   HN1    H  N N 175 
GTP   HN21   H  N N 176 
GTP   HN22   H  N N 177 
HOH   O      O  N N 178 
HOH   H1     H  N N 179 
HOH   H2     H  N N 180 
MG    MG     MG N N 181 
SPM   N1     N  N N 182 
SPM   C2     C  N N 183 
SPM   C3     C  N N 184 
SPM   C4     C  N N 185 
SPM   N5     N  N N 186 
SPM   C6     C  N N 187 
SPM   C7     C  N N 188 
SPM   C8     C  N N 189 
SPM   C9     C  N N 190 
SPM   N10    N  N N 191 
SPM   C11    C  N N 192 
SPM   C12    C  N N 193 
SPM   C13    C  N N 194 
SPM   N14    N  N N 195 
SPM   HN11   H  N N 196 
SPM   HN12   H  N N 197 
SPM   H21    H  N N 198 
SPM   H22    H  N N 199 
SPM   H31    H  N N 200 
SPM   H32    H  N N 201 
SPM   H41    H  N N 202 
SPM   H42    H  N N 203 
SPM   HN5    H  N N 204 
SPM   H61    H  N N 205 
SPM   H62    H  N N 206 
SPM   H71    H  N N 207 
SPM   H72    H  N N 208 
SPM   H81    H  N N 209 
SPM   H82    H  N N 210 
SPM   H91    H  N N 211 
SPM   H92    H  N N 212 
SPM   HN0    H  N N 213 
SPM   H111   H  N N 214 
SPM   H112   H  N N 215 
SPM   H121   H  N N 216 
SPM   H122   H  N N 217 
SPM   H131   H  N N 218 
SPM   H132   H  N N 219 
SPM   HN41   H  N N 220 
SPM   HN42   H  N N 221 
U     OP3    O  N N 222 
U     P      P  N N 223 
U     OP1    O  N N 224 
U     OP2    O  N N 225 
U     "O5'"  O  N N 226 
U     "C5'"  C  N N 227 
U     "C4'"  C  N R 228 
U     "O4'"  O  N N 229 
U     "C3'"  C  N S 230 
U     "O3'"  O  N N 231 
U     "C2'"  C  N R 232 
U     "O2'"  O  N N 233 
U     "C1'"  C  N R 234 
U     N1     N  N N 235 
U     C2     C  N N 236 
U     O2     O  N N 237 
U     N3     N  N N 238 
U     C4     C  N N 239 
U     O4     O  N N 240 
U     C5     C  N N 241 
U     C6     C  N N 242 
U     HOP3   H  N N 243 
U     HOP2   H  N N 244 
U     "H5'"  H  N N 245 
U     "H5''" H  N N 246 
U     "H4'"  H  N N 247 
U     "H3'"  H  N N 248 
U     "HO3'" H  N N 249 
U     "H2'"  H  N N 250 
U     "HO2'" H  N N 251 
U     "H1'"  H  N N 252 
U     H3     H  N N 253 
U     H5     H  N N 254 
U     H6     H  N N 255 
# 
loop_
_chem_comp_bond.comp_id 
_chem_comp_bond.atom_id_1 
_chem_comp_bond.atom_id_2 
_chem_comp_bond.value_order 
_chem_comp_bond.pdbx_aromatic_flag 
_chem_comp_bond.pdbx_stereo_config 
_chem_comp_bond.pdbx_ordinal 
A     OP3   P      sing N N 1   
A     OP3   HOP3   sing N N 2   
A     P     OP1    doub N N 3   
A     P     OP2    sing N N 4   
A     P     "O5'"  sing N N 5   
A     OP2   HOP2   sing N N 6   
A     "O5'" "C5'"  sing N N 7   
A     "C5'" "C4'"  sing N N 8   
A     "C5'" "H5'"  sing N N 9   
A     "C5'" "H5''" sing N N 10  
A     "C4'" "O4'"  sing N N 11  
A     "C4'" "C3'"  sing N N 12  
A     "C4'" "H4'"  sing N N 13  
A     "O4'" "C1'"  sing N N 14  
A     "C3'" "O3'"  sing N N 15  
A     "C3'" "C2'"  sing N N 16  
A     "C3'" "H3'"  sing N N 17  
A     "O3'" "HO3'" sing N N 18  
A     "C2'" "O2'"  sing N N 19  
A     "C2'" "C1'"  sing N N 20  
A     "C2'" "H2'"  sing N N 21  
A     "O2'" "HO2'" sing N N 22  
A     "C1'" N9     sing N N 23  
A     "C1'" "H1'"  sing N N 24  
A     N9    C8     sing Y N 25  
A     N9    C4     sing Y N 26  
A     C8    N7     doub Y N 27  
A     C8    H8     sing N N 28  
A     N7    C5     sing Y N 29  
A     C5    C6     sing Y N 30  
A     C5    C4     doub Y N 31  
A     C6    N6     sing N N 32  
A     C6    N1     doub Y N 33  
A     N6    H61    sing N N 34  
A     N6    H62    sing N N 35  
A     N1    C2     sing Y N 36  
A     C2    N3     doub Y N 37  
A     C2    H2     sing N N 38  
A     N3    C4     sing Y N 39  
A1LXN C12   C02    sing N N 40  
A1LXN C02   N03    doub Y N 41  
A1LXN C02   N01    sing Y N 42  
A1LXN N03   C11    sing Y N 43  
A1LXN N01   C04    sing Y N 44  
A1LXN C11   C09    sing N N 45  
A1LXN C11   C04    doub Y N 46  
A1LXN O10   C09    doub N N 47  
A1LXN C09   N08    sing N N 48  
A1LXN C04   N05    sing N N 49  
A1LXN N08   C06    sing N N 50  
A1LXN N05   C06    doub N N 51  
A1LXN C06   N07    sing N N 52  
A1LXN C12   H1     sing N N 53  
A1LXN C12   H2     sing N N 54  
A1LXN C12   H3     sing N N 55  
A1LXN N01   H4     sing N N 56  
A1LXN N07   H6     sing N N 57  
A1LXN N07   H7     sing N N 58  
A1LXN N08   H8     sing N N 59  
C     OP3   P      sing N N 60  
C     OP3   HOP3   sing N N 61  
C     P     OP1    doub N N 62  
C     P     OP2    sing N N 63  
C     P     "O5'"  sing N N 64  
C     OP2   HOP2   sing N N 65  
C     "O5'" "C5'"  sing N N 66  
C     "C5'" "C4'"  sing N N 67  
C     "C5'" "H5'"  sing N N 68  
C     "C5'" "H5''" sing N N 69  
C     "C4'" "O4'"  sing N N 70  
C     "C4'" "C3'"  sing N N 71  
C     "C4'" "H4'"  sing N N 72  
C     "O4'" "C1'"  sing N N 73  
C     "C3'" "O3'"  sing N N 74  
C     "C3'" "C2'"  sing N N 75  
C     "C3'" "H3'"  sing N N 76  
C     "O3'" "HO3'" sing N N 77  
C     "C2'" "O2'"  sing N N 78  
C     "C2'" "C1'"  sing N N 79  
C     "C2'" "H2'"  sing N N 80  
C     "O2'" "HO2'" sing N N 81  
C     "C1'" N1     sing N N 82  
C     "C1'" "H1'"  sing N N 83  
C     N1    C2     sing N N 84  
C     N1    C6     sing N N 85  
C     C2    O2     doub N N 86  
C     C2    N3     sing N N 87  
C     N3    C4     doub N N 88  
C     C4    N4     sing N N 89  
C     C4    C5     sing N N 90  
C     N4    H41    sing N N 91  
C     N4    H42    sing N N 92  
C     C5    C6     doub N N 93  
C     C5    H5     sing N N 94  
C     C6    H6     sing N N 95  
G     OP3   P      sing N N 96  
G     OP3   HOP3   sing N N 97  
G     P     OP1    doub N N 98  
G     P     OP2    sing N N 99  
G     P     "O5'"  sing N N 100 
G     OP2   HOP2   sing N N 101 
G     "O5'" "C5'"  sing N N 102 
G     "C5'" "C4'"  sing N N 103 
G     "C5'" "H5'"  sing N N 104 
G     "C5'" "H5''" sing N N 105 
G     "C4'" "O4'"  sing N N 106 
G     "C4'" "C3'"  sing N N 107 
G     "C4'" "H4'"  sing N N 108 
G     "O4'" "C1'"  sing N N 109 
G     "C3'" "O3'"  sing N N 110 
G     "C3'" "C2'"  sing N N 111 
G     "C3'" "H3'"  sing N N 112 
G     "O3'" "HO3'" sing N N 113 
G     "C2'" "O2'"  sing N N 114 
G     "C2'" "C1'"  sing N N 115 
G     "C2'" "H2'"  sing N N 116 
G     "O2'" "HO2'" sing N N 117 
G     "C1'" N9     sing N N 118 
G     "C1'" "H1'"  sing N N 119 
G     N9    C8     sing Y N 120 
G     N9    C4     sing Y N 121 
G     C8    N7     doub Y N 122 
G     C8    H8     sing N N 123 
G     N7    C5     sing Y N 124 
G     C5    C6     sing N N 125 
G     C5    C4     doub Y N 126 
G     C6    O6     doub N N 127 
G     C6    N1     sing N N 128 
G     N1    C2     sing N N 129 
G     N1    H1     sing N N 130 
G     C2    N2     sing N N 131 
G     C2    N3     doub N N 132 
G     N2    H21    sing N N 133 
G     N2    H22    sing N N 134 
G     N3    C4     sing N N 135 
GTP   PG    O1G    doub N N 136 
GTP   PG    O2G    sing N N 137 
GTP   PG    O3G    sing N N 138 
GTP   PG    O3B    sing N N 139 
GTP   O2G   HOG2   sing N N 140 
GTP   O3G   HOG3   sing N N 141 
GTP   O3B   PB     sing N N 142 
GTP   PB    O1B    doub N N 143 
GTP   PB    O2B    sing N N 144 
GTP   PB    O3A    sing N N 145 
GTP   O2B   HOB2   sing N N 146 
GTP   O3A   PA     sing N N 147 
GTP   PA    O1A    doub N N 148 
GTP   PA    O2A    sing N N 149 
GTP   PA    "O5'"  sing N N 150 
GTP   O2A   HOA2   sing N N 151 
GTP   "O5'" "C5'"  sing N N 152 
GTP   "C5'" "C4'"  sing N N 153 
GTP   "C5'" "H5'"  sing N N 154 
GTP   "C5'" "H5''" sing N N 155 
GTP   "C4'" "O4'"  sing N N 156 
GTP   "C4'" "C3'"  sing N N 157 
GTP   "C4'" "H4'"  sing N N 158 
GTP   "O4'" "C1'"  sing N N 159 
GTP   "C3'" "O3'"  sing N N 160 
GTP   "C3'" "C2'"  sing N N 161 
GTP   "C3'" "H3'"  sing N N 162 
GTP   "O3'" "HO3'" sing N N 163 
GTP   "C2'" "O2'"  sing N N 164 
GTP   "C2'" "C1'"  sing N N 165 
GTP   "C2'" "H2'"  sing N N 166 
GTP   "O2'" "HO2'" sing N N 167 
GTP   "C1'" N9     sing N N 168 
GTP   "C1'" "H1'"  sing N N 169 
GTP   N9    C8     sing Y N 170 
GTP   N9    C4     sing Y N 171 
GTP   C8    N7     doub Y N 172 
GTP   C8    H8     sing N N 173 
GTP   N7    C5     sing Y N 174 
GTP   C5    C6     sing N N 175 
GTP   C5    C4     doub Y N 176 
GTP   C6    O6     doub N N 177 
GTP   C6    N1     sing N N 178 
GTP   N1    C2     sing N N 179 
GTP   N1    HN1    sing N N 180 
GTP   C2    N2     sing N N 181 
GTP   C2    N3     doub N N 182 
GTP   N2    HN21   sing N N 183 
GTP   N2    HN22   sing N N 184 
GTP   N3    C4     sing N N 185 
HOH   O     H1     sing N N 186 
HOH   O     H2     sing N N 187 
SPM   N1    C2     sing N N 188 
SPM   N1    HN11   sing N N 189 
SPM   N1    HN12   sing N N 190 
SPM   C2    C3     sing N N 191 
SPM   C2    H21    sing N N 192 
SPM   C2    H22    sing N N 193 
SPM   C3    C4     sing N N 194 
SPM   C3    H31    sing N N 195 
SPM   C3    H32    sing N N 196 
SPM   C4    N5     sing N N 197 
SPM   C4    H41    sing N N 198 
SPM   C4    H42    sing N N 199 
SPM   N5    C6     sing N N 200 
SPM   N5    HN5    sing N N 201 
SPM   C6    C7     sing N N 202 
SPM   C6    H61    sing N N 203 
SPM   C6    H62    sing N N 204 
SPM   C7    C8     sing N N 205 
SPM   C7    H71    sing N N 206 
SPM   C7    H72    sing N N 207 
SPM   C8    C9     sing N N 208 
SPM   C8    H81    sing N N 209 
SPM   C8    H82    sing N N 210 
SPM   C9    N10    sing N N 211 
SPM   C9    H91    sing N N 212 
SPM   C9    H92    sing N N 213 
SPM   N10   C11    sing N N 214 
SPM   N10   HN0    sing N N 215 
SPM   C11   C12    sing N N 216 
SPM   C11   H111   sing N N 217 
SPM   C11   H112   sing N N 218 
SPM   C12   C13    sing N N 219 
SPM   C12   H121   sing N N 220 
SPM   C12   H122   sing N N 221 
SPM   C13   N14    sing N N 222 
SPM   C13   H131   sing N N 223 
SPM   C13   H132   sing N N 224 
SPM   N14   HN41   sing N N 225 
SPM   N14   HN42   sing N N 226 
U     OP3   P      sing N N 227 
U     OP3   HOP3   sing N N 228 
U     P     OP1    doub N N 229 
U     P     OP2    sing N N 230 
U     P     "O5'"  sing N N 231 
U     OP2   HOP2   sing N N 232 
U     "O5'" "C5'"  sing N N 233 
U     "C5'" "C4'"  sing N N 234 
U     "C5'" "H5'"  sing N N 235 
U     "C5'" "H5''" sing N N 236 
U     "C4'" "O4'"  sing N N 237 
U     "C4'" "C3'"  sing N N 238 
U     "C4'" "H4'"  sing N N 239 
U     "O4'" "C1'"  sing N N 240 
U     "C3'" "O3'"  sing N N 241 
U     "C3'" "C2'"  sing N N 242 
U     "C3'" "H3'"  sing N N 243 
U     "O3'" "HO3'" sing N N 244 
U     "C2'" "O2'"  sing N N 245 
U     "C2'" "C1'"  sing N N 246 
U     "C2'" "H2'"  sing N N 247 
U     "O2'" "HO2'" sing N N 248 
U     "C1'" N1     sing N N 249 
U     "C1'" "H1'"  sing N N 250 
U     N1    C2     sing N N 251 
U     N1    C6     sing N N 252 
U     C2    O2     doub N N 253 
U     C2    N3     sing N N 254 
U     N3    C4     sing N N 255 
U     N3    H3     sing N N 256 
U     C4    O4     doub N N 257 
U     C4    C5     sing N N 258 
U     C5    C6     doub N N 259 
U     C5    H5     sing N N 260 
U     C6    H6     sing N N 261 
# 
loop_
_ndb_struct_conf_na.entry_id 
_ndb_struct_conf_na.feature 
8XZP 'double helix'         
8XZP 'a-form double helix'  
8XZP 'hairpin loop'         
8XZP 'bulge loop'           
8XZP 'mismatched base pair' 
8XZP 'triple helix'         
# 
loop_
_ndb_struct_na_base_pair.model_number 
_ndb_struct_na_base_pair.i_label_asym_id 
_ndb_struct_na_base_pair.i_label_comp_id 
_ndb_struct_na_base_pair.i_label_seq_id 
_ndb_struct_na_base_pair.i_symmetry 
_ndb_struct_na_base_pair.j_label_asym_id 
_ndb_struct_na_base_pair.j_label_comp_id 
_ndb_struct_na_base_pair.j_label_seq_id 
_ndb_struct_na_base_pair.j_symmetry 
_ndb_struct_na_base_pair.shear 
_ndb_struct_na_base_pair.stretch 
_ndb_struct_na_base_pair.stagger 
_ndb_struct_na_base_pair.buckle 
_ndb_struct_na_base_pair.propeller 
_ndb_struct_na_base_pair.opening 
_ndb_struct_na_base_pair.pair_number 
_ndb_struct_na_base_pair.pair_name 
_ndb_struct_na_base_pair.i_auth_asym_id 
_ndb_struct_na_base_pair.i_auth_seq_id 
_ndb_struct_na_base_pair.i_PDB_ins_code 
_ndb_struct_na_base_pair.j_auth_asym_id 
_ndb_struct_na_base_pair.j_auth_seq_id 
_ndb_struct_na_base_pair.j_PDB_ins_code 
_ndb_struct_na_base_pair.hbond_type_28 
_ndb_struct_na_base_pair.hbond_type_12 
1 A GTP 1  1_555 A U 53 1_555 -2.385 -0.518 -0.405 -4.657  1.073   -7.325  1  A_GTP1:U53_A A 1  ? A 53 ? 28 1  
1 A G   2  1_555 A C 52 1_555 -0.269 -0.106 -0.010 0.025   -12.297 1.675   2  A_G2:C52_A   A 2  ? A 52 ? 19 1  
1 A G   3  1_555 A C 51 1_555 -0.396 -0.204 -0.005 -5.003  -15.457 4.444   3  A_G3:C51_A   A 3  ? A 51 ? 19 1  
1 A U   4  1_555 A G 50 1_555 2.334  -0.545 0.136  -5.560  -12.885 1.559   4  A_U4:G50_A   A 4  ? A 50 ? 28 1  
1 A G   5  1_555 A C 49 1_555 -0.109 -0.093 -0.409 -8.044  -12.571 0.416   5  A_G5:C49_A   A 5  ? A 49 ? 19 1  
1 A U   6  1_555 A G 48 1_555 2.470  -0.711 -0.053 -2.261  -0.889  -4.683  6  A_U6:G48_A   A 6  ? A 48 ? 28 1  
1 A G   7  1_555 A A 47 1_555 6.969  -4.658 0.291  11.189  -3.653  -9.727  7  A_G7:A47_A   A 7  ? A 47 ? 11 10 
1 A A   9  1_555 A G 46 1_555 -6.868 -4.381 0.658  -17.163 -11.554 1.217   8  A_A9:G46_A   A 9  ? A 46 ? 11 9  
1 A C   10 1_555 A G 45 1_555 0.071  -0.228 0.170  -0.719  -6.066  -3.494  9  A_C10:G45_A  A 10 ? A 45 ? 19 1  
1 A C   11 1_555 A G 44 1_555 -0.053 -0.230 -0.108 3.937   -12.147 -3.330  10 A_C11:G44_A  A 11 ? A 44 ? 19 1  
1 A G   12 1_555 A C 43 1_555 -0.327 -0.145 0.144  -12.157 -20.148 2.072   11 A_G12:C43_A  A 12 ? A 43 ? 19 1  
1 A U   13 1_555 A A 42 1_555 -0.144 -0.076 0.460  -16.425 -10.810 -2.218  12 A_U13:A42_A  A 13 ? A 42 ? 20 1  
1 A G   21 1_555 A C 40 1_555 -0.206 -0.136 0.226  1.725   -13.360 2.953   13 A_G21:C40_A  A 21 ? A 40 ? 19 1  
1 A U   22 1_555 A A 39 1_555 -0.023 -0.148 0.100  -2.786  -18.305 5.023   14 A_U22:A39_A  A 22 ? A 39 ? 20 1  
1 A C   23 1_555 A G 38 1_555 0.253  -0.254 0.053  0.207   -14.355 -2.269  15 A_C23:G38_A  A 23 ? A 38 ? 19 1  
1 A C   24 1_555 A G 37 1_555 0.154  -0.161 0.122  -0.090  -15.382 0.192   16 A_C24:G37_A  A 24 ? A 37 ? 19 1  
1 A C   25 1_555 A G 36 1_555 0.109  -0.106 0.044  1.347   -11.945 1.677   17 A_C25:G36_A  A 25 ? A 36 ? 19 1  
1 A A   26 1_555 A U 35 1_555 0.050  -0.109 0.081  -4.996  -13.895 5.367   18 A_A26:U35_A  A 26 ? A 35 ? 20 1  
1 A G   27 1_555 A C 34 1_555 -0.200 -0.001 0.349  -5.938  -12.905 5.039   19 A_G27:C34_A  A 27 ? A 34 ? 19 1  
1 A C   28 1_555 A G 32 1_555 0.255  -0.126 -0.264 6.049   1.605   -1.394  20 A_C28:G32_A  A 28 ? A 32 ? 19 1  
1 A U   14 1_555 A A 17 1_555 -1.171 3.822  -0.067 -0.457  18.087  -79.600 21 A_U14:A17_A  A 14 ? A 17 ? 23 3  
# 
loop_
_ndb_struct_na_base_pair_step.model_number 
_ndb_struct_na_base_pair_step.i_label_asym_id_1 
_ndb_struct_na_base_pair_step.i_label_comp_id_1 
_ndb_struct_na_base_pair_step.i_label_seq_id_1 
_ndb_struct_na_base_pair_step.i_symmetry_1 
_ndb_struct_na_base_pair_step.j_label_asym_id_1 
_ndb_struct_na_base_pair_step.j_label_comp_id_1 
_ndb_struct_na_base_pair_step.j_label_seq_id_1 
_ndb_struct_na_base_pair_step.j_symmetry_1 
_ndb_struct_na_base_pair_step.i_label_asym_id_2 
_ndb_struct_na_base_pair_step.i_label_comp_id_2 
_ndb_struct_na_base_pair_step.i_label_seq_id_2 
_ndb_struct_na_base_pair_step.i_symmetry_2 
_ndb_struct_na_base_pair_step.j_label_asym_id_2 
_ndb_struct_na_base_pair_step.j_label_comp_id_2 
_ndb_struct_na_base_pair_step.j_label_seq_id_2 
_ndb_struct_na_base_pair_step.j_symmetry_2 
_ndb_struct_na_base_pair_step.shift 
_ndb_struct_na_base_pair_step.slide 
_ndb_struct_na_base_pair_step.rise 
_ndb_struct_na_base_pair_step.tilt 
_ndb_struct_na_base_pair_step.roll 
_ndb_struct_na_base_pair_step.twist 
_ndb_struct_na_base_pair_step.x_displacement 
_ndb_struct_na_base_pair_step.y_displacement 
_ndb_struct_na_base_pair_step.helical_rise 
_ndb_struct_na_base_pair_step.inclination 
_ndb_struct_na_base_pair_step.tip 
_ndb_struct_na_base_pair_step.helical_twist 
_ndb_struct_na_base_pair_step.step_number 
_ndb_struct_na_base_pair_step.step_name 
_ndb_struct_na_base_pair_step.i_auth_asym_id_1 
_ndb_struct_na_base_pair_step.i_auth_seq_id_1 
_ndb_struct_na_base_pair_step.i_PDB_ins_code_1 
_ndb_struct_na_base_pair_step.j_auth_asym_id_1 
_ndb_struct_na_base_pair_step.j_auth_seq_id_1 
_ndb_struct_na_base_pair_step.j_PDB_ins_code_1 
_ndb_struct_na_base_pair_step.i_auth_asym_id_2 
_ndb_struct_na_base_pair_step.i_auth_seq_id_2 
_ndb_struct_na_base_pair_step.i_PDB_ins_code_2 
_ndb_struct_na_base_pair_step.j_auth_asym_id_2 
_ndb_struct_na_base_pair_step.j_auth_seq_id_2 
_ndb_struct_na_base_pair_step.j_PDB_ins_code_2 
1 A GTP 1  1_555 A U 53 1_555 A G 2  1_555 A C 52 1_555 0.074  -1.355 3.298 -6.430 6.001  39.383 -2.628  -0.818 3.020 8.772  9.399 
40.315 1  AA_GTP1G2:C52U53_AA A 1  ? A 53 ? A 2  ? A 52 ? 
1 A G   2  1_555 A C 52 1_555 A G 3  1_555 A C 51 1_555 0.083  -1.836 3.341 -0.819 5.855  31.397 -4.369  -0.295 2.956 10.701 1.497 
31.935 2  AA_G2G3:C51C52_AA   A 2  ? A 52 ? A 3  ? A 51 ? 
1 A G   3  1_555 A C 51 1_555 A U 4  1_555 A G 50 1_555 0.199  -1.377 3.302 2.144  4.836  41.664 -2.418  -0.057 3.136 6.766  
-3.000  41.984 3  AA_G3U4:G50C51_AA   A 3  ? A 51 ? A 4  ? A 50 ? 
1 A U   4  1_555 A G 50 1_555 A G 5  1_555 A C 49 1_555 -0.489 -2.056 3.229 5.667  10.488 24.000 -6.744  2.300  2.005 23.460 
-12.675 26.759 4  AA_U4G5:C49G50_AA   A 4  ? A 50 ? A 5  ? A 49 ? 
1 A G   5  1_555 A C 49 1_555 A U 6  1_555 A G 48 1_555 -0.030 -1.149 3.210 -1.162 4.858  38.848 -2.273  -0.088 3.049 7.267  1.738 
39.156 5  AA_G5U6:G48C49_AA   A 5  ? A 49 ? A 6  ? A 48 ? 
1 A U   6  1_555 A G 48 1_555 A G 7  1_555 A A 47 1_555 -0.057 -1.298 3.003 4.568  7.192  52.365 -1.867  0.326  2.801 8.088  
-5.138  53.005 6  AA_U6G7:A47G48_AA   A 6  ? A 48 ? A 7  ? A 47 ? 
1 A G   7  1_555 A A 47 1_555 A A 9  1_555 A G 46 1_555 -1.984 -0.418 5.585 7.629  17.953 5.828  -12.962 10.621 0.495 67.668 
-28.756 20.351 7  AA_G7A9:G46A47_AA   A 7  ? A 47 ? A 9  ? A 46 ? 
1 A A   9  1_555 A G 46 1_555 A C 10 1_555 A G 45 1_555 0.063  -0.607 3.060 -0.321 7.715  59.248 -0.967  -0.078 2.967 7.768  0.323 
59.704 8  AA_A9C10:G45G46_AA  A 9  ? A 46 ? A 10 ? A 45 ? 
1 A C   10 1_555 A G 45 1_555 A C 11 1_555 A G 44 1_555 0.454  -2.290 3.086 3.558  4.367  25.052 -6.257  -0.123 2.692 9.908  
-8.073  25.668 9  AA_C10C11:G44G45_AA A 10 ? A 45 ? A 11 ? A 44 ? 
1 A C   11 1_555 A G 44 1_555 A G 12 1_555 A C 43 1_555 0.381  -1.875 3.419 -0.683 15.033 33.471 -4.906  -0.695 2.380 24.615 1.118 
36.610 10 AA_C11G12:C43G44_AA A 11 ? A 44 ? A 12 ? A 43 ? 
1 A G   12 1_555 A C 43 1_555 A U 13 1_555 A A 42 1_555 -0.158 -1.403 3.382 -1.403 3.883  32.926 -3.115  0.039  3.204 6.818  2.464 
33.176 11 AA_G12U13:A42C43_AA A 12 ? A 43 ? A 13 ? A 42 ? 
1 A U   13 1_555 A A 42 1_555 A G 21 1_555 A C 40 1_555 -2.794 -2.900 5.840 2.313  1.671  78.046 -2.385  2.332  5.715 1.327  
-1.836  78.090 12 AA_U13G21:C40A42_AA A 13 ? A 42 ? A 21 ? A 40 ? 
1 A G   21 1_555 A C 40 1_555 A U 22 1_555 A A 39 1_555 -0.184 -1.344 3.348 -0.085 8.841  32.509 -3.722  0.304  2.893 15.439 0.148 
33.659 13 AA_G21U22:A39C40_AA A 21 ? A 40 ? A 22 ? A 39 ? 
1 A U   22 1_555 A A 39 1_555 A C 23 1_555 A G 38 1_555 -0.486 -1.269 3.136 -0.788 6.881  33.606 -3.149  0.711  2.839 11.746 1.345 
34.292 14 AA_U22C23:G38A39_AA A 22 ? A 39 ? A 23 ? A 38 ? 
1 A C   23 1_555 A G 38 1_555 A C 24 1_555 A G 37 1_555 0.544  -1.591 3.199 3.296  8.969  33.554 -3.917  -0.444 2.736 15.158 
-5.570  34.851 15 AA_C23C24:G37G38_AA A 23 ? A 38 ? A 24 ? A 37 ? 
1 A C   24 1_555 A G 37 1_555 A C 25 1_555 A G 36 1_555 0.728  -1.881 3.156 2.756  5.753  26.529 -5.306  -0.913 2.754 12.311 
-5.897  27.272 16 AA_C24C25:G36G37_AA A 24 ? A 37 ? A 25 ? A 36 ? 
1 A C   25 1_555 A G 36 1_555 A A 26 1_555 A U 35 1_555 0.235  -1.667 3.300 0.940  8.731  30.561 -4.552  -0.267 2.737 16.150 
-1.739  31.769 17 AA_C25A26:U35G36_AA A 25 ? A 36 ? A 26 ? A 35 ? 
1 A A   26 1_555 A U 35 1_555 A G 27 1_555 A C 34 1_555 -0.189 -1.553 3.212 -0.531 1.499  33.755 -2.908  0.241  3.145 2.580  0.914 
33.791 18 AA_A26G27:C34U35_AA A 26 ? A 35 ? A 27 ? A 34 ? 
1 A G   27 1_555 A C 34 1_555 A C 28 1_555 A G 32 1_555 -0.545 -0.624 3.003 8.558  9.356  26.676 -2.952  2.648  2.372 18.975 
-17.356 29.487 19 AA_G27C28:G32C34_AA A 27 ? A 34 ? A 28 ? A 32 ? 
# 
_pdbx_audit_support.funding_organization   'National Natural Science Foundation of China (NSFC)' 
_pdbx_audit_support.country                China 
_pdbx_audit_support.grant_number           ? 
_pdbx_audit_support.ordinal                1 
# 
_pdbx_entity_instance_feature.ordinal        1 
_pdbx_entity_instance_feature.comp_id        A1LXN 
_pdbx_entity_instance_feature.asym_id        ? 
_pdbx_entity_instance_feature.seq_num        ? 
_pdbx_entity_instance_feature.auth_comp_id   A1LXN 
_pdbx_entity_instance_feature.auth_asym_id   ? 
_pdbx_entity_instance_feature.auth_seq_num   ? 
_pdbx_entity_instance_feature.feature_type   'SUBJECT OF INVESTIGATION' 
_pdbx_entity_instance_feature.details        ? 
# 
_pdbx_initial_refinement_model.id               1 
_pdbx_initial_refinement_model.entity_id_list   ? 
_pdbx_initial_refinement_model.type             'experimental model' 
_pdbx_initial_refinement_model.source_name      PDB 
_pdbx_initial_refinement_model.accession_code   8XZE 
_pdbx_initial_refinement_model.details          ? 
# 
_atom_sites.entry_id                    8XZP 
_atom_sites.Cartn_transf_matrix[1][1]   ? 
_atom_sites.Cartn_transf_matrix[1][2]   ? 
_atom_sites.Cartn_transf_matrix[1][3]   ? 
_atom_sites.Cartn_transf_matrix[2][1]   ? 
_atom_sites.Cartn_transf_matrix[2][2]   ? 
_atom_sites.Cartn_transf_matrix[2][3]   ? 
_atom_sites.Cartn_transf_matrix[3][1]   ? 
_atom_sites.Cartn_transf_matrix[3][2]   ? 
_atom_sites.Cartn_transf_matrix[3][3]   ? 
_atom_sites.Cartn_transf_vector[1]      ? 
_atom_sites.Cartn_transf_vector[2]      ? 
_atom_sites.Cartn_transf_vector[3]      ? 
_atom_sites.Cartn_transform_axes        ? 
_atom_sites.fract_transf_matrix[1][1]   -0.00950818 
_atom_sites.fract_transf_matrix[1][2]   -0.01757148 
_atom_sites.fract_transf_matrix[1][3]   -0.00290398 
_atom_sites.fract_transf_matrix[2][1]   -0.00579795 
_atom_sites.fract_transf_matrix[2][2]   0.00564848 
_atom_sites.fract_transf_matrix[2][3]   -0.01519438 
_atom_sites.fract_transf_matrix[3][1]   0.01319791 
_atom_sites.fract_transf_matrix[3][2]   -0.00594408 
_atom_sites.fract_transf_matrix[3][3]   -0.00724583 
_atom_sites.fract_transf_vector[1]      0.544065 
_atom_sites.fract_transf_vector[2]      0.380936 
_atom_sites.fract_transf_vector[3]      0.435572 
_atom_sites.solution_primary            ? 
_atom_sites.solution_secondary          ? 
_atom_sites.solution_hydrogens          ? 
_atom_sites.special_details             ? 
# 
loop_
_atom_type.symbol 
C  
MG 
N  
O  
P  
# 
loop_
_atom_site.group_PDB 
_atom_site.id 
_atom_site.type_symbol 
_atom_site.label_atom_id 
_atom_site.label_alt_id 
_atom_site.label_comp_id 
_atom_site.label_asym_id 
_atom_site.label_entity_id 
_atom_site.label_seq_id 
_atom_site.pdbx_PDB_ins_code 
_atom_site.Cartn_x 
_atom_site.Cartn_y 
_atom_site.Cartn_z 
_atom_site.occupancy 
_atom_site.B_iso_or_equiv 
_atom_site.pdbx_formal_charge 
_atom_site.auth_seq_id 
_atom_site.auth_comp_id 
_atom_site.auth_asym_id 
_atom_site.auth_atom_id 
_atom_site.pdbx_PDB_model_num 
HETATM 1    P  PG    . GTP   A 1 1  ? 21.840  2.686   -25.064 1.00 130.03 ? 1   GTP   A PG    1 
HETATM 2    O  O1G   . GTP   A 1 1  ? 22.260  1.409   -24.374 1.00 113.65 ? 1   GTP   A O1G   1 
HETATM 3    O  O2G   . GTP   A 1 1  ? 20.465  2.550   -25.690 1.00 119.64 ? 1   GTP   A O2G   1 
HETATM 4    O  O3G   . GTP   A 1 1  ? 22.843  2.946   -26.167 1.00 126.53 ? 1   GTP   A O3G   1 
HETATM 5    O  O3B   . GTP   A 1 1  ? 21.856  3.919   -24.002 1.00 128.85 ? 1   GTP   A O3B   1 
HETATM 6    P  PB    . GTP   A 1 1  ? 21.151  3.922   -22.535 1.00 133.15 ? 1   GTP   A PB    1 
HETATM 7    O  O1B   . GTP   A 1 1  ? 21.795  4.991   -21.671 1.00 121.12 ? 1   GTP   A O1B   1 
HETATM 8    O  O2B   . GTP   A 1 1  ? 19.660  4.166   -22.649 1.00 124.31 ? 1   GTP   A O2B   1 
HETATM 9    O  O3A   . GTP   A 1 1  ? 21.456  2.468   -21.890 1.00 116.97 ? 1   GTP   A O3A   1 
HETATM 10   P  PA    . GTP   A 1 1  ? 20.516  1.790   -20.758 1.00 117.04 ? 1   GTP   A PA    1 
HETATM 11   O  O1A   . GTP   A 1 1  ? 21.374  1.087   -19.723 1.00 105.15 ? 1   GTP   A O1A   1 
HETATM 12   O  O2A   . GTP   A 1 1  ? 19.634  2.826   -20.094 1.00 116.39 ? 1   GTP   A O2A   1 
HETATM 13   O  "O5'" . GTP   A 1 1  ? 19.621  0.719   -21.587 1.00 101.87 ? 1   GTP   A "O5'" 1 
HETATM 14   C  "C5'" . GTP   A 1 1  ? 19.457  0.809   -22.991 1.00 96.15  ? 1   GTP   A "C5'" 1 
HETATM 15   C  "C4'" . GTP   A 1 1  ? 19.480  -0.555  -23.683 1.00 89.59  ? 1   GTP   A "C4'" 1 
HETATM 16   O  "O4'" . GTP   A 1 1  ? 20.812  -0.875  -24.047 1.00 90.49  ? 1   GTP   A "O4'" 1 
HETATM 17   C  "C3'" . GTP   A 1 1  ? 19.020  -1.707  -22.808 1.00 82.27  ? 1   GTP   A "C3'" 1 
HETATM 18   O  "O3'" . GTP   A 1 1  ? 17.650  -1.981  -22.965 1.00 79.34  ? 1   GTP   A "O3'" 1 
HETATM 19   C  "C2'" . GTP   A 1 1  ? 19.868  -2.871  -23.281 1.00 77.73  ? 1   GTP   A "C2'" 1 
HETATM 20   O  "O2'" . GTP   A 1 1  ? 19.226  -3.555  -24.327 1.00 74.56  ? 1   GTP   A "O2'" 1 
HETATM 21   C  "C1'" . GTP   A 1 1  ? 21.146  -2.234  -23.800 1.00 79.54  ? 1   GTP   A "C1'" 1 
HETATM 22   N  N9    . GTP   A 1 1  ? 22.193  -2.324  -22.747 1.00 78.91  ? 1   GTP   A N9    1 
HETATM 23   C  C8    . GTP   A 1 1  ? 22.830  -1.255  -22.160 1.00 80.51  ? 1   GTP   A C8    1 
HETATM 24   N  N7    . GTP   A 1 1  ? 23.716  -1.710  -21.245 1.00 76.76  ? 1   GTP   A N7    1 
HETATM 25   C  C5    . GTP   A 1 1  ? 23.676  -3.063  -21.233 1.00 72.85  ? 1   GTP   A C5    1 
HETATM 26   C  C6    . GTP   A 1 1  ? 24.374  -4.017  -20.488 1.00 66.13  ? 1   GTP   A C6    1 
HETATM 27   O  O6    . GTP   A 1 1  ? 25.220  -3.688  -19.649 1.00 62.27  ? 1   GTP   A O6    1 
HETATM 28   N  N1    . GTP   A 1 1  ? 24.110  -5.356  -20.693 1.00 67.16  ? 1   GTP   A N1    1 
HETATM 29   C  C2    . GTP   A 1 1  ? 23.168  -5.744  -21.626 1.00 67.87  ? 1   GTP   A C2    1 
HETATM 30   N  N2    . GTP   A 1 1  ? 22.923  -7.037  -21.809 1.00 64.20  ? 1   GTP   A N2    1 
HETATM 31   N  N3    . GTP   A 1 1  ? 22.483  -4.794  -22.359 1.00 70.24  ? 1   GTP   A N3    1 
HETATM 32   C  C4    . GTP   A 1 1  ? 22.725  -3.467  -22.171 1.00 73.76  ? 1   GTP   A C4    1 
ATOM   33   P  P     . G     A 1 2  ? 16.949  -1.951  -21.572 1.00 81.83  ? 2   G     A P     1 
ATOM   34   O  OP1   . G     A 1 2  ? 15.600  -1.995  -22.200 1.00 82.82  ? 2   G     A OP1   1 
ATOM   35   O  OP2   . G     A 1 2  ? 17.182  -0.969  -20.477 1.00 83.33  ? 2   G     A OP2   1 
ATOM   36   O  "O5'" . G     A 1 2  ? 17.294  -3.419  -21.046 1.00 72.26  ? 2   G     A "O5'" 1 
ATOM   37   C  "C5'" . G     A 1 2  ? 16.909  -4.573  -21.786 1.00 69.83  ? 2   G     A "C5'" 1 
ATOM   38   C  "C4'" . G     A 1 2  ? 17.559  -5.840  -21.269 1.00 67.16  ? 2   G     A "C4'" 1 
ATOM   39   O  "O4'" . G     A 1 2  ? 18.996  -5.790  -21.474 1.00 66.82  ? 2   G     A "O4'" 1 
ATOM   40   C  "C3'" . G     A 1 2  ? 17.410  -6.132  -19.782 1.00 63.30  ? 2   G     A "C3'" 1 
ATOM   41   O  "O3'" . G     A 1 2  ? 16.151  -6.683  -19.442 1.00 64.86  ? 2   G     A "O3'" 1 
ATOM   42   C  "C2'" . G     A 1 2  ? 18.581  -7.068  -19.521 1.00 61.34  ? 2   G     A "C2'" 1 
ATOM   43   O  "O2'" . G     A 1 2  ? 18.303  -8.371  -20.004 1.00 60.09  ? 2   G     A "O2'" 1 
ATOM   44   C  "C1'" . G     A 1 2  ? 19.655  -6.441  -20.405 1.00 65.79  ? 2   G     A "C1'" 1 
ATOM   45   N  N9    . G     A 1 2  ? 20.427  -5.435  -19.650 1.00 65.72  ? 2   G     A N9    1 
ATOM   46   C  C8    . G     A 1 2  ? 20.362  -4.070  -19.781 1.00 66.47  ? 2   G     A C8    1 
ATOM   47   N  N7    . G     A 1 2  ? 21.150  -3.432  -18.957 1.00 65.84  ? 2   G     A N7    1 
ATOM   48   C  C5    . G     A 1 2  ? 21.765  -4.435  -18.222 1.00 62.81  ? 2   G     A C5    1 
ATOM   49   C  C6    . G     A 1 2  ? 22.725  -4.351  -17.174 1.00 58.03  ? 2   G     A C6    1 
ATOM   50   O  O6    . G     A 1 2  ? 23.250  -3.347  -16.669 1.00 53.58  ? 2   G     A O6    1 
ATOM   51   N  N1    . G     A 1 2  ? 23.081  -5.617  -16.718 1.00 58.30  ? 2   G     A N1    1 
ATOM   52   C  C2    . G     A 1 2  ? 22.584  -6.808  -17.198 1.00 58.84  ? 2   G     A C2    1 
ATOM   53   N  N2    . G     A 1 2  ? 23.061  -7.916  -16.609 1.00 55.41  ? 2   G     A N2    1 
ATOM   54   N  N3    . G     A 1 2  ? 21.691  -6.904  -18.172 1.00 56.36  ? 2   G     A N3    1 
ATOM   55   C  C4    . G     A 1 2  ? 21.329  -5.684  -18.637 1.00 63.18  ? 2   G     A C4    1 
ATOM   56   P  P     . G     A 1 3  ? 15.484  -6.377  -18.009 1.00 68.06  ? 3   G     A P     1 
ATOM   57   O  OP1   . G     A 1 3  ? 14.115  -6.958  -18.022 1.00 69.97  ? 3   G     A OP1   1 
ATOM   58   O  OP2   . G     A 1 3  ? 15.630  -4.934  -17.683 1.00 68.63  ? 3   G     A OP2   1 
ATOM   59   O  "O5'" . G     A 1 3  ? 16.367  -7.231  -16.997 1.00 60.20  ? 3   G     A "O5'" 1 
ATOM   60   C  "C5'" . G     A 1 3  ? 16.489  -8.637  -17.154 1.00 61.63  ? 3   G     A "C5'" 1 
ATOM   61   C  "C4'" . G     A 1 3  ? 17.456  -9.212  -16.154 1.00 59.70  ? 3   G     A "C4'" 1 
ATOM   62   O  "O4'" . G     A 1 3  ? 18.796  -8.728  -16.430 1.00 59.85  ? 3   G     A "O4'" 1 
ATOM   63   C  "C3'" . G     A 1 3  ? 17.220  -8.806  -14.713 1.00 55.75  ? 3   G     A "C3'" 1 
ATOM   64   O  "O3'" . G     A 1 3  ? 16.193  -9.533  -14.079 1.00 60.21  ? 3   G     A "O3'" 1 
ATOM   65   C  "C2'" . G     A 1 3  ? 18.584  -9.020  -14.089 1.00 55.05  ? 3   G     A "C2'" 1 
ATOM   66   O  "O2'" . G     A 1 3  ? 18.817  -10.404 -13.880 1.00 56.66  ? 3   G     A "O2'" 1 
ATOM   67   C  "C1'" . G     A 1 3  ? 19.492  -8.537  -15.214 1.00 55.08  ? 3   G     A "C1'" 1 
ATOM   68   N  N9    . G     A 1 3  ? 19.814  -7.104  -15.071 1.00 56.28  ? 3   G     A N9    1 
ATOM   69   C  C8    . G     A 1 3  ? 19.301  -6.038  -15.778 1.00 57.95  ? 3   G     A C8    1 
ATOM   70   N  N7    . G     A 1 3  ? 19.799  -4.885  -15.408 1.00 54.26  ? 3   G     A N7    1 
ATOM   71   C  C5    . G     A 1 3  ? 20.692  -5.209  -14.396 1.00 52.12  ? 3   G     A C5    1 
ATOM   72   C  C6    . G     A 1 3  ? 21.528  -4.377  -13.610 1.00 50.41  ? 3   G     A C6    1 
ATOM   73   O  O6    . G     A 1 3  ? 21.643  -3.143  -13.667 1.00 48.83  ? 3   G     A O6    1 
ATOM   74   N  N1    . G     A 1 3  ? 22.266  -5.121  -12.687 1.00 48.09  ? 3   G     A N1    1 
ATOM   75   C  C2    . G     A 1 3  ? 22.204  -6.488  -12.553 1.00 50.39  ? 3   G     A C2    1 
ATOM   76   N  N2    . G     A 1 3  ? 22.985  -7.045  -11.621 1.00 50.21  ? 3   G     A N2    1 
ATOM   77   N  N3    . G     A 1 3  ? 21.431  -7.272  -13.281 1.00 54.75  ? 3   G     A N3    1 
ATOM   78   C  C4    . G     A 1 3  ? 20.708  -6.568  -14.175 1.00 52.78  ? 3   G     A C4    1 
ATOM   79   P  P     . U     A 1 4  ? 15.267  -8.782  -13.010 1.00 63.53  ? 4   U     A P     1 
ATOM   80   O  OP1   . U     A 1 4  ? 14.278  -9.737  -12.440 1.00 66.47  ? 4   U     A OP1   1 
ATOM   81   O  OP2   . U     A 1 4  ? 14.853  -7.517  -13.667 1.00 53.85  ? 4   U     A OP2   1 
ATOM   82   O  "O5'" . U     A 1 4  ? 16.271  -8.425  -11.829 1.00 55.60  ? 4   U     A "O5'" 1 
ATOM   83   C  "C5'" . U     A 1 4  ? 16.709  -9.424  -10.929 1.00 52.78  ? 4   U     A "C5'" 1 
ATOM   84   C  "C4'" . U     A 1 4  ? 17.805  -8.893  -10.052 1.00 51.04  ? 4   U     A "C4'" 1 
ATOM   85   O  "O4'" . U     A 1 4  ? 18.765  -8.181  -10.873 1.00 54.04  ? 4   U     A "O4'" 1 
ATOM   86   C  "C3'" . U     A 1 4  ? 17.388  -7.860  -9.025  1.00 51.53  ? 4   U     A "C3'" 1 
ATOM   87   O  "O3'" . U     A 1 4  ? 16.792  -8.416  -7.876  1.00 49.14  ? 4   U     A "O3'" 1 
ATOM   88   C  "C2'" . U     A 1 4  ? 18.697  -7.146  -8.741  1.00 48.59  ? 4   U     A "C2'" 1 
ATOM   89   O  "O2'" . U     A 1 4  ? 19.527  -7.961  -7.931  1.00 45.63  ? 4   U     A "O2'" 1 
ATOM   90   C  "C1'" . U     A 1 4  ? 19.306  -7.100  -10.140 1.00 50.03  ? 4   U     A "C1'" 1 
ATOM   91   N  N1    . U     A 1 4  ? 19.010  -5.827  -10.845 1.00 51.83  ? 4   U     A N1    1 
ATOM   92   C  C2    . U     A 1 4  ? 19.765  -4.734  -10.460 1.00 49.24  ? 4   U     A C2    1 
ATOM   93   O  O2    . U     A 1 4  ? 20.610  -4.802  -9.589  1.00 46.93  ? 4   U     A O2    1 
ATOM   94   N  N3    . U     A 1 4  ? 19.497  -3.561  -11.118 1.00 46.96  ? 4   U     A N3    1 
ATOM   95   C  C4    . U     A 1 4  ? 18.565  -3.362  -12.113 1.00 51.73  ? 4   U     A C4    1 
ATOM   96   O  O4    . U     A 1 4  ? 18.446  -2.232  -12.606 1.00 50.95  ? 4   U     A O4    1 
ATOM   97   C  C5    . U     A 1 4  ? 17.818  -4.539  -12.454 1.00 47.89  ? 4   U     A C5    1 
ATOM   98   C  C6    . U     A 1 4  ? 18.059  -5.702  -11.832 1.00 49.46  ? 4   U     A C6    1 
ATOM   99   P  P     . G     A 1 5  ? 15.793  -7.521  -6.994  1.00 54.66  ? 5   G     A P     1 
ATOM   100  O  OP1   . G     A 1 5  ? 15.026  -8.453  -6.133  1.00 52.04  ? 5   G     A OP1   1 
ATOM   101  O  OP2   . G     A 1 5  ? 15.063  -6.580  -7.880  1.00 48.77  ? 5   G     A OP2   1 
ATOM   102  O  "O5'" . G     A 1 5  ? 16.766  -6.664  -6.078  1.00 49.45  ? 5   G     A "O5'" 1 
ATOM   103  C  "C5'" . G     A 1 5  ? 17.539  -7.281  -5.065  1.00 48.06  ? 5   G     A "C5'" 1 
ATOM   104  C  "C4'" . G     A 1 5  ? 18.387  -6.266  -4.348  1.00 46.59  ? 5   G     A "C4'" 1 
ATOM   105  O  "O4'" . G     A 1 5  ? 19.334  -5.691  -5.284  1.00 47.17  ? 5   G     A "O4'" 1 
ATOM   106  C  "C3'" . G     A 1 5  ? 17.660  -5.053  -3.791  1.00 47.13  ? 5   G     A "C3'" 1 
ATOM   107  O  "O3'" . G     A 1 5  ? 16.974  -5.289  -2.573  1.00 42.28  ? 5   G     A "O3'" 1 
ATOM   108  C  "C2'" . G     A 1 5  ? 18.786  -4.034  -3.678  1.00 48.39  ? 5   G     A "C2'" 1 
ATOM   109  O  "O2'" . G     A 1 5  ? 19.616  -4.327  -2.560  1.00 48.98  ? 5   G     A "O2'" 1 
ATOM   110  C  "C1'" . G     A 1 5  ? 19.573  -4.336  -4.951  1.00 48.30  ? 5   G     A "C1'" 1 
ATOM   111  N  N9    . G     A 1 5  ? 19.139  -3.488  -6.078  1.00 46.25  ? 5   G     A N9    1 
ATOM   112  C  C8    . G     A 1 5  ? 18.209  -3.801  -7.043  1.00 45.19  ? 5   G     A C8    1 
ATOM   113  N  N7    . G     A 1 5  ? 18.041  -2.839  -7.910  1.00 49.05  ? 5   G     A N7    1 
ATOM   114  C  C5    . G     A 1 5  ? 18.912  -1.834  -7.494  1.00 45.17  ? 5   G     A C5    1 
ATOM   115  C  C6    . G     A 1 5  ? 19.171  -0.553  -8.037  1.00 46.71  ? 5   G     A C6    1 
ATOM   116  O  O6    . G     A 1 5  ? 18.671  -0.017  -9.040  1.00 43.86  ? 5   G     A O6    1 
ATOM   117  N  N1    . G     A 1 5  ? 20.122  0.139   -7.289  1.00 44.03  ? 5   G     A N1    1 
ATOM   118  C  C2    . G     A 1 5  ? 20.748  -0.331  -6.164  1.00 48.25  ? 5   G     A C2    1 
ATOM   119  N  N2    . G     A 1 5  ? 21.633  0.506   -5.578  1.00 45.10  ? 5   G     A N2    1 
ATOM   120  N  N3    . G     A 1 5  ? 20.516  -1.528  -5.651  1.00 44.55  ? 5   G     A N3    1 
ATOM   121  C  C4    . G     A 1 5  ? 19.593  -2.217  -6.360  1.00 45.14  ? 5   G     A C4    1 
ATOM   122  P  P     . U     A 1 6  ? 15.673  -4.424  -2.234  1.00 47.32  ? 6   U     A P     1 
ATOM   123  O  OP1   . U     A 1 6  ? 15.144  -4.862  -0.919  1.00 48.56  ? 6   U     A OP1   1 
ATOM   124  O  OP2   . U     A 1 6  ? 14.790  -4.361  -3.436  1.00 47.68  ? 6   U     A OP2   1 
ATOM   125  O  "O5'" . U     A 1 6  ? 16.238  -2.946  -2.062  1.00 45.21  ? 6   U     A "O5'" 1 
ATOM   126  C  "C5'" . U     A 1 6  ? 17.114  -2.624  -0.993  1.00 44.90  ? 6   U     A "C5'" 1 
ATOM   127  C  "C4'" . U     A 1 6  ? 17.642  -1.215  -1.125  1.00 39.97  ? 6   U     A "C4'" 1 
ATOM   128  O  "O4'" . U     A 1 6  ? 18.360  -1.076  -2.380  1.00 46.73  ? 6   U     A "O4'" 1 
ATOM   129  C  "C3'" . U     A 1 6  ? 16.602  -0.118  -1.187  1.00 40.07  ? 6   U     A "C3'" 1 
ATOM   130  O  "O3'" . U     A 1 6  ? 16.070  0.218   0.081   1.00 41.48  ? 6   U     A "O3'" 1 
ATOM   131  C  "C2'" . U     A 1 6  ? 17.362  1.012   -1.877  1.00 42.42  ? 6   U     A "C2'" 1 
ATOM   132  O  "O2'" . U     A 1 6  ? 18.257  1.655   -0.982  1.00 38.10  ? 6   U     A "O2'" 1 
ATOM   133  C  "C1'" . U     A 1 6  ? 18.189  0.230   -2.891  1.00 42.80  ? 6   U     A "C1'" 1 
ATOM   134  N  N1    . U     A 1 6  ? 17.486  0.144   -4.186  1.00 42.48  ? 6   U     A N1    1 
ATOM   135  C  C2    . U     A 1 6  ? 17.589  1.247   -5.015  1.00 43.17  ? 6   U     A C2    1 
ATOM   136  O  O2    . U     A 1 6  ? 18.240  2.241   -4.712  1.00 41.28  ? 6   U     A O2    1 
ATOM   137  N  N3    . U     A 1 6  ? 16.905  1.137   -6.204  1.00 41.78  ? 6   U     A N3    1 
ATOM   138  C  C4    . U     A 1 6  ? 16.154  0.059   -6.631  1.00 40.95  ? 6   U     A C4    1 
ATOM   139  O  O4    . U     A 1 6  ? 15.602  0.112   -7.723  1.00 41.43  ? 6   U     A O4    1 
ATOM   140  C  C5    . U     A 1 6  ? 16.086  -1.034  -5.711  1.00 43.57  ? 6   U     A C5    1 
ATOM   141  C  C6    . U     A 1 6  ? 16.742  -0.958  -4.544  1.00 44.64  ? 6   U     A C6    1 
ATOM   142  P  P     . G     A 1 7  ? 14.512  0.559   0.230   1.00 41.16  ? 7   G     A P     1 
ATOM   143  O  OP1   . G     A 1 7  ? 14.247  0.899   1.651   1.00 44.81  ? 7   G     A OP1   1 
ATOM   144  O  OP2   . G     A 1 7  ? 13.714  -0.488  -0.472  1.00 44.11  ? 7   G     A OP2   1 
ATOM   145  O  "O5'" . G     A 1 7  ? 14.337  1.897   -0.588  1.00 38.91  ? 7   G     A "O5'" 1 
ATOM   146  C  "C5'" . G     A 1 7  ? 15.094  3.035   -0.243  1.00 40.02  ? 7   G     A "C5'" 1 
ATOM   147  C  "C4'" . G     A 1 7  ? 15.019  4.039   -1.342  1.00 38.24  ? 7   G     A "C4'" 1 
ATOM   148  O  "O4'" . G     A 1 7  ? 15.504  3.450   -2.569  1.00 39.57  ? 7   G     A "O4'" 1 
ATOM   149  C  "C3'" . G     A 1 7  ? 13.613  4.499   -1.669  1.00 40.10  ? 7   G     A "C3'" 1 
ATOM   150  O  "O3'" . G     A 1 7  ? 13.226  5.506   -0.751  1.00 44.27  ? 7   G     A "O3'" 1 
ATOM   151  C  "C2'" . G     A 1 7  ? 13.739  4.946   -3.121  1.00 38.88  ? 7   G     A "C2'" 1 
ATOM   152  O  "O2'" . G     A 1 7  ? 14.290  6.252   -3.199  1.00 44.16  ? 7   G     A "O2'" 1 
ATOM   153  C  "C1'" . G     A 1 7  ? 14.776  3.948   -3.662  1.00 40.16  ? 7   G     A "C1'" 1 
ATOM   154  N  N9    . G     A 1 7  ? 14.164  2.794   -4.335  1.00 41.26  ? 7   G     A N9    1 
ATOM   155  C  C8    . G     A 1 7  ? 13.841  1.579   -3.768  1.00 41.39  ? 7   G     A C8    1 
ATOM   156  N  N7    . G     A 1 7  ? 13.313  0.739   -4.628  1.00 41.67  ? 7   G     A N7    1 
ATOM   157  C  C5    . G     A 1 7  ? 13.304  1.446   -5.831  1.00 42.01  ? 7   G     A C5    1 
ATOM   158  C  C6    . G     A 1 7  ? 12.853  1.065   -7.121  1.00 43.03  ? 7   G     A C6    1 
ATOM   159  O  O6    . G     A 1 7  ? 12.354  -0.010  -7.472  1.00 46.58  ? 7   G     A O6    1 
ATOM   160  N  N1    . G     A 1 7  ? 13.037  2.077   -8.045  1.00 38.93  ? 7   G     A N1    1 
ATOM   161  C  C2    . G     A 1 7  ? 13.578  3.309   -7.774  1.00 41.57  ? 7   G     A C2    1 
ATOM   162  N  N2    . G     A 1 7  ? 13.666  4.158   -8.811  1.00 42.61  ? 7   G     A N2    1 
ATOM   163  N  N3    . G     A 1 7  ? 13.994  3.687   -6.577  1.00 40.61  ? 7   G     A N3    1 
ATOM   164  C  C4    . G     A 1 7  ? 13.834  2.711   -5.666  1.00 40.95  ? 7   G     A C4    1 
ATOM   165  P  P     . U     A 1 8  ? 11.885  6.366   -0.891  1.00 41.41  ? 8   U     A P     1 
ATOM   166  O  OP1   . U     A 1 8  ? 11.397  6.545   0.495   1.00 41.56  ? 8   U     A OP1   1 
ATOM   167  O  OP2   . U     A 1 8  ? 10.985  5.798   -1.930  1.00 47.12  ? 8   U     A OP2   1 
ATOM   168  O  "O5'" . U     A 1 8  ? 12.432  7.786   -1.359  1.00 43.19  ? 8   U     A "O5'" 1 
ATOM   169  C  "C5'" . U     A 1 8  ? 13.561  8.347   -0.711  1.00 45.48  ? 8   U     A "C5'" 1 
ATOM   170  C  "C4'" . U     A 1 8  ? 13.965  9.662   -1.331  1.00 46.07  ? 8   U     A "C4'" 1 
ATOM   171  O  "O4'" . U     A 1 8  ? 14.549  9.455   -2.640  1.00 48.27  ? 8   U     A "O4'" 1 
ATOM   172  C  "C3'" . U     A 1 8  ? 12.840  10.636  -1.596  1.00 45.82  ? 8   U     A "C3'" 1 
ATOM   173  O  "O3'" . U     A 1 8  ? 12.421  11.302  -0.425  1.00 47.39  ? 8   U     A "O3'" 1 
ATOM   174  C  "C2'" . U     A 1 8  ? 13.445  11.561  -2.645  1.00 46.10  ? 8   U     A "C2'" 1 
ATOM   175  O  "O2'" . U     A 1 8  ? 14.320  12.506  -2.047  1.00 50.94  ? 8   U     A "O2'" 1 
ATOM   176  C  "C1'" . U     A 1 8  ? 14.302  10.590  -3.448  1.00 45.71  ? 8   U     A "C1'" 1 
ATOM   177  N  N1    . U     A 1 8  ? 13.674  10.181  -4.717  1.00 45.86  ? 8   U     A N1    1 
ATOM   178  C  C2    . U     A 1 8  ? 13.567  11.163  -5.684  1.00 48.94  ? 8   U     A C2    1 
ATOM   179  O  O2    . U     A 1 8  ? 13.932  12.317  -5.509  1.00 50.27  ? 8   U     A O2    1 
ATOM   180  N  N3    . U     A 1 8  ? 12.997  10.764  -6.863  1.00 46.80  ? 8   U     A N3    1 
ATOM   181  C  C4    . U     A 1 8  ? 12.542  9.509   -7.177  1.00 48.39  ? 8   U     A C4    1 
ATOM   182  O  O4    . U     A 1 8  ? 12.056  9.318   -8.295  1.00 51.99  ? 8   U     A O4    1 
ATOM   183  C  C5    . U     A 1 8  ? 12.697  8.540   -6.128  1.00 51.55  ? 8   U     A C5    1 
ATOM   184  C  C6    . U     A 1 8  ? 13.253  8.895   -4.956  1.00 49.52  ? 8   U     A C6    1 
ATOM   185  P  P     . A     A 1 9  ? 10.862  11.563  -0.168  1.00 49.50  ? 9   A     A P     1 
ATOM   186  O  OP1   . A     A 1 9  ? 10.798  12.244  1.151   1.00 51.67  ? 9   A     A OP1   1 
ATOM   187  O  OP2   . A     A 1 9  ? 10.122  10.287  -0.408  1.00 48.51  ? 9   A     A OP2   1 
ATOM   188  O  "O5'" . A     A 1 9  ? 10.456  12.610  -1.295  1.00 51.06  ? 9   A     A "O5'" 1 
ATOM   189  C  "C5'" . A     A 1 9  ? 10.976  13.930  -1.281  1.00 50.07  ? 9   A     A "C5'" 1 
ATOM   190  C  "C4'" . A     A 1 9  ? 10.688  14.655  -2.573  1.00 55.45  ? 9   A     A "C4'" 1 
ATOM   191  O  "O4'" . A     A 1 9  ? 11.367  13.991  -3.670  1.00 51.56  ? 9   A     A "O4'" 1 
ATOM   192  C  "C3'" . A     A 1 9  ? 9.230   14.704  -3.020  1.00 59.06  ? 9   A     A "C3'" 1 
ATOM   193  O  "O3'" . A     A 1 9  ? 8.468   15.708  -2.358  1.00 57.50  ? 9   A     A "O3'" 1 
ATOM   194  C  "C2'" . A     A 1 9  ? 9.358   14.934  -4.521  1.00 53.53  ? 9   A     A "C2'" 1 
ATOM   195  O  "O2'" . A     A 1 9  ? 9.652   16.294  -4.792  1.00 55.81  ? 9   A     A "O2'" 1 
ATOM   196  C  "C1'" . A     A 1 9  ? 10.596  14.100  -4.850  1.00 51.43  ? 9   A     A "C1'" 1 
ATOM   197  N  N9    . A     A 1 9  ? 10.230  12.748  -5.307  1.00 51.68  ? 9   A     A N9    1 
ATOM   198  C  C8    . A     A 1 9  ? 10.321  11.560  -4.623  1.00 47.88  ? 9   A     A C8    1 
ATOM   199  N  N7    . A     A 1 9  ? 9.892   10.526  -5.315  1.00 49.96  ? 9   A     A N7    1 
ATOM   200  C  C5    . A     A 1 9  ? 9.491   11.059  -6.534  1.00 49.10  ? 9   A     A C5    1 
ATOM   201  C  C6    . A     A 1 9  ? 8.946   10.493  -7.704  1.00 48.78  ? 9   A     A C6    1 
ATOM   202  N  N6    . A     A 1 9  ? 8.685   9.189   -7.877  1.00 50.13  ? 9   A     A N6    1 
ATOM   203  N  N1    . A     A 1 9  ? 8.668   11.325  -8.730  1.00 52.38  ? 9   A     A N1    1 
ATOM   204  C  C2    . A     A 1 9  ? 8.913   12.632  -8.591  1.00 51.34  ? 9   A     A C2    1 
ATOM   205  N  N3    . A     A 1 9  ? 9.423   13.283  -7.546  1.00 56.11  ? 9   A     A N3    1 
ATOM   206  C  C4    . A     A 1 9  ? 9.696   12.431  -6.536  1.00 55.17  ? 9   A     A C4    1 
ATOM   207  P  P     . C     A 1 10 ? 7.095   15.329  -1.608  1.00 65.33  ? 10  C     A P     1 
ATOM   208  O  OP1   . C     A 1 10 ? 6.553   16.554  -0.961  1.00 70.51  ? 10  C     A OP1   1 
ATOM   209  O  OP2   . C     A 1 10 ? 7.347   14.140  -0.756  1.00 61.23  ? 10  C     A OP2   1 
ATOM   210  O  "O5'" . C     A 1 10 ? 6.120   14.897  -2.797  1.00 63.97  ? 10  C     A "O5'" 1 
ATOM   211  C  "C5'" . C     A 1 10 ? 5.901   15.755  -3.906  1.00 60.04  ? 10  C     A "C5'" 1 
ATOM   212  C  "C4'" . C     A 1 10 ? 5.464   14.991  -5.134  1.00 62.26  ? 10  C     A "C4'" 1 
ATOM   213  O  "O4'" . C     A 1 10 ? 6.468   14.009  -5.506  1.00 60.03  ? 10  C     A "O4'" 1 
ATOM   214  C  "C3'" . C     A 1 10 ? 4.193   14.168  -5.014  1.00 60.54  ? 10  C     A "C3'" 1 
ATOM   215  O  "O3'" . C     A 1 10 ? 3.008   14.946  -5.061  1.00 62.71  ? 10  C     A "O3'" 1 
ATOM   216  C  "C2'" . C     A 1 10 ? 4.343   13.174  -6.166  1.00 58.78  ? 10  C     A "C2'" 1 
ATOM   217  O  "O2'" . C     A 1 10 ? 4.054   13.784  -7.414  1.00 61.70  ? 10  C     A "O2'" 1 
ATOM   218  C  "C1'" . C     A 1 10 ? 5.841   12.895  -6.123  1.00 58.68  ? 10  C     A "C1'" 1 
ATOM   219  N  N1    . C     A 1 10 ? 6.152   11.659  -5.365  1.00 53.65  ? 10  C     A N1    1 
ATOM   220  C  C2    . C     A 1 10 ? 6.033   10.418  -6.022  1.00 51.67  ? 10  C     A C2    1 
ATOM   221  O  O2    . C     A 1 10 ? 5.669   10.389  -7.211  1.00 50.39  ? 10  C     A O2    1 
ATOM   222  N  N3    . C     A 1 10 ? 6.319   9.276   -5.356  1.00 45.54  ? 10  C     A N3    1 
ATOM   223  C  C4    . C     A 1 10 ? 6.699   9.342   -4.081  1.00 47.55  ? 10  C     A C4    1 
ATOM   224  N  N4    . C     A 1 10 ? 6.970   8.200   -3.443  1.00 44.08  ? 10  C     A N4    1 
ATOM   225  C  C5    . C     A 1 10 ? 6.822   10.585  -3.394  1.00 52.00  ? 10  C     A C5    1 
ATOM   226  C  C6    . C     A 1 10 ? 6.543   11.714  -4.061  1.00 53.02  ? 10  C     A C6    1 
ATOM   227  P  P     . C     A 1 11 ? 1.629   14.347  -4.485  1.00 68.78  ? 11  C     A P     1 
ATOM   228  O  OP1   . C     A 1 11 ? 0.525   15.093  -5.142  1.00 71.91  ? 11  C     A OP1   1 
ATOM   229  O  OP2   . C     A 1 11 ? 1.693   14.240  -3.009  1.00 68.96  ? 11  C     A OP2   1 
ATOM   230  O  "O5'" . C     A 1 11 ? 1.640   12.847  -5.010  1.00 63.08  ? 11  C     A "O5'" 1 
ATOM   231  C  "C5'" . C     A 1 11 ? 0.451   12.201  -5.397  1.00 59.17  ? 11  C     A "C5'" 1 
ATOM   232  C  "C4'" . C     A 1 11 ? 0.673   11.281  -6.570  1.00 58.11  ? 11  C     A "C4'" 1 
ATOM   233  O  "O4'" . C     A 1 11 ? 2.050   10.818  -6.635  1.00 53.80  ? 11  C     A "O4'" 1 
ATOM   234  C  "C3'" . C     A 1 11 ? -0.136  10.008  -6.513  1.00 53.39  ? 11  C     A "C3'" 1 
ATOM   235  O  "O3'" . C     A 1 11 ? -1.471  10.210  -6.908  1.00 54.96  ? 11  C     A "O3'" 1 
ATOM   236  C  "C2'" . C     A 1 11 ? 0.648   9.070   -7.412  1.00 53.23  ? 11  C     A "C2'" 1 
ATOM   237  O  "O2'" . C     A 1 11 ? 0.412   9.381   -8.775  1.00 52.89  ? 11  C     A "O2'" 1 
ATOM   238  C  "C1'" . C     A 1 11 ? 2.079   9.463   -7.056  1.00 52.96  ? 11  C     A "C1'" 1 
ATOM   239  N  N1    . C     A 1 11 ? 2.609   8.640   -5.939  1.00 48.70  ? 11  C     A N1    1 
ATOM   240  C  C2    . C     A 1 11 ? 2.860   7.268   -6.100  1.00 47.26  ? 11  C     A C2    1 
ATOM   241  O  O2    . C     A 1 11 ? 2.635   6.718   -7.184  1.00 49.49  ? 11  C     A O2    1 
ATOM   242  N  N3    . C     A 1 11 ? 3.340   6.550   -5.060  1.00 43.96  ? 11  C     A N3    1 
ATOM   243  C  C4    . C     A 1 11 ? 3.589   7.155   -3.898  1.00 45.70  ? 11  C     A C4    1 
ATOM   244  N  N4    . C     A 1 11 ? 4.074   6.417   -2.897  1.00 44.44  ? 11  C     A N4    1 
ATOM   245  C  C5    . C     A 1 11 ? 3.349   8.541   -3.700  1.00 47.00  ? 11  C     A C5    1 
ATOM   246  C  C6    . C     A 1 11 ? 2.864   9.235   -4.736  1.00 45.87  ? 11  C     A C6    1 
ATOM   247  P  P     . G     A 1 12 ? -2.636  9.690   -5.951  1.00 54.01  ? 12  G     A P     1 
ATOM   248  O  OP1   . G     A 1 12 ? -3.890  10.378  -6.365  1.00 60.24  ? 12  G     A OP1   1 
ATOM   249  O  OP2   . G     A 1 12 ? -2.173  9.786   -4.541  1.00 52.60  ? 12  G     A OP2   1 
ATOM   250  O  "O5'" . G     A 1 12 ? -2.748  8.161   -6.351  1.00 49.81  ? 12  G     A "O5'" 1 
ATOM   251  C  "C5'" . G     A 1 12 ? -2.619  7.791   -7.714  1.00 51.49  ? 12  G     A "C5'" 1 
ATOM   252  C  "C4'" . G     A 1 12 ? -2.368  6.317   -7.857  1.00 52.62  ? 12  G     A "C4'" 1 
ATOM   253  O  "O4'" . G     A 1 12 ? -0.984  6.002   -7.548  1.00 51.11  ? 12  G     A "O4'" 1 
ATOM   254  C  "C3'" . G     A 1 12 ? -3.156  5.429   -6.914  1.00 50.79  ? 12  G     A "C3'" 1 
ATOM   255  O  "O3'" . G     A 1 12 ? -4.491  5.240   -7.339  1.00 49.18  ? 12  G     A "O3'" 1 
ATOM   256  C  "C2'" . G     A 1 12 ? -2.329  4.157   -6.917  1.00 46.38  ? 12  G     A "C2'" 1 
ATOM   257  O  "O2'" . G     A 1 12 ? -2.515  3.488   -8.152  1.00 46.60  ? 12  G     A "O2'" 1 
ATOM   258  C  "C1'" . G     A 1 12 ? -0.918  4.729   -6.929  1.00 44.79  ? 12  G     A "C1'" 1 
ATOM   259  N  N9    . G     A 1 12 ? -0.334  4.874   -5.577  1.00 42.18  ? 12  G     A N9    1 
ATOM   260  C  C8    . G     A 1 12 ? -0.105  6.050   -4.905  1.00 44.82  ? 12  G     A C8    1 
ATOM   261  N  N7    . G     A 1 12 ? 0.457   5.870   -3.738  1.00 45.36  ? 12  G     A N7    1 
ATOM   262  C  C5    . G     A 1 12 ? 0.628   4.492   -3.630  1.00 41.18  ? 12  G     A C5    1 
ATOM   263  C  C6    . G     A 1 12 ? 1.200   3.712   -2.587  1.00 40.84  ? 12  G     A C6    1 
ATOM   264  O  O6    . G     A 1 12 ? 1.671   4.084   -1.501  1.00 42.06  ? 12  G     A O6    1 
ATOM   265  N  N1    . G     A 1 12 ? 1.167   2.355   -2.877  1.00 38.58  ? 12  G     A N1    1 
ATOM   266  C  C2    . G     A 1 12 ? 0.652   1.821   -4.035  1.00 42.76  ? 12  G     A C2    1 
ATOM   267  N  N2    . G     A 1 12 ? 0.713   0.484   -4.148  1.00 37.73  ? 12  G     A N2    1 
ATOM   268  N  N3    . G     A 1 12 ? 0.135   2.539   -5.020  1.00 40.46  ? 12  G     A N3    1 
ATOM   269  C  C4    . G     A 1 12 ? 0.141   3.862   -4.751  1.00 42.18  ? 12  G     A C4    1 
ATOM   270  P  P     . U     A 1 13 ? -5.655  4.989   -6.262  1.00 52.70  ? 13  U     A P     1 
ATOM   271  O  OP1   . U     A 1 13 ? -6.904  4.898   -7.064  1.00 58.25  ? 13  U     A OP1   1 
ATOM   272  O  OP2   . U     A 1 13 ? -5.541  5.960   -5.144  1.00 51.03  ? 13  U     A OP2   1 
ATOM   273  O  "O5'" . U     A 1 13 ? -5.323  3.560   -5.640  1.00 47.50  ? 13  U     A "O5'" 1 
ATOM   274  C  "C5'" . U     A 1 13 ? -5.158  2.425   -6.475  1.00 48.31  ? 13  U     A "C5'" 1 
ATOM   275  C  "C4'" . U     A 1 13 ? -4.781  1.210   -5.670  1.00 47.81  ? 13  U     A "C4'" 1 
ATOM   276  O  "O4'" . U     A 1 13 ? -3.397  1.282   -5.243  1.00 48.59  ? 13  U     A "O4'" 1 
ATOM   277  C  "C3'" . U     A 1 13 ? -5.540  1.036   -4.375  1.00 49.92  ? 13  U     A "C3'" 1 
ATOM   278  O  "O3'" . U     A 1 13 ? -6.841  0.541   -4.578  1.00 52.23  ? 13  U     A "O3'" 1 
ATOM   279  C  "C2'" . U     A 1 13 ? -4.630  0.112   -3.583  1.00 44.48  ? 13  U     A "C2'" 1 
ATOM   280  O  "O2'" . U     A 1 13 ? -4.737  -1.227  -4.036  1.00 45.11  ? 13  U     A "O2'" 1 
ATOM   281  C  "C1'" . U     A 1 13 ? -3.255  0.639   -3.993  1.00 45.22  ? 13  U     A "C1'" 1 
ATOM   282  N  N1    . U     A 1 13 ? -2.738  1.610   -3.013  1.00 41.66  ? 13  U     A N1    1 
ATOM   283  C  C2    . U     A 1 13 ? -2.139  1.048   -1.915  1.00 39.50  ? 13  U     A C2    1 
ATOM   284  O  O2    . U     A 1 13 ? -2.046  -0.162  -1.785  1.00 42.14  ? 13  U     A O2    1 
ATOM   285  N  N3    . U     A 1 13 ? -1.655  1.946   -1.002  1.00 40.20  ? 13  U     A N3    1 
ATOM   286  C  C4    . U     A 1 13 ? -1.732  3.323   -1.089  1.00 40.23  ? 13  U     A C4    1 
ATOM   287  O  O4    . U     A 1 13 ? -1.258  3.999   -0.180  1.00 41.22  ? 13  U     A O4    1 
ATOM   288  C  C5    . U     A 1 13 ? -2.388  3.830   -2.256  1.00 38.70  ? 13  U     A C5    1 
ATOM   289  C  C6    . U     A 1 13 ? -2.865  2.972   -3.164  1.00 43.01  ? 13  U     A C6    1 
ATOM   290  P  P     . U     A 1 14 ? -7.949  0.757   -3.446  1.00 59.21  ? 14  U     A P     1 
ATOM   291  O  OP1   . U     A 1 14 ? -9.213  1.130   -4.137  1.00 63.39  ? 14  U     A OP1   1 
ATOM   292  O  OP2   . U     A 1 14 ? -7.404  1.629   -2.377  1.00 57.62  ? 14  U     A OP2   1 
ATOM   293  O  "O5'" . U     A 1 14 ? -8.125  -0.703  -2.868  1.00 52.13  ? 14  U     A "O5'" 1 
ATOM   294  C  "C5'" . U     A 1 14 ? -8.555  -1.735  -3.738  1.00 53.65  ? 14  U     A "C5'" 1 
ATOM   295  C  "C4'" . U     A 1 14 ? -8.683  -3.038  -3.010  1.00 54.37  ? 14  U     A "C4'" 1 
ATOM   296  O  "O4'" . U     A 1 14 ? -7.357  -3.525  -2.689  1.00 45.78  ? 14  U     A "O4'" 1 
ATOM   297  C  "C3'" . U     A 1 14 ? -9.452  -2.975  -1.693  1.00 58.29  ? 14  U     A "C3'" 1 
ATOM   298  O  "O3'" . U     A 1 14 ? -10.190 -4.178  -1.536  1.00 67.92  ? 14  U     A "O3'" 1 
ATOM   299  C  "C2'" . U     A 1 14 ? -8.342  -2.936  -0.647  1.00 56.74  ? 14  U     A "C2'" 1 
ATOM   300  O  "O2'" . U     A 1 14 ? -8.714  -3.444  0.622   1.00 57.15  ? 14  U     A "O2'" 1 
ATOM   301  C  "C1'" . U     A 1 14 ? -7.269  -3.795  -1.308  1.00 53.03  ? 14  U     A "C1'" 1 
ATOM   302  N  N1    . U     A 1 14 ? -5.909  -3.465  -0.871  1.00 48.27  ? 14  U     A N1    1 
ATOM   303  C  C2    . U     A 1 14 ? -5.060  -4.508  -0.576  1.00 45.44  ? 14  U     A C2    1 
ATOM   304  O  O2    . U     A 1 14 ? -5.379  -5.682  -0.666  1.00 50.72  ? 14  U     A O2    1 
ATOM   305  N  N3    . U     A 1 14 ? -3.815  -4.134  -0.166  1.00 41.69  ? 14  U     A N3    1 
ATOM   306  C  C4    . U     A 1 14 ? -3.354  -2.844  -0.028  1.00 43.24  ? 14  U     A C4    1 
ATOM   307  O  O4    . U     A 1 14 ? -2.198  -2.682  0.352   1.00 43.58  ? 14  U     A O4    1 
ATOM   308  C  C5    . U     A 1 14 ? -4.296  -1.807  -0.358  1.00 48.14  ? 14  U     A C5    1 
ATOM   309  C  C6    . U     A 1 14 ? -5.526  -2.148  -0.757  1.00 45.98  ? 14  U     A C6    1 
ATOM   310  P  P     . C     A 1 15 ? -11.616 -4.188  -0.797  1.00 67.34  ? 15  C     A P     1 
ATOM   311  O  OP1   . C     A 1 15 ? -12.598 -3.527  -1.692  1.00 72.88  ? 15  C     A OP1   1 
ATOM   312  O  OP2   . C     A 1 15 ? -11.461 -3.710  0.600   1.00 73.60  ? 15  C     A OP2   1 
ATOM   313  O  "O5'" . C     A 1 15 ? -11.912 -5.749  -0.725  1.00 78.65  ? 15  C     A "O5'" 1 
ATOM   314  C  "C5'" . C     A 1 15 ? -11.219 -6.634  -1.597  1.00 75.62  ? 15  C     A "C5'" 1 
ATOM   315  C  "C4'" . C     A 1 15 ? -12.061 -6.973  -2.804  1.00 84.10  ? 15  C     A "C4'" 1 
ATOM   316  O  "O4'" . C     A 1 15 ? -12.992 -5.894  -3.096  1.00 86.37  ? 15  C     A "O4'" 1 
ATOM   317  C  "C3'" . C     A 1 15 ? -11.334 -7.157  -4.121  1.00 84.52  ? 15  C     A "C3'" 1 
ATOM   318  O  "O3'" . C     A 1 15 ? -10.619 -8.367  -4.238  1.00 77.93  ? 15  C     A "O3'" 1 
ATOM   319  C  "C2'" . C     A 1 15 ? -12.461 -6.997  -5.138  1.00 89.28  ? 15  C     A "C2'" 1 
ATOM   320  O  "O2'" . C     A 1 15 ? -13.257 -8.176  -5.214  1.00 86.19  ? 15  C     A "O2'" 1 
ATOM   321  C  "C1'" . C     A 1 15 ? -13.292 -5.889  -4.482  1.00 87.93  ? 15  C     A "C1'" 1 
ATOM   322  N  N1    . C     A 1 15 ? -12.994 -4.559  -5.069  1.00 91.48  ? 15  C     A N1    1 
ATOM   323  C  C2    . C     A 1 15 ? -14.085 -3.836  -5.575  1.00 92.59  ? 15  C     A C2    1 
ATOM   324  O  O2    . C     A 1 15 ? -15.223 -4.323  -5.462  1.00 95.30  ? 15  C     A O2    1 
ATOM   325  N  N3    . C     A 1 15 ? -13.883 -2.625  -6.143  1.00 89.73  ? 15  C     A N3    1 
ATOM   326  C  C4    . C     A 1 15 ? -12.643 -2.140  -6.237  1.00 92.87  ? 15  C     A C4    1 
ATOM   327  N  N4    . C     A 1 15 ? -12.498 -0.941  -6.807  1.00 95.09  ? 15  C     A N4    1 
ATOM   328  C  C5    . C     A 1 15 ? -11.503 -2.860  -5.752  1.00 86.91  ? 15  C     A C5    1 
ATOM   329  C  C6    . C     A 1 15 ? -11.717 -4.058  -5.187  1.00 84.20  ? 15  C     A C6    1 
ATOM   330  P  P     . A     A 1 16 ? -9.380  -8.403  -5.252  1.00 85.84  ? 16  A     A P     1 
ATOM   331  O  OP1   . A     A 1 16 ? -9.892  -8.268  -6.644  1.00 87.45  ? 16  A     A OP1   1 
ATOM   332  O  OP2   . A     A 1 16 ? -8.555  -9.606  -4.936  1.00 72.22  ? 16  A     A OP2   1 
ATOM   333  O  "O5'" . A     A 1 16 ? -8.634  -7.028  -4.924  1.00 75.97  ? 16  A     A "O5'" 1 
ATOM   334  C  "C5'" . A     A 1 16 ? -7.795  -6.911  -3.786  1.00 60.07  ? 16  A     A "C5'" 1 
ATOM   335  C  "C4'" . A     A 1 16 ? -6.481  -7.599  -4.041  1.00 56.16  ? 16  A     A "C4'" 1 
ATOM   336  O  "O4'" . A     A 1 16 ? -5.560  -6.695  -4.688  1.00 48.63  ? 16  A     A "O4'" 1 
ATOM   337  C  "C3'" . A     A 1 16 ? -5.733  -8.091  -2.819  1.00 52.72  ? 16  A     A "C3'" 1 
ATOM   338  O  "O3'" . A     A 1 16 ? -6.218  -9.354  -2.386  1.00 57.68  ? 16  A     A "O3'" 1 
ATOM   339  C  "C2'" . A     A 1 16 ? -4.292  -8.150  -3.306  1.00 46.60  ? 16  A     A "C2'" 1 
ATOM   340  O  "O2'" . A     A 1 16 ? -4.069  -9.367  -3.988  1.00 45.23  ? 16  A     A "O2'" 1 
ATOM   341  C  "C1'" . A     A 1 16 ? -4.243  -7.009  -4.318  1.00 45.37  ? 16  A     A "C1'" 1 
ATOM   342  N  N9    . A     A 1 16 ? -3.587  -5.785  -3.821  1.00 45.54  ? 16  A     A N9    1 
ATOM   343  C  C8    . A     A 1 16 ? -4.175  -4.552  -3.685  1.00 44.42  ? 16  A     A C8    1 
ATOM   344  N  N7    . A     A 1 16 ? -3.359  -3.625  -3.268  1.00 45.35  ? 16  A     A N7    1 
ATOM   345  C  C5    . A     A 1 16 ? -2.141  -4.284  -3.137  1.00 43.94  ? 16  A     A C5    1 
ATOM   346  C  C6    . A     A 1 16 ? -0.869  -3.847  -2.734  1.00 42.28  ? 16  A     A C6    1 
ATOM   347  N  N6    . A     A 1 16 ? -0.608  -2.592  -2.375  1.00 42.15  ? 16  A     A N6    1 
ATOM   348  N  N1    . A     A 1 16 ? 0.135   -4.747  -2.694  1.00 41.36  ? 16  A     A N1    1 
ATOM   349  C  C2    . A     A 1 16 ? -0.141  -6.007  -3.057  1.00 40.64  ? 16  A     A C2    1 
ATOM   350  N  N3    . A     A 1 16 ? -1.292  -6.537  -3.460  1.00 41.09  ? 16  A     A N3    1 
ATOM   351  C  C4    . A     A 1 16 ? -2.266  -5.616  -3.475  1.00 43.54  ? 16  A     A C4    1 
ATOM   352  P  P     . A     A 1 17 ? -6.310  -9.714  -0.820  1.00 53.93  ? 17  A     A P     1 
ATOM   353  O  OP1   . A     A 1 17 ? -7.384  -10.706 -0.577  1.00 59.31  ? 17  A     A OP1   1 
ATOM   354  O  OP2   . A     A 1 17 ? -6.385  -8.406  -0.120  1.00 54.19  ? 17  A     A OP2   1 
ATOM   355  O  "O5'" . A     A 1 17 ? -4.952  -10.489 -0.538  1.00 50.55  ? 17  A     A "O5'" 1 
ATOM   356  C  "C5'" . A     A 1 17 ? -3.769  -9.741  -0.496  1.00 50.09  ? 17  A     A "C5'" 1 
ATOM   357  C  "C4'" . A     A 1 17 ? -2.515  -10.548 -0.508  1.00 47.54  ? 17  A     A "C4'" 1 
ATOM   358  O  "O4'" . A     A 1 17 ? -1.551  -9.775  -1.269  1.00 47.83  ? 17  A     A "O4'" 1 
ATOM   359  C  "C3'" . A     A 1 17 ? -1.906  -10.693 0.887   1.00 46.29  ? 17  A     A "C3'" 1 
ATOM   360  O  "O3'" . A     A 1 17 ? -2.226  -11.931 1.497   1.00 48.29  ? 17  A     A "O3'" 1 
ATOM   361  C  "C2'" . A     A 1 17 ? -0.413  -10.472 0.670   1.00 46.77  ? 17  A     A "C2'" 1 
ATOM   362  O  "O2'" . A     A 1 17 ? 0.206   -11.672 0.231   1.00 46.75  ? 17  A     A "O2'" 1 
ATOM   363  C  "C1'" . A     A 1 17 ? -0.424  -9.480  -0.482  1.00 48.90  ? 17  A     A "C1'" 1 
ATOM   364  N  N9    . A     A 1 17 ? -0.577  -8.074  -0.036  1.00 46.65  ? 17  A     A N9    1 
ATOM   365  C  C8    . A     A 1 17 ? -1.714  -7.302  -0.167  1.00 40.30  ? 17  A     A C8    1 
ATOM   366  N  N7    . A     A 1 17 ? -1.606  -6.077  0.277   1.00 42.44  ? 17  A     A N7    1 
ATOM   367  C  C5    . A     A 1 17 ? -0.293  -6.032  0.724   1.00 41.44  ? 17  A     A C5    1 
ATOM   368  C  C6    . A     A 1 17 ? 0.447   -4.999  1.318   1.00 39.04  ? 17  A     A C6    1 
ATOM   369  N  N6    . A     A 1 17 ? -0.058  -3.783  1.551   1.00 39.30  ? 17  A     A N6    1 
ATOM   370  N  N1    . A     A 1 17 ? 1.732   -5.262  1.658   1.00 38.93  ? 17  A     A N1    1 
ATOM   371  C  C2    . A     A 1 17 ? 2.228   -6.489  1.423   1.00 39.88  ? 17  A     A C2    1 
ATOM   372  N  N3    . A     A 1 17 ? 1.620   -7.542  0.863   1.00 42.73  ? 17  A     A N3    1 
ATOM   373  C  C4    . A     A 1 17 ? 0.353   -7.247  0.540   1.00 38.84  ? 17  A     A C4    1 
ATOM   374  P  P     . C     A 1 18 ? -2.940  -11.970 2.938   1.00 48.18  ? 18  C     A P     1 
ATOM   375  O  OP1   . C     A 1 18 ? -2.734  -13.337 3.459   1.00 44.18  ? 18  C     A OP1   1 
ATOM   376  O  OP2   . C     A 1 18 ? -4.301  -11.383 2.823   1.00 41.67  ? 18  C     A OP2   1 
ATOM   377  O  "O5'" . C     A 1 18 ? -2.085  -10.956 3.827   1.00 41.37  ? 18  C     A "O5'" 1 
ATOM   378  C  "C5'" . C     A 1 18 ? -0.749  -11.240 4.194   1.00 38.13  ? 18  C     A "C5'" 1 
ATOM   379  C  "C4'" . C     A 1 18 ? -0.090  -9.991  4.706   1.00 41.42  ? 18  C     A "C4'" 1 
ATOM   380  O  "O4'" . C     A 1 18 ? -0.268  -8.930  3.733   1.00 42.60  ? 18  C     A "O4'" 1 
ATOM   381  C  "C3'" . C     A 1 18 ? -0.685  -9.414  5.974   1.00 36.71  ? 18  C     A "C3'" 1 
ATOM   382  O  "O3'" . C     A 1 18 ? -0.207  -10.070 7.131   1.00 40.37  ? 18  C     A "O3'" 1 
ATOM   383  C  "C2'" . C     A 1 18 ? -0.273  -7.947  5.894   1.00 38.77  ? 18  C     A "C2'" 1 
ATOM   384  O  "O2'" . C     A 1 18 ? 1.086   -7.783  6.275   1.00 35.28  ? 18  C     A "O2'" 1 
ATOM   385  C  "C1'" . C     A 1 18 ? -0.371  -7.687  4.394   1.00 38.17  ? 18  C     A "C1'" 1 
ATOM   386  N  N1    . C     A 1 18 ? -1.636  -7.032  4.001   1.00 37.35  ? 18  C     A N1    1 
ATOM   387  C  C2    . C     A 1 18 ? -1.665  -5.645  4.102   1.00 36.75  ? 18  C     A C2    1 
ATOM   388  O  O2    . C     A 1 18 ? -0.656  -5.091  4.535   1.00 36.74  ? 18  C     A O2    1 
ATOM   389  N  N3    . C     A 1 18 ? -2.760  -4.960  3.738   1.00 34.00  ? 18  C     A N3    1 
ATOM   390  C  C4    . C     A 1 18 ? -3.816  -5.623  3.283   1.00 37.77  ? 18  C     A C4    1 
ATOM   391  N  N4    . C     A 1 18 ? -4.891  -4.904  2.938   1.00 40.25  ? 18  C     A N4    1 
ATOM   392  C  C5    . C     A 1 18 ? -3.819  -7.044  3.164   1.00 39.75  ? 18  C     A C5    1 
ATOM   393  C  C6    . C     A 1 18 ? -2.716  -7.708  3.527   1.00 37.29  ? 18  C     A C6    1 
ATOM   394  P  P     . U     A 1 19 ? -0.907  -9.850  8.560   1.00 40.20  ? 19  U     A P     1 
ATOM   395  O  OP1   . U     A 1 19 ? -0.966  -8.412  8.913   1.00 38.15  ? 19  U     A OP1   1 
ATOM   396  O  OP2   . U     A 1 19 ? -0.205  -10.803 9.463   1.00 47.44  ? 19  U     A OP2   1 
ATOM   397  O  "O5'" . U     A 1 19 ? -2.399  -10.359 8.352   1.00 36.27  ? 19  U     A "O5'" 1 
ATOM   398  C  "C5'" . U     A 1 19 ? -2.675  -11.732 8.087   1.00 39.50  ? 19  U     A "C5'" 1 
ATOM   399  C  "C4'" . U     A 1 19 ? -3.859  -12.239 8.888   1.00 40.06  ? 19  U     A "C4'" 1 
ATOM   400  O  "O4'" . U     A 1 19 ? -3.451  -12.422 10.273  1.00 42.32  ? 19  U     A "O4'" 1 
ATOM   401  C  "C3'" . U     A 1 19 ? -5.089  -11.324 8.922   1.00 42.03  ? 19  U     A "C3'" 1 
ATOM   402  O  "O3'" . U     A 1 19 ? -6.278  -12.109 8.896   1.00 34.66  ? 19  U     A "O3'" 1 
ATOM   403  C  "C2'" . U     A 1 19 ? -4.969  -10.630 10.280  1.00 38.79  ? 19  U     A "C2'" 1 
ATOM   404  O  "O2'" . U     A 1 19 ? -6.192  -10.193 10.825  1.00 42.34  ? 19  U     A "O2'" 1 
ATOM   405  C  "C1'" . U     A 1 19 ? -4.339  -11.724 11.134  1.00 42.88  ? 19  U     A "C1'" 1 
ATOM   406  N  N1    . U     A 1 19 ? -3.558  -11.215 12.273  1.00 42.68  ? 19  U     A N1    1 
ATOM   407  C  C2    . U     A 1 19 ? -3.608  -11.923 13.458  1.00 46.08  ? 19  U     A C2    1 
ATOM   408  O  O2    . U     A 1 19 ? -4.273  -12.937 13.579  1.00 45.53  ? 19  U     A O2    1 
ATOM   409  N  N3    . U     A 1 19 ? -2.850  -11.403 14.485  1.00 45.00  ? 19  U     A N3    1 
ATOM   410  C  C4    . U     A 1 19 ? -2.070  -10.265 14.440  1.00 42.24  ? 19  U     A C4    1 
ATOM   411  O  O4    . U     A 1 19 ? -1.443  -9.925  15.435  1.00 46.09  ? 19  U     A O4    1 
ATOM   412  C  C5    . U     A 1 19 ? -2.062  -9.586  13.184  1.00 40.29  ? 19  U     A C5    1 
ATOM   413  C  C6    . U     A 1 19 ? -2.791  -10.075 12.170  1.00 44.04  ? 19  U     A C6    1 
ATOM   414  P  P     . C     A 1 20 ? -7.166  -12.140 7.561   1.00 41.49  ? 20  C     A P     1 
ATOM   415  O  OP1   . C     A 1 20 ? -8.255  -13.127 7.783   1.00 43.89  ? 20  C     A OP1   1 
ATOM   416  O  OP2   . C     A 1 20 ? -6.280  -12.273 6.379   1.00 40.91  ? 20  C     A OP2   1 
ATOM   417  O  "O5'" . C     A 1 20 ? -7.784  -10.679 7.467   1.00 42.50  ? 20  C     A "O5'" 1 
ATOM   418  C  "C5'" . C     A 1 20 ? -8.737  -10.222 8.411   1.00 38.36  ? 20  C     A "C5'" 1 
ATOM   419  C  "C4'" . C     A 1 20 ? -9.646  -9.207  7.779   1.00 38.16  ? 20  C     A "C4'" 1 
ATOM   420  O  "O4'" . C     A 1 20 ? -10.713 -8.866  8.685   1.00 44.51  ? 20  C     A "O4'" 1 
ATOM   421  C  "C3'" . C     A 1 20 ? -9.021  -7.870  7.401   1.00 39.56  ? 20  C     A "C3'" 1 
ATOM   422  O  "O3'" . C     A 1 20 ? -8.371  -7.959  6.142   1.00 42.07  ? 20  C     A "O3'" 1 
ATOM   423  C  "C2'" . C     A 1 20 ? -10.222 -6.931  7.383   1.00 44.42  ? 20  C     A "C2'" 1 
ATOM   424  O  "O2'" . C     A 1 20 ? -10.899 -7.037  6.143   1.00 41.46  ? 20  C     A "O2'" 1 
ATOM   425  C  "C1'" . C     A 1 20 ? -11.119 -7.533  8.469   1.00 41.55  ? 20  C     A "C1'" 1 
ATOM   426  N  N1    . C     A 1 20 ? -11.042 -6.812  9.756   1.00 44.78  ? 20  C     A N1    1 
ATOM   427  C  C2    . C     A 1 20 ? -11.935 -5.765  9.977   1.00 45.14  ? 20  C     A C2    1 
ATOM   428  O  O2    . C     A 1 20 ? -12.733 -5.482  9.070   1.00 47.22  ? 20  C     A O2    1 
ATOM   429  N  N3    . C     A 1 20 ? -11.895 -5.101  11.155  1.00 46.38  ? 20  C     A N3    1 
ATOM   430  C  C4    . C     A 1 20 ? -11.007 -5.446  12.088  1.00 48.25  ? 20  C     A C4    1 
ATOM   431  N  N4    . C     A 1 20 ? -10.997 -4.765  13.237  1.00 49.06  ? 20  C     A N4    1 
ATOM   432  C  C5    . C     A 1 20 ? -10.084 -6.514  11.883  1.00 47.79  ? 20  C     A C5    1 
ATOM   433  C  C6    . C     A 1 20 ? -10.141 -7.172  10.717  1.00 44.61  ? 20  C     A C6    1 
ATOM   434  P  P     . G     A 1 21 ? -7.476  -6.767  5.530   1.00 43.53  ? 21  G     A P     1 
ATOM   435  O  OP1   . G     A 1 21 ? -8.209  -5.483  5.503   1.00 41.00  ? 21  G     A OP1   1 
ATOM   436  O  OP2   . G     A 1 21 ? -6.963  -7.346  4.264   1.00 41.61  ? 21  G     A OP2   1 
ATOM   437  O  "O5'" . G     A 1 21 ? -6.259  -6.621  6.555   1.00 39.47  ? 21  G     A "O5'" 1 
ATOM   438  C  "C5'" . G     A 1 21 ? -5.332  -7.680  6.762   1.00 37.62  ? 21  G     A "C5'" 1 
ATOM   439  C  "C4'" . G     A 1 21 ? -4.187  -7.231  7.636   1.00 37.27  ? 21  G     A "C4'" 1 
ATOM   440  O  "O4'" . G     A 1 21 ? -3.329  -6.330  6.900   1.00 40.16  ? 21  G     A "O4'" 1 
ATOM   441  C  "C3'" . G     A 1 21 ? -4.589  -6.434  8.863   1.00 36.82  ? 21  G     A "C3'" 1 
ATOM   442  O  "O3'" . G     A 1 21 ? -5.011  -7.266  9.912   1.00 39.46  ? 21  G     A "O3'" 1 
ATOM   443  C  "C2'" . G     A 1 21 ? -3.339  -5.617  9.169   1.00 36.68  ? 21  G     A "C2'" 1 
ATOM   444  O  "O2'" . G     A 1 21 ? -2.360  -6.388  9.856   1.00 41.25  ? 21  G     A "O2'" 1 
ATOM   445  C  "C1'" . G     A 1 21 ? -2.824  -5.329  7.761   1.00 35.22  ? 21  G     A "C1'" 1 
ATOM   446  N  N9    . G     A 1 21 ? -3.307  -4.045  7.255   1.00 36.08  ? 21  G     A N9    1 
ATOM   447  C  C8    . G     A 1 21 ? -4.275  -3.852  6.313   1.00 34.19  ? 21  G     A C8    1 
ATOM   448  N  N7    . G     A 1 21 ? -4.478  -2.587  6.056   1.00 35.85  ? 21  G     A N7    1 
ATOM   449  C  C5    . G     A 1 21 ? -3.585  -1.925  6.882   1.00 38.58  ? 21  G     A C5    1 
ATOM   450  C  C6    . G     A 1 21 ? -3.351  -0.544  7.043   1.00 40.07  ? 21  G     A C6    1 
ATOM   451  O  O6    . G     A 1 21 ? -3.917  0.386   6.457   1.00 39.70  ? 21  G     A O6    1 
ATOM   452  N  N1    . G     A 1 21 ? -2.367  -0.308  7.997   1.00 37.91  ? 21  G     A N1    1 
ATOM   453  C  C2    . G     A 1 21 ? -1.701  -1.283  8.694   1.00 39.07  ? 21  G     A C2    1 
ATOM   454  N  N2    . G     A 1 21 ? -0.786  -0.863  9.578   1.00 36.61  ? 21  G     A N2    1 
ATOM   455  N  N3    . G     A 1 21 ? -1.911  -2.579  8.549   1.00 35.56  ? 21  G     A N3    1 
ATOM   456  C  C4    . G     A 1 21 ? -2.860  -2.809  7.637   1.00 37.18  ? 21  G     A C4    1 
ATOM   457  P  P     . U     A 1 22 ? -6.184  -6.777  10.880  1.00 40.01  ? 22  U     A P     1 
ATOM   458  O  OP1   . U     A 1 22 ? -6.570  -7.942  11.731  1.00 37.50  ? 22  U     A OP1   1 
ATOM   459  O  OP2   . U     A 1 22 ? -7.179  -6.052  10.070  1.00 36.47  ? 22  U     A OP2   1 
ATOM   460  O  "O5'" . U     A 1 22 ? -5.452  -5.701  11.791  1.00 40.87  ? 22  U     A "O5'" 1 
ATOM   461  C  "C5'" . U     A 1 22 ? -4.343  -6.077  12.580  1.00 36.33  ? 22  U     A "C5'" 1 
ATOM   462  C  "C4'" . U     A 1 22 ? -3.741  -4.868  13.235  1.00 38.75  ? 22  U     A "C4'" 1 
ATOM   463  O  "O4'" . U     A 1 22 ? -3.116  -4.047  12.224  1.00 38.17  ? 22  U     A "O4'" 1 
ATOM   464  C  "C3'" . U     A 1 22 ? -4.720  -3.927  13.913  1.00 38.32  ? 22  U     A "C3'" 1 
ATOM   465  O  "O3'" . U     A 1 22 ? -5.088  -4.367  15.207  1.00 38.44  ? 22  U     A "O3'" 1 
ATOM   466  C  "C2'" . U     A 1 22 ? -3.945  -2.621  13.912  1.00 41.65  ? 22  U     A "C2'" 1 
ATOM   467  O  "O2'" . U     A 1 22 ? -2.900  -2.664  14.877  1.00 37.92  ? 22  U     A "O2'" 1 
ATOM   468  C  "C1'" . U     A 1 22 ? -3.288  -2.686  12.540  1.00 37.93  ? 22  U     A "C1'" 1 
ATOM   469  N  N1    . U     A 1 22 ? -4.107  -2.053  11.487  1.00 38.03  ? 22  U     A N1    1 
ATOM   470  C  C2    . U     A 1 22 ? -4.021  -0.677  11.396  1.00 39.50  ? 22  U     A C2    1 
ATOM   471  O  O2    . U     A 1 22 ? -3.336  -0.021  12.145  1.00 36.22  ? 22  U     A O2    1 
ATOM   472  N  N3    . U     A 1 22 ? -4.772  -0.104  10.407  1.00 38.76  ? 22  U     A N3    1 
ATOM   473  C  C4    . U     A 1 22 ? -5.594  -0.755  9.521   1.00 35.41  ? 22  U     A C4    1 
ATOM   474  O  O4    . U     A 1 22 ? -6.197  -0.088  8.700   1.00 36.41  ? 22  U     A O4    1 
ATOM   475  C  C5    . U     A 1 22 ? -5.655  -2.174  9.672   1.00 35.96  ? 22  U     A C5    1 
ATOM   476  C  C6    . U     A 1 22 ? -4.913  -2.758  10.622  1.00 38.45  ? 22  U     A C6    1 
ATOM   477  P  P     . C     A 1 23 ? -6.536  -4.047  15.817  1.00 39.93  ? 23  C     A P     1 
ATOM   478  O  OP1   . C     A 1 23 ? -6.596  -4.902  17.030  1.00 46.75  ? 23  C     A OP1   1 
ATOM   479  O  OP2   . C     A 1 23 ? -7.582  -4.127  14.773  1.00 37.86  ? 23  C     A OP2   1 
ATOM   480  O  "O5'" . C     A 1 23 ? -6.449  -2.524  16.294  1.00 44.18  ? 23  C     A "O5'" 1 
ATOM   481  C  "C5'" . C     A 1 23 ? -5.516  -2.116  17.290  1.00 42.94  ? 23  C     A "C5'" 1 
ATOM   482  C  "C4'" . C     A 1 23 ? -5.371  -0.612  17.331  1.00 43.15  ? 23  C     A "C4'" 1 
ATOM   483  O  "O4'" . C     A 1 23 ? -4.821  -0.145  16.074  1.00 41.84  ? 23  C     A "O4'" 1 
ATOM   484  C  "C3'" . C     A 1 23 ? -6.655  0.191   17.476  1.00 44.17  ? 23  C     A "C3'" 1 
ATOM   485  O  "O3'" . C     A 1 23 ? -7.153  0.258   18.798  1.00 42.27  ? 23  C     A "O3'" 1 
ATOM   486  C  "C2'" . C     A 1 23 ? -6.261  1.543   16.903  1.00 47.32  ? 23  C     A "C2'" 1 
ATOM   487  O  "O2'" . C     A 1 23 ? -5.454  2.263   17.821  1.00 45.43  ? 23  C     A "O2'" 1 
ATOM   488  C  "C1'" . C     A 1 23 ? -5.374  1.116   15.743  1.00 42.85  ? 23  C     A "C1'" 1 
ATOM   489  N  N1    . C     A 1 23 ? -6.142  0.998   14.477  1.00 41.27  ? 23  C     A N1    1 
ATOM   490  C  C2    . C     A 1 23 ? -6.371  2.189   13.777  1.00 44.97  ? 23  C     A C2    1 
ATOM   491  O  O2    . C     A 1 23 ? -5.923  3.232   14.288  1.00 42.03  ? 23  C     A O2    1 
ATOM   492  N  N3    . C     A 1 23 ? -7.060  2.176   12.598  1.00 42.10  ? 23  C     A N3    1 
ATOM   493  C  C4    . C     A 1 23 ? -7.509  1.001   12.125  1.00 41.85  ? 23  C     A C4    1 
ATOM   494  N  N4    . C     A 1 23 ? -8.186  1.004   10.971  1.00 36.95  ? 23  C     A N4    1 
ATOM   495  C  C5    . C     A 1 23 ? -7.278  -0.235  12.817  1.00 39.87  ? 23  C     A C5    1 
ATOM   496  C  C6    . C     A 1 23 ? -6.602  -0.192  13.981  1.00 40.03  ? 23  C     A C6    1 
ATOM   497  P  P     . C     A 1 24 ? -8.743  0.284   19.034  1.00 45.60  ? 24  C     A P     1 
ATOM   498  O  OP1   . C     A 1 24 ? -8.953  0.116   20.490  1.00 47.77  ? 24  C     A OP1   1 
ATOM   499  O  OP2   . C     A 1 24 ? -9.377  -0.676  18.078  1.00 48.24  ? 24  C     A OP2   1 
ATOM   500  O  "O5'" . C     A 1 24 ? -9.188  1.736   18.541  1.00 47.16  ? 24  C     A "O5'" 1 
ATOM   501  C  "C5'" . C     A 1 24 ? -8.698  2.905   19.175  1.00 47.99  ? 24  C     A "C5'" 1 
ATOM   502  C  "C4'" . C     A 1 24 ? -9.093  4.167   18.439  1.00 46.13  ? 24  C     A "C4'" 1 
ATOM   503  O  "O4'" . C     A 1 24 ? -8.502  4.180   17.115  1.00 47.24  ? 24  C     A "O4'" 1 
ATOM   504  C  "C3'" . C     A 1 24 ? -10.571 4.385   18.165  1.00 48.25  ? 24  C     A "C3'" 1 
ATOM   505  O  "O3'" . C     A 1 24 ? -11.318 4.825   19.284  1.00 53.44  ? 24  C     A "O3'" 1 
ATOM   506  C  "C2'" . C     A 1 24 ? -10.537 5.401   17.039  1.00 49.11  ? 24  C     A "C2'" 1 
ATOM   507  O  "O2'" . C     A 1 24 ? -10.240 6.694   17.546  1.00 53.58  ? 24  C     A "O2'" 1 
ATOM   508  C  "C1'" . C     A 1 24 ? -9.340  4.905   16.230  1.00 47.46  ? 24  C     A "C1'" 1 
ATOM   509  N  N1    . C     A 1 24 ? -9.778  4.011   15.133  1.00 44.72  ? 24  C     A N1    1 
ATOM   510  C  C2    . C     A 1 24 ? -10.161 4.589   13.919  1.00 47.88  ? 24  C     A C2    1 
ATOM   511  O  O2    . C     A 1 24 ? -10.101 5.837   13.810  1.00 46.45  ? 24  C     A O2    1 
ATOM   512  N  N3    . C     A 1 24 ? -10.568 3.778   12.898  1.00 44.24  ? 24  C     A N3    1 
ATOM   513  C  C4    . C     A 1 24 ? -10.613 2.455   13.092  1.00 43.16  ? 24  C     A C4    1 
ATOM   514  N  N4    . C     A 1 24 ? -11.016 1.680   12.087  1.00 42.94  ? 24  C     A N4    1 
ATOM   515  C  C5    . C     A 1 24 ? -10.225 1.845   14.321  1.00 45.07  ? 24  C     A C5    1 
ATOM   516  C  C6    . C     A 1 24 ? -9.820  2.652   15.305  1.00 45.07  ? 24  C     A C6    1 
ATOM   517  P  P     . C     A 1 25 ? -12.857 4.381   19.422  1.00 58.87  ? 25  C     A P     1 
ATOM   518  O  OP1   . C     A 1 25 ? -13.336 4.952   20.712  1.00 58.61  ? 25  C     A OP1   1 
ATOM   519  O  OP2   . C     A 1 25 ? -12.947 2.906   19.216  1.00 50.19  ? 25  C     A OP2   1 
ATOM   520  O  "O5'" . C     A 1 25 ? -13.578 5.062   18.165  1.00 50.12  ? 25  C     A "O5'" 1 
ATOM   521  C  "C5'" . C     A 1 25 ? -13.848 6.452   18.152  1.00 50.99  ? 25  C     A "C5'" 1 
ATOM   522  C  "C4'" . C     A 1 25 ? -14.179 6.987   16.775  1.00 52.26  ? 25  C     A "C4'" 1 
ATOM   523  O  "O4'" . C     A 1 25 ? -13.277 6.465   15.764  1.00 49.50  ? 25  C     A "O4'" 1 
ATOM   524  C  "C3'" . C     A 1 25 ? -15.551 6.694   16.189  1.00 52.85  ? 25  C     A "C3'" 1 
ATOM   525  O  "O3'" . C     A 1 25 ? -16.602 7.439   16.786  1.00 56.19  ? 25  C     A "O3'" 1 
ATOM   526  C  "C2'" . C     A 1 25 ? -15.332 7.061   14.731  1.00 46.87  ? 25  C     A "C2'" 1 
ATOM   527  O  "O2'" . C     A 1 25 ? -15.292 8.466   14.597  1.00 51.06  ? 25  C     A "O2'" 1 
ATOM   528  C  "C1'" . C     A 1 25 ? -13.915 6.531   14.498  1.00 49.56  ? 25  C     A "C1'" 1 
ATOM   529  N  N1    . C     A 1 25 ? -13.943 5.190   13.854  1.00 48.62  ? 25  C     A N1    1 
ATOM   530  C  C2    . C     A 1 25 ? -14.250 5.121   12.476  1.00 48.53  ? 25  C     A C2    1 
ATOM   531  O  O2    . C     A 1 25 ? -14.455 6.171   11.826  1.00 46.43  ? 25  C     A O2    1 
ATOM   532  N  N3    . C     A 1 25 ? -14.308 3.908   11.866  1.00 44.10  ? 25  C     A N3    1 
ATOM   533  C  C4    . C     A 1 25 ? -14.094 2.804   12.578  1.00 45.16  ? 25  C     A C4    1 
ATOM   534  N  N4    . C     A 1 25 ? -14.175 1.637   11.942  1.00 45.44  ? 25  C     A N4    1 
ATOM   535  C  C5    . C     A 1 25 ? -13.796 2.843   13.974  1.00 43.00  ? 25  C     A C5    1 
ATOM   536  C  C6    . C     A 1 25 ? -13.736 4.041   14.568  1.00 43.09  ? 25  C     A C6    1 
ATOM   537  P  P     . A     A 1 26 ? -18.113 6.876   16.795  1.00 60.82  ? 26  A     A P     1 
ATOM   538  O  OP1   . A     A 1 26 ? -18.857 7.815   17.674  1.00 57.42  ? 26  A     A OP1   1 
ATOM   539  O  OP2   . A     A 1 26 ? -18.136 5.409   17.056  1.00 52.73  ? 26  A     A OP2   1 
ATOM   540  O  "O5'" . A     A 1 26 ? -18.628 7.047   15.292  1.00 51.01  ? 26  A     A "O5'" 1 
ATOM   541  C  "C5'" . A     A 1 26 ? -18.885 8.332   14.752  1.00 53.52  ? 26  A     A "C5'" 1 
ATOM   542  C  "C4'" . A     A 1 26 ? -19.080 8.266   13.258  1.00 52.36  ? 26  A     A "C4'" 1 
ATOM   543  O  "O4'" . A     A 1 26 ? -17.964 7.565   12.654  1.00 53.86  ? 26  A     A "O4'" 1 
ATOM   544  C  "C3'" . A     A 1 26 ? -20.288 7.484   12.768  1.00 48.30  ? 26  A     A "C3'" 1 
ATOM   545  O  "O3'" . A     A 1 26 ? -21.509 8.193   12.880  1.00 49.04  ? 26  A     A "O3'" 1 
ATOM   546  C  "C2'" . A     A 1 26 ? -19.894 7.158   11.337  1.00 45.55  ? 26  A     A "C2'" 1 
ATOM   547  O  "O2'" . A     A 1 26 ? -20.017 8.311   10.515  1.00 49.52  ? 26  A     A "O2'" 1 
ATOM   548  C  "C1'" . A     A 1 26 ? -18.407 6.867   11.504  1.00 50.48  ? 26  A     A "C1'" 1 
ATOM   549  N  N9    . A     A 1 26 ? -18.120 5.425   11.660  1.00 49.87  ? 26  A     A N9    1 
ATOM   550  C  C8    . A     A 1 26 ? -17.710 4.744   12.786  1.00 46.53  ? 26  A     A C8    1 
ATOM   551  N  N7    . A     A 1 26 ? -17.523 3.456   12.577  1.00 46.09  ? 26  A     A N7    1 
ATOM   552  C  C5    . A     A 1 26 ? -17.828 3.273   11.235  1.00 44.03  ? 26  A     A C5    1 
ATOM   553  C  C6    . A     A 1 26 ? -17.828 2.139   10.401  1.00 44.65  ? 26  A     A C6    1 
ATOM   554  N  N6    . A     A 1 26 ? -17.499 0.917   10.807  1.00 45.18  ? 26  A     A N6    1 
ATOM   555  N  N1    . A     A 1 26 ? -18.180 2.301   9.109   1.00 45.16  ? 26  A     A N1    1 
ATOM   556  C  C2    . A     A 1 26 ? -18.519 3.531   8.684   1.00 47.02  ? 26  A     A C2    1 
ATOM   557  N  N3    . A     A 1 26 ? -18.557 4.673   9.371   1.00 46.42  ? 26  A     A N3    1 
ATOM   558  C  C4    . A     A 1 26 ? -18.195 4.476   10.655  1.00 45.75  ? 26  A     A C4    1 
ATOM   559  P  P     . G     A 1 27 ? -22.893 7.392   13.041  1.00 48.27  ? 27  G     A P     1 
ATOM   560  O  OP1   . G     A 1 27 ? -23.941 8.387   13.392  1.00 50.68  ? 27  G     A OP1   1 
ATOM   561  O  OP2   . G     A 1 27 ? -22.677 6.221   13.922  1.00 46.93  ? 27  G     A OP2   1 
ATOM   562  O  "O5'" . G     A 1 27 ? -23.190 6.867   11.565  1.00 45.83  ? 27  G     A "O5'" 1 
ATOM   563  C  "C5'" . G     A 1 27 ? -23.255 7.795   10.487  1.00 49.82  ? 27  G     A "C5'" 1 
ATOM   564  C  "C4'" . G     A 1 27 ? -23.388 7.105   9.157   1.00 49.31  ? 27  G     A "C4'" 1 
ATOM   565  O  "O4'" . G     A 1 27 ? -22.202 6.315   8.884   1.00 48.16  ? 27  G     A "O4'" 1 
ATOM   566  C  "C3'" . G     A 1 27 ? -24.541 6.123   9.040   1.00 47.32  ? 27  G     A "C3'" 1 
ATOM   567  O  "O3'" . G     A 1 27 ? -25.738 6.795   8.697   1.00 50.43  ? 27  G     A "O3'" 1 
ATOM   568  C  "C2'" . G     A 1 27 ? -24.063 5.160   7.963   1.00 47.45  ? 27  G     A "C2'" 1 
ATOM   569  O  "O2'" . G     A 1 27 ? -24.266 5.725   6.675   1.00 50.48  ? 27  G     A "O2'" 1 
ATOM   570  C  "C1'" . G     A 1 27 ? -22.556 5.121   8.224   1.00 46.31  ? 27  G     A "C1'" 1 
ATOM   571  N  N9    . G     A 1 27 ? -22.134 3.998   9.080   1.00 45.80  ? 27  G     A N9    1 
ATOM   572  C  C8    . G     A 1 27 ? -21.837 4.082   10.427  1.00 46.55  ? 27  G     A C8    1 
ATOM   573  N  N7    . G     A 1 27 ? -21.452 2.943   10.937  1.00 47.13  ? 27  G     A N7    1 
ATOM   574  C  C5    . G     A 1 27 ? -21.489 2.058   9.862   1.00 44.03  ? 27  G     A C5    1 
ATOM   575  C  C6    . G     A 1 27 ? -21.181 0.679   9.803   1.00 45.73  ? 27  G     A C6    1 
ATOM   576  O  O6    . G     A 1 27 ? -20.799 -0.044  10.722  1.00 46.50  ? 27  G     A O6    1 
ATOM   577  N  N1    . G     A 1 27 ? -21.357 0.145   8.532   1.00 44.32  ? 27  G     A N1    1 
ATOM   578  C  C2    . G     A 1 27 ? -21.765 0.875   7.441   1.00 45.43  ? 27  G     A C2    1 
ATOM   579  N  N2    . G     A 1 27 ? -21.875 0.208   6.284   1.00 40.63  ? 27  G     A N2    1 
ATOM   580  N  N3    . G     A 1 27 ? -22.056 2.164   7.478   1.00 46.65  ? 27  G     A N3    1 
ATOM   581  C  C4    . G     A 1 27 ? -21.902 2.692   8.710   1.00 45.04  ? 27  G     A C4    1 
ATOM   582  P  P     . C     A 1 28 ? -27.154 6.333   9.287   1.00 54.21  ? 28  C     A P     1 
ATOM   583  O  OP1   . C     A 1 28 ? -28.138 7.409   9.011   1.00 56.68  ? 28  C     A OP1   1 
ATOM   584  O  OP2   . C     A 1 28 ? -26.997 5.838   10.681  1.00 52.07  ? 28  C     A OP2   1 
ATOM   585  O  "O5'" . C     A 1 28 ? -27.526 5.075   8.382   1.00 50.44  ? 28  C     A "O5'" 1 
ATOM   586  C  "C5'" . C     A 1 28 ? -27.426 5.112   6.964   1.00 46.94  ? 28  C     A "C5'" 1 
ATOM   587  C  "C4'" . C     A 1 28 ? -27.712 3.748   6.384   1.00 49.41  ? 28  C     A "C4'" 1 
ATOM   588  O  "O4'" . C     A 1 28 ? -26.613 2.846   6.723   1.00 49.32  ? 28  C     A "O4'" 1 
ATOM   589  C  "C3'" . C     A 1 28 ? -28.982 3.086   6.926   1.00 42.68  ? 28  C     A "C3'" 1 
ATOM   590  O  "O3'" . C     A 1 28 ? -29.551 2.241   5.925   1.00 42.62  ? 28  C     A "O3'" 1 
ATOM   591  C  "C2'" . C     A 1 28 ? -28.431 2.222   8.054   1.00 42.11  ? 28  C     A "C2'" 1 
ATOM   592  O  "O2'" . C     A 1 28 ? -29.247 1.151   8.466   1.00 44.47  ? 28  C     A "O2'" 1 
ATOM   593  C  "C1'" . C     A 1 28 ? -27.122 1.736   7.441   1.00 46.03  ? 28  C     A "C1'" 1 
ATOM   594  N  N1    . C     A 1 28 ? -26.154 1.290   8.456   1.00 47.17  ? 28  C     A N1    1 
ATOM   595  C  C2    . C     A 1 28 ? -25.498 0.065   8.298   1.00 46.20  ? 28  C     A C2    1 
ATOM   596  O  O2    . C     A 1 28 ? -25.687 -0.596  7.262   1.00 43.51  ? 28  C     A O2    1 
ATOM   597  N  N3    . C     A 1 28 ? -24.648 -0.356  9.266   1.00 46.85  ? 28  C     A N3    1 
ATOM   598  C  C4    . C     A 1 28 ? -24.463 0.377   10.372  1.00 47.88  ? 28  C     A C4    1 
ATOM   599  N  N4    . C     A 1 28 ? -23.618 -0.080  11.306  1.00 43.03  ? 28  C     A N4    1 
ATOM   600  C  C5    . C     A 1 28 ? -25.139 1.617   10.566  1.00 46.90  ? 28  C     A C5    1 
ATOM   601  C  C6    . C     A 1 28 ? -25.971 2.020   9.598   1.00 46.71  ? 28  C     A C6    1 
ATOM   602  P  P     . U     A 1 29 ? -30.180 2.847   4.567   1.00 49.13  ? 29  U     A P     1 
ATOM   603  O  OP1   . U     A 1 29 ? -29.334 2.451   3.421   1.00 40.84  ? 29  U     A OP1   1 
ATOM   604  O  OP2   . U     A 1 29 ? -30.532 4.270   4.793   1.00 49.54  ? 29  U     A OP2   1 
ATOM   605  O  "O5'" . U     A 1 29 ? -31.530 2.027   4.371   1.00 48.98  ? 29  U     A "O5'" 1 
ATOM   606  C  "C5'" . U     A 1 29 ? -32.395 1.746   5.461   1.00 44.04  ? 29  U     A "C5'" 1 
ATOM   607  C  "C4'" . U     A 1 29 ? -33.228 0.528   5.165   1.00 42.15  ? 29  U     A "C4'" 1 
ATOM   608  O  "O4'" . U     A 1 29 ? -33.761 0.635   3.816   1.00 46.18  ? 29  U     A "O4'" 1 
ATOM   609  C  "C3'" . U     A 1 29 ? -32.486 -0.799  5.143   1.00 43.45  ? 29  U     A "C3'" 1 
ATOM   610  O  "O3'" . U     A 1 29 ? -32.257 -1.339  6.434   1.00 48.22  ? 29  U     A "O3'" 1 
ATOM   611  C  "C2'" . U     A 1 29 ? -33.401 -1.660  4.278   1.00 43.85  ? 29  U     A "C2'" 1 
ATOM   612  O  "O2'" . U     A 1 29 ? -34.542 -2.065  5.018   1.00 43.56  ? 29  U     A "O2'" 1 
ATOM   613  C  "C1'" . U     A 1 29 ? -33.857 -0.649  3.231   1.00 43.36  ? 29  U     A "C1'" 1 
ATOM   614  N  N1    . U     A 1 29 ? -33.019 -0.698  2.009   1.00 41.40  ? 29  U     A N1    1 
ATOM   615  C  C2    . U     A 1 29 ? -33.226 -1.756  1.147   1.00 41.82  ? 29  U     A C2    1 
ATOM   616  O  O2    . U     A 1 29 ? -34.051 -2.630  1.337   1.00 44.11  ? 29  U     A O2    1 
ATOM   617  N  N3    . U     A 1 29 ? -32.441 -1.763  0.030   1.00 43.47  ? 29  U     A N3    1 
ATOM   618  C  C4    . U     A 1 29 ? -31.478 -0.842  -0.305  1.00 44.17  ? 29  U     A C4    1 
ATOM   619  O  O4    . U     A 1 29 ? -30.851 -1.008  -1.352  1.00 42.44  ? 29  U     A O4    1 
ATOM   620  C  C5    . U     A 1 29 ? -31.309 0.217   0.639   1.00 40.78  ? 29  U     A C5    1 
ATOM   621  C  C6    . U     A 1 29 ? -32.070 0.257   1.735   1.00 42.22  ? 29  U     A C6    1 
ATOM   622  P  P     . U     A 1 30 ? -30.827 -1.966  6.842   1.00 49.30  ? 30  U     A P     1 
ATOM   623  O  OP1   . U     A 1 30 ? -30.721 -1.843  8.311   1.00 50.06  ? 30  U     A OP1   1 
ATOM   624  O  OP2   . U     A 1 30 ? -29.732 -1.442  5.991   1.00 49.80  ? 30  U     A OP2   1 
ATOM   625  O  "O5'" . U     A 1 30 ? -31.032 -3.530  6.697   1.00 54.77  ? 30  U     A "O5'" 1 
ATOM   626  C  "C5'" . U     A 1 30 ? -31.326 -4.137  5.457   1.00 46.63  ? 30  U     A "C5'" 1 
ATOM   627  C  "C4'" . U     A 1 30 ? -30.552 -5.411  5.297   1.00 43.11  ? 30  U     A "C4'" 1 
ATOM   628  O  "O4'" . U     A 1 30 ? -30.232 -5.528  3.894   1.00 47.97  ? 30  U     A "O4'" 1 
ATOM   629  C  "C3'" . U     A 1 30 ? -29.218 -5.442  6.036   1.00 43.47  ? 30  U     A "C3'" 1 
ATOM   630  O  "O3'" . U     A 1 30 ? -28.848 -6.789  6.310   1.00 47.40  ? 30  U     A "O3'" 1 
ATOM   631  C  "C2'" . U     A 1 30 ? -28.260 -4.879  5.004   1.00 42.45  ? 30  U     A "C2'" 1 
ATOM   632  O  "O2'" . U     A 1 30 ? -26.924 -5.293  5.184   1.00 45.14  ? 30  U     A "O2'" 1 
ATOM   633  C  "C1'" . U     A 1 30 ? -28.835 -5.449  3.711   1.00 48.06  ? 30  U     A "C1'" 1 
ATOM   634  N  N1    . U     A 1 30 ? -28.597 -4.602  2.543   1.00 45.80  ? 30  U     A N1    1 
ATOM   635  C  C2    . U     A 1 30 ? -27.942 -5.195  1.502   1.00 46.43  ? 30  U     A C2    1 
ATOM   636  O  O2    . U     A 1 30 ? -27.582 -6.357  1.546   1.00 49.78  ? 30  U     A O2    1 
ATOM   637  N  N3    . U     A 1 30 ? -27.729 -4.380  0.425   1.00 51.26  ? 30  U     A N3    1 
ATOM   638  C  C4    . U     A 1 30 ? -28.101 -3.056  0.308   1.00 46.46  ? 30  U     A C4    1 
ATOM   639  O  O4    . U     A 1 30 ? -27.836 -2.456  -0.735  1.00 51.54  ? 30  U     A O4    1 
ATOM   640  C  C5    . U     A 1 30 ? -28.776 -2.520  1.444   1.00 45.57  ? 30  U     A C5    1 
ATOM   641  C  C6    . U     A 1 30 ? -29.003 -3.292  2.507   1.00 48.12  ? 30  U     A C6    1 
ATOM   642  P  P     . C     A 1 31 ? -28.838 -7.346  7.819   1.00 46.22  ? 31  C     A P     1 
ATOM   643  O  OP1   . C     A 1 31 ? -28.477 -8.774  7.656   1.00 43.15  ? 31  C     A OP1   1 
ATOM   644  O  OP2   . C     A 1 31 ? -30.074 -6.919  8.526   1.00 41.72  ? 31  C     A OP2   1 
ATOM   645  O  "O5'" . C     A 1 31 ? -27.643 -6.558  8.535   1.00 45.52  ? 31  C     A "O5'" 1 
ATOM   646  C  "C5'" . C     A 1 31 ? -26.284 -6.974  8.387   1.00 44.03  ? 31  C     A "C5'" 1 
ATOM   647  C  "C4'" . C     A 1 31 ? -25.493 -6.764  9.660   1.00 45.87  ? 31  C     A "C4'" 1 
ATOM   648  O  "O4'" . C     A 1 31 ? -25.312 -5.336  9.893   1.00 41.28  ? 31  C     A "O4'" 1 
ATOM   649  C  "C3'" . C     A 1 31 ? -26.149 -7.314  10.925  1.00 43.34  ? 31  C     A "C3'" 1 
ATOM   650  O  "O3'" . C     A 1 31 ? -25.133 -7.711  11.856  1.00 42.28  ? 31  C     A "O3'" 1 
ATOM   651  C  "C2'" . C     A 1 31 ? -26.872 -6.091  11.467  1.00 41.05  ? 31  C     A "C2'" 1 
ATOM   652  O  "O2'" . C     A 1 31 ? -27.194 -6.161  12.836  1.00 46.87  ? 31  C     A "O2'" 1 
ATOM   653  C  "C1'" . C     A 1 31 ? -25.866 -4.988  11.150  1.00 42.09  ? 31  C     A "C1'" 1 
ATOM   654  N  N1    . C     A 1 31 ? -26.464 -3.648  11.045  1.00 47.04  ? 31  C     A N1    1 
ATOM   655  C  C2    . C     A 1 31 ? -26.261 -2.688  12.051  1.00 45.08  ? 31  C     A C2    1 
ATOM   656  O  O2    . C     A 1 31 ? -25.555 -2.956  13.028  1.00 45.77  ? 31  C     A O2    1 
ATOM   657  N  N3    . C     A 1 31 ? -26.840 -1.472  11.950  1.00 43.32  ? 31  C     A N3    1 
ATOM   658  C  C4    . C     A 1 31 ? -27.598 -1.188  10.888  1.00 48.02  ? 31  C     A C4    1 
ATOM   659  N  N4    . C     A 1 31 ? -28.151 0.028   10.810  1.00 46.93  ? 31  C     A N4    1 
ATOM   660  C  C5    . C     A 1 31 ? -27.825 -2.140  9.848   1.00 46.70  ? 31  C     A C5    1 
ATOM   661  C  C6    . C     A 1 31 ? -27.249 -3.345  9.969   1.00 46.51  ? 31  C     A C6    1 
ATOM   662  P  P     . G     A 1 32 ? -24.496 -9.194  11.794  1.00 44.34  ? 32  G     A P     1 
ATOM   663  O  OP1   . G     A 1 32 ? -25.599 -10.164 11.521  1.00 41.66  ? 32  G     A OP1   1 
ATOM   664  O  OP2   . G     A 1 32 ? -23.638 -9.339  12.995  1.00 41.97  ? 32  G     A OP2   1 
ATOM   665  O  "O5'" . G     A 1 32 ? -23.560 -9.177  10.494  1.00 41.36  ? 32  G     A "O5'" 1 
ATOM   666  C  "C5'" . G     A 1 32 ? -23.730 -10.122 9.441   1.00 42.38  ? 32  G     A "C5'" 1 
ATOM   667  C  "C4'" . G     A 1 32 ? -22.825 -9.798  8.278   1.00 47.21  ? 32  G     A "C4'" 1 
ATOM   668  O  "O4'" . G     A 1 32 ? -23.152 -8.470  7.792   1.00 46.19  ? 32  G     A "O4'" 1 
ATOM   669  C  "C3'" . G     A 1 32 ? -21.338 -9.738  8.619   1.00 43.72  ? 32  G     A "C3'" 1 
ATOM   670  O  "O3'" . G     A 1 32 ? -20.695 -10.995 8.494   1.00 44.68  ? 32  G     A "O3'" 1 
ATOM   671  C  "C2'" . G     A 1 32 ? -20.798 -8.674  7.672   1.00 43.35  ? 32  G     A "C2'" 1 
ATOM   672  O  "O2'" . G     A 1 32 ? -20.553 -9.214  6.380   1.00 45.47  ? 32  G     A "O2'" 1 
ATOM   673  C  "C1'" . G     A 1 32 ? -21.983 -7.716  7.585   1.00 41.84  ? 32  G     A "C1'" 1 
ATOM   674  N  N9    . G     A 1 32 ? -21.946 -6.669  8.626   1.00 42.58  ? 32  G     A N9    1 
ATOM   675  C  C8    . G     A 1 32 ? -21.318 -6.704  9.850   1.00 43.40  ? 32  G     A C8    1 
ATOM   676  N  N7    . G     A 1 32 ? -21.490 -5.608  10.548  1.00 44.78  ? 32  G     A N7    1 
ATOM   677  C  C5    . G     A 1 32 ? -22.282 -4.795  9.756   1.00 42.44  ? 32  G     A C5    1 
ATOM   678  C  C6    . G     A 1 32 ? -22.793 -3.492  9.981   1.00 43.59  ? 32  G     A C6    1 
ATOM   679  O  O6    . G     A 1 32 ? -22.658 -2.743  10.954  1.00 43.62  ? 32  G     A O6    1 
ATOM   680  N  N1    . G     A 1 32 ? -23.552 -3.052  8.907   1.00 44.90  ? 32  G     A N1    1 
ATOM   681  C  C2    . G     A 1 32 ? -23.783 -3.777  7.764   1.00 46.18  ? 32  G     A C2    1 
ATOM   682  N  N2    . G     A 1 32 ? -24.541 -3.182  6.830   1.00 45.83  ? 32  G     A N2    1 
ATOM   683  N  N3    . G     A 1 32 ? -23.311 -4.989  7.543   1.00 44.56  ? 32  G     A N3    1 
ATOM   684  C  C4    . G     A 1 32 ? -22.569 -5.438  8.568   1.00 45.00  ? 32  G     A C4    1 
ATOM   685  P  P     . A     A 1 33 ? -20.032 -11.694 9.782   1.00 42.89  ? 33  A     A P     1 
ATOM   686  O  OP1   . A     A 1 33 ? -19.443 -12.974 9.309   1.00 44.94  ? 33  A     A OP1   1 
ATOM   687  O  OP2   . A     A 1 33 ? -21.045 -11.677 10.868  1.00 37.36  ? 33  A     A OP2   1 
ATOM   688  O  "O5'" . A     A 1 33 ? -18.891 -10.668 10.224  1.00 42.28  ? 33  A     A "O5'" 1 
ATOM   689  C  "C5'" . A     A 1 33 ? -17.863 -10.287 9.326   1.00 39.24  ? 33  A     A "C5'" 1 
ATOM   690  C  "C4'" . A     A 1 33 ? -17.337 -8.911  9.649   1.00 43.51  ? 33  A     A "C4'" 1 
ATOM   691  O  "O4'" . A     A 1 33 ? -16.582 -8.934  10.886  1.00 40.81  ? 33  A     A "O4'" 1 
ATOM   692  C  "C3'" . A     A 1 33 ? -16.376 -8.322  8.629   1.00 43.47  ? 33  A     A "C3'" 1 
ATOM   693  O  "O3'" . A     A 1 33 ? -17.069 -7.705  7.568   1.00 50.64  ? 33  A     A "O3'" 1 
ATOM   694  C  "C2'" . A     A 1 33 ? -15.557 -7.336  9.450   1.00 46.16  ? 33  A     A "C2'" 1 
ATOM   695  O  "O2'" . A     A 1 33 ? -16.255 -6.107  9.603   1.00 44.11  ? 33  A     A "O2'" 1 
ATOM   696  C  "C1'" . A     A 1 33 ? -15.491 -8.043  10.806  1.00 42.72  ? 33  A     A "C1'" 1 
ATOM   697  N  N9    . A     A 1 33 ? -14.248 -8.819  10.977  1.00 47.33  ? 33  A     A N9    1 
ATOM   698  C  C8    . A     A 1 33 ? -13.707 -9.844  10.207  1.00 46.30  ? 33  A     A C8    1 
ATOM   699  N  N7    . A     A 1 33 ? -12.570 -10.317 10.685  1.00 49.66  ? 33  A     A N7    1 
ATOM   700  C  C5    . A     A 1 33 ? -12.363 -9.556  11.848  1.00 47.65  ? 33  A     A C5    1 
ATOM   701  C  C6    . A     A 1 33 ? -11.343 -9.535  12.832  1.00 52.79  ? 33  A     A C6    1 
ATOM   702  N  N6    . A     A 1 33 ? -10.270 -10.346 12.831  1.00 54.93  ? 33  A     A N6    1 
ATOM   703  N  N1    . A     A 1 33 ? -11.451 -8.638  13.847  1.00 52.75  ? 33  A     A N1    1 
ATOM   704  C  C2    . A     A 1 33 ? -12.509 -7.807  13.874  1.00 51.97  ? 33  A     A C2    1 
ATOM   705  N  N3    . A     A 1 33 ? -13.535 -7.734  13.019  1.00 50.80  ? 33  A     A N3    1 
ATOM   706  C  C4    . A     A 1 33 ? -13.391 -8.637  12.026  1.00 48.07  ? 33  A     A C4    1 
ATOM   707  P  P     . C     A 1 34 ? -16.651 -8.017  6.060   1.00 54.57  ? 34  C     A P     1 
ATOM   708  O  OP1   . C     A 1 34 ? -16.947 -9.461  5.848   1.00 45.37  ? 34  C     A OP1   1 
ATOM   709  O  OP2   . C     A 1 34 ? -15.282 -7.471  5.858   1.00 46.55  ? 34  C     A OP2   1 
ATOM   710  O  "O5'" . C     A 1 34 ? -17.616 -7.083  5.199   1.00 48.59  ? 34  C     A "O5'" 1 
ATOM   711  C  "C5'" . C     A 1 34 ? -18.566 -7.620  4.295   1.00 47.95  ? 34  C     A "C5'" 1 
ATOM   712  C  "C4'" . C     A 1 34 ? -19.496 -6.541  3.808   1.00 46.38  ? 34  C     A "C4'" 1 
ATOM   713  O  "O4'" . C     A 1 34 ? -20.460 -6.236  4.853   1.00 46.03  ? 34  C     A "O4'" 1 
ATOM   714  C  "C3'" . C     A 1 34 ? -18.833 -5.202  3.507   1.00 45.42  ? 34  C     A "C3'" 1 
ATOM   715  O  "O3'" . C     A 1 34 ? -18.217 -5.141  2.222   1.00 38.17  ? 34  C     A "O3'" 1 
ATOM   716  C  "C2'" . C     A 1 34 ? -19.972 -4.216  3.704   1.00 45.56  ? 34  C     A "C2'" 1 
ATOM   717  O  "O2'" . C     A 1 34 ? -20.836 -4.255  2.584   1.00 44.73  ? 34  C     A "O2'" 1 
ATOM   718  C  "C1'" . C     A 1 34 ? -20.716 -4.845  4.884   1.00 47.19  ? 34  C     A "C1'" 1 
ATOM   719  N  N1    . C     A 1 34 ? -20.310 -4.308  6.215   1.00 45.34  ? 34  C     A N1    1 
ATOM   720  C  C2    . C     A 1 34 ? -20.699 -3.020  6.619   1.00 44.36  ? 34  C     A C2    1 
ATOM   721  O  O2    . C     A 1 34 ? -21.363 -2.307  5.850   1.00 48.62  ? 34  C     A O2    1 
ATOM   722  N  N3    . C     A 1 34 ? -20.346 -2.560  7.839   1.00 40.92  ? 34  C     A N3    1 
ATOM   723  C  C4    . C     A 1 34 ? -19.637 -3.324  8.669   1.00 45.09  ? 34  C     A C4    1 
ATOM   724  N  N4    . C     A 1 34 ? -19.321 -2.816  9.864   1.00 42.72  ? 34  C     A N4    1 
ATOM   725  C  C5    . C     A 1 34 ? -19.217 -4.640  8.304   1.00 45.13  ? 34  C     A C5    1 
ATOM   726  C  C6    . C     A 1 34 ? -19.578 -5.082  7.087   1.00 44.62  ? 34  C     A C6    1 
ATOM   727  P  P     . U     A 1 35 ? -16.860 -4.289  2.018   1.00 45.47  ? 35  U     A P     1 
ATOM   728  O  OP1   . U     A 1 35 ? -16.315 -4.534  0.666   1.00 49.79  ? 35  U     A OP1   1 
ATOM   729  O  OP2   . U     A 1 35 ? -15.959 -4.524  3.171   1.00 48.07  ? 35  U     A OP2   1 
ATOM   730  O  "O5'" . U     A 1 35 ? -17.353 -2.774  2.099   1.00 51.70  ? 35  U     A "O5'" 1 
ATOM   731  C  "C5'" . U     A 1 35 ? -18.359 -2.281  1.221   1.00 49.19  ? 35  U     A "C5'" 1 
ATOM   732  C  "C4'" . U     A 1 35 ? -18.807 -0.891  1.608   1.00 50.36  ? 35  U     A "C4'" 1 
ATOM   733  O  "O4'" . U     A 1 35 ? -19.578 -0.925  2.840   1.00 48.53  ? 35  U     A "O4'" 1 
ATOM   734  C  "C3'" . U     A 1 35 ? -17.702 0.111   1.910   1.00 49.76  ? 35  U     A "C3'" 1 
ATOM   735  O  "O3'" . U     A 1 35 ? -17.098 0.638   0.752   1.00 45.99  ? 35  U     A "O3'" 1 
ATOM   736  C  "C2'" . U     A 1 35 ? -18.432 1.154   2.750   1.00 51.10  ? 35  U     A "C2'" 1 
ATOM   737  O  "O2'" . U     A 1 35 ? -19.239 1.981   1.928   1.00 50.02  ? 35  U     A "O2'" 1 
ATOM   738  C  "C1'" . U     A 1 35 ? -19.349 0.264   3.585   1.00 44.98  ? 35  U     A "C1'" 1 
ATOM   739  N  N1    . U     A 1 35 ? -18.714 -0.099  4.874   1.00 46.65  ? 35  U     A N1    1 
ATOM   740  C  C2    . U     A 1 35 ? -18.765 0.826   5.904   1.00 47.50  ? 35  U     A C2    1 
ATOM   741  O  O2    . U     A 1 35 ? -19.316 1.912   5.795   1.00 46.71  ? 35  U     A O2    1 
ATOM   742  N  N3    . U     A 1 35 ? -18.161 0.423   7.073   1.00 45.59  ? 35  U     A N3    1 
ATOM   743  C  C4    . U     A 1 35 ? -17.515 -0.772  7.311   1.00 46.94  ? 35  U     A C4    1 
ATOM   744  O  O4    . U     A 1 35 ? -17.029 -0.990  8.420   1.00 45.01  ? 35  U     A O4    1 
ATOM   745  C  C5    . U     A 1 35 ? -17.488 -1.669  6.193   1.00 46.55  ? 35  U     A C5    1 
ATOM   746  C  C6    . U     A 1 35 ? -18.067 -1.304  5.044   1.00 46.74  ? 35  U     A C6    1 
ATOM   747  P  P     . G     A 1 36 ? -15.550 1.054   0.763   1.00 51.49  ? 36  G     A P     1 
ATOM   748  O  OP1   . G     A 1 36 ? -15.169 1.232   -0.665  1.00 51.61  ? 36  G     A OP1   1 
ATOM   749  O  OP2   . G     A 1 36 ? -14.767 0.135   1.635   1.00 47.85  ? 36  G     A OP2   1 
ATOM   750  O  "O5'" . G     A 1 36 ? -15.534 2.470   1.501   1.00 48.21  ? 36  G     A "O5'" 1 
ATOM   751  C  "C5'" . G     A 1 36 ? -16.315 3.551   1.028   1.00 48.58  ? 36  G     A "C5'" 1 
ATOM   752  C  "C4'" . G     A 1 36 ? -16.372 4.661   2.045   1.00 51.77  ? 36  G     A "C4'" 1 
ATOM   753  O  "O4'" . G     A 1 36 ? -17.139 4.233   3.208   1.00 49.76  ? 36  G     A "O4'" 1 
ATOM   754  C  "C3'" . G     A 1 36 ? -15.041 5.093   2.639   1.00 47.12  ? 36  G     A "C3'" 1 
ATOM   755  O  "O3'" . G     A 1 36 ? -14.279 5.931   1.784   1.00 46.65  ? 36  G     A "O3'" 1 
ATOM   756  C  "C2'" . G     A 1 36 ? -15.480 5.761   3.934   1.00 50.43  ? 36  G     A "C2'" 1 
ATOM   757  O  "O2'" . G     A 1 36 ? -16.029 7.043   3.675   1.00 47.36  ? 36  G     A "O2'" 1 
ATOM   758  C  "C1'" . G     A 1 36 ? -16.611 4.829   4.374   1.00 46.09  ? 36  G     A "C1'" 1 
ATOM   759  N  N9    . G     A 1 36 ? -16.101 3.773   5.271   1.00 46.67  ? 36  G     A N9    1 
ATOM   760  C  C8    . G     A 1 36 ? -15.814 2.459   4.988   1.00 48.71  ? 36  G     A C8    1 
ATOM   761  N  N7    . G     A 1 36 ? -15.341 1.788   6.018   1.00 44.66  ? 36  G     A N7    1 
ATOM   762  C  C5    . G     A 1 36 ? -15.314 2.725   7.043   1.00 46.32  ? 36  G     A C5    1 
ATOM   763  C  C6    . G     A 1 36 ? -14.907 2.605   8.401   1.00 46.73  ? 36  G     A C6    1 
ATOM   764  O  O6    . G     A 1 36 ? -14.464 1.617   9.012   1.00 48.16  ? 36  G     A O6    1 
ATOM   765  N  N1    . G     A 1 36 ? -15.044 3.810   9.077   1.00 46.12  ? 36  G     A N1    1 
ATOM   766  C  C2    . G     A 1 36 ? -15.502 4.983   8.532   1.00 45.87  ? 36  G     A C2    1 
ATOM   767  N  N2    . G     A 1 36 ? -15.558 6.032   9.363   1.00 47.62  ? 36  G     A N2    1 
ATOM   768  N  N3    . G     A 1 36 ? -15.891 5.108   7.277   1.00 45.97  ? 36  G     A N3    1 
ATOM   769  C  C4    . G     A 1 36 ? -15.771 3.951   6.595   1.00 46.54  ? 36  G     A C4    1 
ATOM   770  P  P     . G     A 1 37 ? -12.665 5.908   1.835   1.00 51.79  ? 37  G     A P     1 
ATOM   771  O  OP1   . G     A 1 37 ? -12.167 6.356   0.504   1.00 59.07  ? 37  G     A OP1   1 
ATOM   772  O  OP2   . G     A 1 37 ? -12.191 4.606   2.365   1.00 51.76  ? 37  G     A OP2   1 
ATOM   773  O  "O5'" . G     A 1 37 ? -12.296 7.017   2.921   1.00 56.78  ? 37  G     A "O5'" 1 
ATOM   774  C  "C5'" . G     A 1 37 ? -13.095 8.180   3.096   1.00 49.90  ? 37  G     A "C5'" 1 
ATOM   775  C  "C4'" . G     A 1 37 ? -12.910 8.777   4.471   1.00 50.67  ? 37  G     A "C4'" 1 
ATOM   776  O  "O4'" . G     A 1 37 ? -13.669 8.034   5.466   1.00 52.14  ? 37  G     A "O4'" 1 
ATOM   777  C  "C3'" . G     A 1 37 ? -11.495 8.780   5.026   1.00 50.72  ? 37  G     A "C3'" 1 
ATOM   778  O  "O3'" . G     A 1 37 ? -10.690 9.807   4.475   1.00 52.89  ? 37  G     A "O3'" 1 
ATOM   779  C  "C2'" . G     A 1 37 ? -11.739 8.925   6.524   1.00 52.78  ? 37  G     A "C2'" 1 
ATOM   780  O  "O2'" . G     A 1 37 ? -12.079 10.263  6.848   1.00 51.29  ? 37  G     A "O2'" 1 
ATOM   781  C  "C1'" . G     A 1 37 ? -12.988 8.062   6.705   1.00 48.25  ? 37  G     A "C1'" 1 
ATOM   782  N  N9    . G     A 1 37 ? -12.635 6.683   7.089   1.00 46.37  ? 37  G     A N9    1 
ATOM   783  C  C8    . G     A 1 37 ? -12.620 5.571   6.285   1.00 45.30  ? 37  G     A C8    1 
ATOM   784  N  N7    . G     A 1 37 ? -12.246 4.495   6.923   1.00 46.29  ? 37  G     A N7    1 
ATOM   785  C  C5    . G     A 1 37 ? -11.989 4.914   8.224   1.00 44.06  ? 37  G     A C5    1 
ATOM   786  C  C6    . G     A 1 37 ? -11.551 4.193   9.377   1.00 45.70  ? 37  G     A C6    1 
ATOM   787  O  O6    . G     A 1 37 ? -11.290 2.992   9.497   1.00 45.28  ? 37  G     A O6    1 
ATOM   788  N  N1    . G     A 1 37 ? -11.408 5.008   10.492  1.00 45.93  ? 37  G     A N1    1 
ATOM   789  C  C2    . G     A 1 37 ? -11.667 6.360   10.495  1.00 47.38  ? 37  G     A C2    1 
ATOM   790  N  N2    . G     A 1 37 ? -11.477 6.985   11.666  1.00 44.58  ? 37  G     A N2    1 
ATOM   791  N  N3    . G     A 1 37 ? -12.081 7.045   9.435   1.00 47.00  ? 37  G     A N3    1 
ATOM   792  C  C4    . G     A 1 37 ? -12.217 6.268   8.337   1.00 46.78  ? 37  G     A C4    1 
ATOM   793  P  P     . G     A 1 38 ? -9.097  9.636   4.339   1.00 55.76  ? 38  G     A P     1 
ATOM   794  O  OP1   . G     A 1 38 ? -8.626  10.769  3.500   1.00 53.78  ? 38  G     A OP1   1 
ATOM   795  O  OP2   . G     A 1 38 ? -8.760  8.262   3.899   1.00 52.18  ? 38  G     A OP2   1 
ATOM   796  O  "O5'" . G     A 1 38 ? -8.572  9.820   5.834   1.00 55.01  ? 38  G     A "O5'" 1 
ATOM   797  C  "C5'" . G     A 1 38 ? -8.828  11.020  6.550   1.00 53.08  ? 38  G     A "C5'" 1 
ATOM   798  C  "C4'" . G     A 1 38 ? -8.291  10.965  7.959   1.00 51.91  ? 38  G     A "C4'" 1 
ATOM   799  O  "O4'" . G     A 1 38 ? -9.125  10.104  8.779   1.00 51.80  ? 38  G     A "O4'" 1 
ATOM   800  C  "C3'" . G     A 1 38 ? -6.887  10.403  8.137   1.00 52.89  ? 38  G     A "C3'" 1 
ATOM   801  O  "O3'" . G     A 1 38 ? -5.877  11.361  7.857   1.00 54.94  ? 38  G     A "O3'" 1 
ATOM   802  C  "C2'" . G     A 1 38 ? -6.905  9.949   9.594   1.00 52.03  ? 38  G     A "C2'" 1 
ATOM   803  O  "O2'" . G     A 1 38 ? -6.755  11.060  10.465  1.00 58.79  ? 38  G     A "O2'" 1 
ATOM   804  C  "C1'" . G     A 1 38 ? -8.334  9.424   9.729   1.00 47.76  ? 38  G     A "C1'" 1 
ATOM   805  N  N9    . G     A 1 38 ? -8.403  7.980   9.428   1.00 47.82  ? 38  G     A N9    1 
ATOM   806  C  C8    . G     A 1 38 ? -8.787  7.424   8.236   1.00 45.98  ? 38  G     A C8    1 
ATOM   807  N  N7    . G     A 1 38 ? -8.738  6.121   8.244   1.00 47.31  ? 38  G     A N7    1 
ATOM   808  C  C5    . G     A 1 38 ? -8.280  5.801   9.513   1.00 45.29  ? 38  G     A C5    1 
ATOM   809  C  C6    . G     A 1 38 ? -8.025  4.534   10.093  1.00 43.54  ? 38  G     A C6    1 
ATOM   810  O  O6    . G     A 1 38 ? -8.165  3.420   9.574   1.00 40.90  ? 38  G     A O6    1 
ATOM   811  N  N1    . G     A 1 38 ? -7.574  4.642   11.398  1.00 41.78  ? 38  G     A N1    1 
ATOM   812  C  C2    . G     A 1 38 ? -7.393  5.834   12.059  1.00 46.77  ? 38  G     A C2    1 
ATOM   813  N  N2    . G     A 1 38 ? -6.939  5.753   13.317  1.00 41.55  ? 38  G     A N2    1 
ATOM   814  N  N3    . G     A 1 38 ? -7.626  7.028   11.525  1.00 49.05  ? 38  G     A N3    1 
ATOM   815  C  C4    . G     A 1 38 ? -8.069  6.935   10.256  1.00 44.02  ? 38  G     A C4    1 
ATOM   816  P  P     . A     A 1 39 ? -4.404  10.920  7.374   1.00 56.77  ? 39  A     A P     1 
ATOM   817  O  OP1   . A     A 1 39 ? -3.624  12.174  7.190   1.00 59.07  ? 39  A     A OP1   1 
ATOM   818  O  OP2   . A     A 1 39 ? -4.534  9.968   6.243   1.00 56.63  ? 39  A     A OP2   1 
ATOM   819  O  "O5'" . A     A 1 39 ? -3.792  10.104  8.605   1.00 55.46  ? 39  A     A "O5'" 1 
ATOM   820  C  "C5'" . A     A 1 39 ? -3.443  10.748  9.821   1.00 52.37  ? 39  A     A "C5'" 1 
ATOM   821  C  "C4'" . A     A 1 39 ? -3.005  9.752   10.863  1.00 51.98  ? 39  A     A "C4'" 1 
ATOM   822  O  "O4'" . A     A 1 39 ? -4.106  8.854   11.185  1.00 49.87  ? 39  A     A "O4'" 1 
ATOM   823  C  "C3'" . A     A 1 39 ? -1.882  8.812   10.457  1.00 52.68  ? 39  A     A "C3'" 1 
ATOM   824  O  "O3'" . A     A 1 39 ? -0.602  9.402   10.543  1.00 49.78  ? 39  A     A "O3'" 1 
ATOM   825  C  "C2'" . A     A 1 39 ? -2.077  7.641   11.408  1.00 50.42  ? 39  A     A "C2'" 1 
ATOM   826  O  "O2'" . A     A 1 39 ? -1.593  7.969   12.703  1.00 48.81  ? 39  A     A "O2'" 1 
ATOM   827  C  "C1'" . A     A 1 39 ? -3.603  7.562   11.465  1.00 49.06  ? 39  A     A "C1'" 1 
ATOM   828  N  N9    . A     A 1 39 ? -4.129  6.622   10.452  1.00 50.25  ? 39  A     A N9    1 
ATOM   829  C  C8    . A     A 1 39 ? -4.585  6.903   9.184   1.00 46.14  ? 39  A     A C8    1 
ATOM   830  N  N7    . A     A 1 39 ? -4.973  5.850   8.505   1.00 43.50  ? 39  A     A N7    1 
ATOM   831  C  C5    . A     A 1 39 ? -4.759  4.799   9.377   1.00 46.17  ? 39  A     A C5    1 
ATOM   832  C  C6    . A     A 1 39 ? -4.970  3.420   9.248   1.00 40.22  ? 39  A     A C6    1 
ATOM   833  N  N6    . A     A 1 39 ? -5.475  2.846   8.160   1.00 39.53  ? 39  A     A N6    1 
ATOM   834  N  N1    . A     A 1 39 ? -4.651  2.652   10.296  1.00 41.60  ? 39  A     A N1    1 
ATOM   835  C  C2    . A     A 1 39 ? -4.151  3.233   11.399  1.00 44.86  ? 39  A     A C2    1 
ATOM   836  N  N3    . A     A 1 39 ? -3.898  4.520   11.641  1.00 43.65  ? 39  A     A N3    1 
ATOM   837  C  C4    . A     A 1 39 ? -4.230  5.256   10.577  1.00 46.34  ? 39  A     A C4    1 
ATOM   838  P  P     . C     A 1 40 ? 0.508   9.071   9.434   1.00 48.85  ? 40  C     A P     1 
ATOM   839  O  OP1   . C     A 1 40 ? 1.548   10.116  9.575   1.00 59.64  ? 40  C     A OP1   1 
ATOM   840  O  OP2   . C     A 1 40 ? -0.140  8.830   8.123   1.00 52.60  ? 40  C     A OP2   1 
ATOM   841  O  "O5'" . C     A 1 40 ? 1.128   7.685   9.904   1.00 48.96  ? 40  C     A "O5'" 1 
ATOM   842  C  "C5'" . C     A 1 40 ? 1.564   7.502   11.239  1.00 47.51  ? 40  C     A "C5'" 1 
ATOM   843  C  "C4'" . C     A 1 40 ? 1.638   6.038   11.586  1.00 45.81  ? 40  C     A "C4'" 1 
ATOM   844  O  "O4'" . C     A 1 40 ? 0.306   5.465   11.590  1.00 45.00  ? 40  C     A "O4'" 1 
ATOM   845  C  "C3'" . C     A 1 40 ? 2.393   5.165   10.600  1.00 47.55  ? 40  C     A "C3'" 1 
ATOM   846  O  "O3'" . C     A 1 40 ? 3.801   5.251   10.727  1.00 47.32  ? 40  C     A "O3'" 1 
ATOM   847  C  "C2'" . C     A 1 40 ? 1.830   3.783   10.902  1.00 44.46  ? 40  C     A "C2'" 1 
ATOM   848  O  "O2'" . C     A 1 40 ? 2.384   3.260   12.095  1.00 47.29  ? 40  C     A "O2'" 1 
ATOM   849  C  "C1'" . C     A 1 40 ? 0.367   4.112   11.169  1.00 44.22  ? 40  C     A "C1'" 1 
ATOM   850  N  N1    . C     A 1 40 ? -0.457  3.925   9.948   1.00 40.81  ? 40  C     A N1    1 
ATOM   851  C  C2    . C     A 1 40 ? -0.849  2.615   9.602   1.00 42.03  ? 40  C     A C2    1 
ATOM   852  O  O2    . C     A 1 40 ? -0.518  1.654   10.321  1.00 41.14  ? 40  C     A O2    1 
ATOM   853  N  N3    . C     A 1 40 ? -1.600  2.407   8.499   1.00 40.53  ? 40  C     A N3    1 
ATOM   854  C  C4    . C     A 1 40 ? -1.957  3.438   7.743   1.00 39.56  ? 40  C     A C4    1 
ATOM   855  N  N4    . C     A 1 40 ? -2.696  3.172   6.667   1.00 36.04  ? 40  C     A N4    1 
ATOM   856  C  C5    . C     A 1 40 ? -1.562  4.775   8.054   1.00 43.41  ? 40  C     A C5    1 
ATOM   857  C  C6    . C     A 1 40 ? -0.818  4.973   9.155   1.00 42.29  ? 40  C     A C6    1 
ATOM   858  P  P     . U     A 1 41 ? 4.732   5.247   9.417   1.00 46.96  ? 41  U     A P     1 
ATOM   859  O  OP1   . U     A 1 41 ? 6.087   5.683   9.838   1.00 52.31  ? 41  U     A OP1   1 
ATOM   860  O  OP2   . U     A 1 41 ? 4.038   5.968   8.314   1.00 51.15  ? 41  U     A OP2   1 
ATOM   861  O  "O5'" . U     A 1 41 ? 4.790   3.718   8.989   1.00 45.15  ? 41  U     A "O5'" 1 
ATOM   862  C  "C5'" . U     A 1 41 ? 5.267   2.739   9.892   1.00 44.76  ? 41  U     A "C5'" 1 
ATOM   863  C  "C4'" . U     A 1 41 ? 4.690   1.386   9.577   1.00 44.28  ? 41  U     A "C4'" 1 
ATOM   864  O  "O4'" . U     A 1 41 ? 3.239   1.447   9.614   1.00 46.16  ? 41  U     A "O4'" 1 
ATOM   865  C  "C3'" . U     A 1 41 ? 4.983   0.829   8.199   1.00 42.53  ? 41  U     A "C3'" 1 
ATOM   866  O  "O3'" . U     A 1 41 ? 6.299   0.304   8.071   1.00 47.95  ? 41  U     A "O3'" 1 
ATOM   867  C  "C2'" . U     A 1 41 ? 3.877   -0.209  8.054   1.00 41.67  ? 41  U     A "C2'" 1 
ATOM   868  O  "O2'" . U     A 1 41 ? 4.146   -1.324  8.882   1.00 40.84  ? 41  U     A "O2'" 1 
ATOM   869  C  "C1'" . U     A 1 41 ? 2.699   0.540   8.671   1.00 42.96  ? 41  U     A "C1'" 1 
ATOM   870  N  N1    . U     A 1 41 ? 1.940   1.291   7.640   1.00 38.39  ? 41  U     A N1    1 
ATOM   871  C  C2    . U     A 1 41 ? 1.113   0.565   6.805   1.00 39.34  ? 41  U     A C2    1 
ATOM   872  O  O2    . U     A 1 41 ? 0.962   -0.656  6.883   1.00 38.94  ? 41  U     A O2    1 
ATOM   873  N  N3    . U     A 1 41 ? 0.463   1.316   5.860   1.00 37.38  ? 41  U     A N3    1 
ATOM   874  C  C4    . U     A 1 41 ? 0.540   2.674   5.647   1.00 40.53  ? 41  U     A C4    1 
ATOM   875  O  O4    . U     A 1 41 ? -0.133  3.179   4.740   1.00 37.75  ? 41  U     A O4    1 
ATOM   876  C  C5    . U     A 1 41 ? 1.413   3.365   6.555   1.00 39.86  ? 41  U     A C5    1 
ATOM   877  C  C6    . U     A 1 41 ? 2.062   2.659   7.488   1.00 42.34  ? 41  U     A C6    1 
ATOM   878  P  P     . A     A 1 42 ? 7.035   0.235   6.637   1.00 47.99  ? 42  A     A P     1 
ATOM   879  O  OP1   . A     A 1 42 ? 8.327   -0.471  6.816   1.00 47.77  ? 42  A     A OP1   1 
ATOM   880  O  OP2   . A     A 1 42 ? 7.000   1.562   5.993   1.00 43.32  ? 42  A     A OP2   1 
ATOM   881  O  "O5'" . A     A 1 42 ? 6.088   -0.702  5.771   1.00 43.24  ? 42  A     A "O5'" 1 
ATOM   882  C  "C5'" . A     A 1 42 ? 5.944   -2.072  6.092   1.00 41.02  ? 42  A     A "C5'" 1 
ATOM   883  C  "C4'" . A     A 1 42 ? 4.910   -2.710  5.203   1.00 39.73  ? 42  A     A "C4'" 1 
ATOM   884  O  "O4'" . A     A 1 42 ? 3.662   -1.982  5.317   1.00 43.40  ? 42  A     A "O4'" 1 
ATOM   885  C  "C3'" . A     A 1 42 ? 5.206   -2.674  3.716   1.00 41.07  ? 42  A     A "C3'" 1 
ATOM   886  O  "O3'" . A     A 1 42 ? 6.128   -3.674  3.321   1.00 44.08  ? 42  A     A "O3'" 1 
ATOM   887  C  "C2'" . A     A 1 42 ? 3.821   -2.841  3.106   1.00 42.73  ? 42  A     A "C2'" 1 
ATOM   888  O  "O2'" . A     A 1 42 ? 3.420   -4.204  3.147   1.00 39.38  ? 42  A     A "O2'" 1 
ATOM   889  C  "C1'" . A     A 1 42 ? 2.957   -2.052  4.096   1.00 39.80  ? 42  A     A "C1'" 1 
ATOM   890  N  N9    . A     A 1 42 ? 2.660   -0.679  3.643   1.00 38.79  ? 42  A     A N9    1 
ATOM   891  C  C8    . A     A 1 42 ? 3.256   0.488   4.061   1.00 41.34  ? 42  A     A C8    1 
ATOM   892  N  N7    . A     A 1 42 ? 2.774   1.571   3.491   1.00 40.11  ? 42  A     A N7    1 
ATOM   893  C  C5    . A     A 1 42 ? 1.788   1.081   2.639   1.00 42.32  ? 42  A     A C5    1 
ATOM   894  C  C6    . A     A 1 42 ? 0.899   1.713   1.744   1.00 40.88  ? 42  A     A C6    1 
ATOM   895  N  N6    . A     A 1 42 ? 0.843   3.034   1.541   1.00 38.63  ? 42  A     A N6    1 
ATOM   896  N  N1    . A     A 1 42 ? 0.042   0.932   1.047   1.00 41.10  ? 42  A     A N1    1 
ATOM   897  C  C2    . A     A 1 42 ? 0.083   -0.390  1.248   1.00 39.36  ? 42  A     A C2    1 
ATOM   898  N  N3    . A     A 1 42 ? 0.879   -1.095  2.048   1.00 37.26  ? 42  A     A N3    1 
ATOM   899  C  C4    . A     A 1 42 ? 1.710   -0.299  2.728   1.00 37.41  ? 42  A     A C4    1 
ATOM   900  P  P     . C     A 1 43 ? 7.227   -3.380  2.175   1.00 44.46  ? 43  C     A P     1 
ATOM   901  O  OP1   . C     A 1 43 ? 8.225   -4.479  2.252   1.00 43.61  ? 43  C     A OP1   1 
ATOM   902  O  OP2   . C     A 1 43 ? 7.662   -1.962  2.269   1.00 40.80  ? 43  C     A OP2   1 
ATOM   903  O  "O5'" . C     A 1 43 ? 6.421   -3.584  0.815   1.00 42.14  ? 43  C     A "O5'" 1 
ATOM   904  C  "C5'" . C     A 1 43 ? 5.774   -4.813  0.541   1.00 40.28  ? 43  C     A "C5'" 1 
ATOM   905  C  "C4'" . C     A 1 43 ? 4.648   -4.636  -0.445  1.00 41.76  ? 43  C     A "C4'" 1 
ATOM   906  O  "O4'" . C     A 1 43 ? 3.628   -3.775  0.122   1.00 42.81  ? 43  C     A "O4'" 1 
ATOM   907  C  "C3'" . C     A 1 43 ? 4.993   -3.946  -1.750  1.00 40.05  ? 43  C     A "C3'" 1 
ATOM   908  O  "O3'" . C     A 1 43 ? 5.684   -4.761  -2.668  1.00 41.83  ? 43  C     A "O3'" 1 
ATOM   909  C  "C2'" . C     A 1 43 ? 3.627   -3.487  -2.228  1.00 40.02  ? 43  C     A "C2'" 1 
ATOM   910  O  "O2'" . C     A 1 43 ? 2.878   -4.598  -2.691  1.00 39.97  ? 43  C     A "O2'" 1 
ATOM   911  C  "C1'" . C     A 1 43 ? 3.011   -3.024  -0.908  1.00 42.07  ? 43  C     A "C1'" 1 
ATOM   912  N  N1    . C     A 1 43 ? 3.267   -1.585  -0.667  1.00 37.07  ? 43  C     A N1    1 
ATOM   913  C  C2    . C     A 1 43 ? 2.489   -0.659  -1.355  1.00 37.96  ? 43  C     A C2    1 
ATOM   914  O  O2    . C     A 1 43 ? 1.620   -1.074  -2.122  1.00 41.51  ? 43  C     A O2    1 
ATOM   915  N  N3    . C     A 1 43 ? 2.693   0.662   -1.178  1.00 40.47  ? 43  C     A N3    1 
ATOM   916  C  C4    . C     A 1 43 ? 3.650   1.074   -0.336  1.00 43.53  ? 43  C     A C4    1 
ATOM   917  N  N4    . C     A 1 43 ? 3.818   2.391   -0.192  1.00 39.44  ? 43  C     A N4    1 
ATOM   918  C  C5    . C     A 1 43 ? 4.473   0.154   0.392   1.00 39.31  ? 43  C     A C5    1 
ATOM   919  C  C6    . C     A 1 43 ? 4.249   -1.159  0.185   1.00 39.08  ? 43  C     A C6    1 
ATOM   920  P  P     . G     A 1 44 ? 6.959   -4.163  -3.451  1.00 41.81  ? 44  G     A P     1 
ATOM   921  O  OP1   . G     A 1 44 ? 7.704   -5.341  -3.938  1.00 45.82  ? 44  G     A OP1   1 
ATOM   922  O  OP2   . G     A 1 44 ? 7.613   -3.123  -2.605  1.00 42.54  ? 44  G     A OP2   1 
ATOM   923  O  "O5'" . G     A 1 44 ? 6.335   -3.419  -4.716  1.00 43.10  ? 44  G     A "O5'" 1 
ATOM   924  C  "C5'" . G     A 1 44 ? 5.492   -4.123  -5.613  1.00 43.41  ? 44  G     A "C5'" 1 
ATOM   925  C  "C4'" . G     A 1 44 ? 4.702   -3.197  -6.507  1.00 44.54  ? 44  G     A "C4'" 1 
ATOM   926  O  "O4'" . G     A 1 44 ? 3.748   -2.436  -5.726  1.00 45.80  ? 44  G     A "O4'" 1 
ATOM   927  C  "C3'" . G     A 1 44 ? 5.492   -2.135  -7.251  1.00 44.02  ? 44  G     A "C3'" 1 
ATOM   928  O  "O3'" . G     A 1 44 ? 6.128   -2.639  -8.409  1.00 43.36  ? 44  G     A "O3'" 1 
ATOM   929  C  "C2'" . G     A 1 44 ? 4.425   -1.093  -7.556  1.00 44.12  ? 44  G     A "C2'" 1 
ATOM   930  O  "O2'" . G     A 1 44 ? 3.610   -1.517  -8.643  1.00 46.33  ? 44  G     A "O2'" 1 
ATOM   931  C  "C1'" . G     A 1 44 ? 3.586   -1.150  -6.286  1.00 41.07  ? 44  G     A "C1'" 1 
ATOM   932  N  N9    . G     A 1 44 ? 4.023   -0.155  -5.298  1.00 41.25  ? 44  G     A N9    1 
ATOM   933  C  C8    . G     A 1 44 ? 4.724   -0.369  -4.135  1.00 39.34  ? 44  G     A C8    1 
ATOM   934  N  N7    . G     A 1 44 ? 4.939   0.742   -3.478  1.00 42.48  ? 44  G     A N7    1 
ATOM   935  C  C5    . G     A 1 44 ? 4.371   1.736   -4.270  1.00 38.50  ? 44  G     A C5    1 
ATOM   936  C  C6    . G     A 1 44 ? 4.293   3.145   -4.097  1.00 41.16  ? 44  G     A C6    1 
ATOM   937  O  O6    . G     A 1 44 ? 4.721   3.814   -3.158  1.00 41.19  ? 44  G     A O6    1 
ATOM   938  N  N1    . G     A 1 44 ? 3.616   3.780   -5.146  1.00 44.21  ? 44  G     A N1    1 
ATOM   939  C  C2    . G     A 1 44 ? 3.082   3.115   -6.236  1.00 42.81  ? 44  G     A C2    1 
ATOM   940  N  N2    . G     A 1 44 ? 2.473   3.852   -7.176  1.00 40.87  ? 44  G     A N2    1 
ATOM   941  N  N3    . G     A 1 44 ? 3.160   1.803   -6.403  1.00 41.72  ? 44  G     A N3    1 
ATOM   942  C  C4    . G     A 1 44 ? 3.808   1.191   -5.394  1.00 37.66  ? 44  G     A C4    1 
ATOM   943  P  P     . G     A 1 45 ? 7.551   -2.060  -8.857  1.00 44.64  ? 45  G     A P     1 
ATOM   944  O  OP1   . G     A 1 45 ? 8.116   -3.034  -9.827  1.00 54.14  ? 45  G     A OP1   1 
ATOM   945  O  OP2   . G     A 1 45 ? 8.341   -1.668  -7.660  1.00 48.28  ? 45  G     A OP2   1 
ATOM   946  O  "O5'" . G     A 1 45 ? 7.208   -0.676  -9.563  1.00 45.47  ? 45  G     A "O5'" 1 
ATOM   947  C  "C5'" . G     A 1 45 ? 6.188   -0.580  -10.537 1.00 43.76  ? 45  G     A "C5'" 1 
ATOM   948  C  "C4'" . G     A 1 45 ? 5.877   0.861   -10.848 1.00 45.63  ? 45  G     A "C4'" 1 
ATOM   949  O  "O4'" . G     A 1 45 ? 5.154   1.473   -9.746  1.00 48.47  ? 45  G     A "O4'" 1 
ATOM   950  C  "C3'" . G     A 1 45 ? 7.067   1.784   -11.046 1.00 43.83  ? 45  G     A "C3'" 1 
ATOM   951  O  "O3'" . G     A 1 45 ? 7.669   1.633   -12.318 1.00 47.06  ? 45  G     A "O3'" 1 
ATOM   952  C  "C2'" . G     A 1 45 ? 6.444   3.158   -10.829 1.00 43.54  ? 45  G     A "C2'" 1 
ATOM   953  O  "O2'" . G     A 1 45 ? 5.737   3.570   -11.990 1.00 41.25  ? 45  G     A "O2'" 1 
ATOM   954  C  "C1'" . G     A 1 45 ? 5.422   2.860   -9.722  1.00 44.33  ? 45  G     A "C1'" 1 
ATOM   955  N  N9    . G     A 1 45 ? 5.910   3.256   -8.387  1.00 41.05  ? 45  G     A N9    1 
ATOM   956  C  C8    . G     A 1 45 ? 6.429   2.476   -7.380  1.00 42.49  ? 45  G     A C8    1 
ATOM   957  N  N7    . G     A 1 45 ? 6.773   3.180   -6.324  1.00 41.88  ? 45  G     A N7    1 
ATOM   958  C  C5    . G     A 1 45 ? 6.473   4.485   -6.671  1.00 40.92  ? 45  G     A C5    1 
ATOM   959  C  C6    . G     A 1 45 ? 6.625   5.699   -5.951  1.00 44.82  ? 45  G     A C6    1 
ATOM   960  O  O6    . G     A 1 45 ? 7.067   5.872   -4.804  1.00 42.70  ? 45  G     A O6    1 
ATOM   961  N  N1    . G     A 1 45 ? 6.184   6.797   -6.696  1.00 44.25  ? 45  G     A N1    1 
ATOM   962  C  C2    . G     A 1 45 ? 5.666   6.746   -7.971  1.00 44.98  ? 45  G     A C2    1 
ATOM   963  N  N2    . G     A 1 45 ? 5.293   7.911   -8.538  1.00 43.52  ? 45  G     A N2    1 
ATOM   964  N  N3    . G     A 1 45 ? 5.528   5.617   -8.640  1.00 46.63  ? 45  G     A N3    1 
ATOM   965  C  C4    . G     A 1 45 ? 5.941   4.543   -7.934  1.00 39.55  ? 45  G     A C4    1 
ATOM   966  P  P     . G     A 1 46 ? 9.257   1.813   -12.505 1.00 47.33  ? 46  G     A P     1 
ATOM   967  O  OP1   . G     A 1 46 ? 9.479   1.893   -13.975 1.00 51.67  ? 46  G     A OP1   1 
ATOM   968  O  OP2   . G     A 1 46 ? 9.987   0.792   -11.707 1.00 38.61  ? 46  G     A OP2   1 
ATOM   969  O  "O5'" . G     A 1 46 ? 9.594   3.220   -11.848 1.00 46.01  ? 46  G     A "O5'" 1 
ATOM   970  C  "C5'" . G     A 1 46 ? 9.413   4.425   -12.565 1.00 48.63  ? 46  G     A "C5'" 1 
ATOM   971  C  "C4'" . G     A 1 46 ? 9.651   5.629   -11.689 1.00 45.07  ? 46  G     A "C4'" 1 
ATOM   972  O  "O4'" . G     A 1 46 ? 8.871   5.519   -10.470 1.00 47.19  ? 46  G     A "O4'" 1 
ATOM   973  C  "C3'" . G     A 1 46 ? 11.072  5.833   -11.197 1.00 49.18  ? 46  G     A "C3'" 1 
ATOM   974  O  "O3'" . G     A 1 46 ? 11.912  6.423   -12.177 1.00 52.37  ? 46  G     A "O3'" 1 
ATOM   975  C  "C2'" . G     A 1 46 ? 10.864  6.714   -9.971  1.00 49.23  ? 46  G     A "C2'" 1 
ATOM   976  O  "O2'" . G     A 1 46 ? 10.645  8.062   -10.364 1.00 53.43  ? 46  G     A "O2'" 1 
ATOM   977  C  "C1'" . G     A 1 46 ? 9.554   6.146   -9.406  1.00 46.08  ? 46  G     A "C1'" 1 
ATOM   978  N  N9    . G     A 1 46 ? 9.799   5.144   -8.345  1.00 43.99  ? 46  G     A N9    1 
ATOM   979  C  C8    . G     A 1 46 ? 9.943   3.788   -8.503  1.00 43.45  ? 46  G     A C8    1 
ATOM   980  N  N7    . G     A 1 46 ? 10.160  3.152   -7.378  1.00 41.25  ? 46  G     A N7    1 
ATOM   981  C  C5    . G     A 1 46 ? 10.160  4.150   -6.418  1.00 42.26  ? 46  G     A C5    1 
ATOM   982  C  C6    . G     A 1 46 ? 10.348  4.059   -5.011  1.00 42.15  ? 46  G     A C6    1 
ATOM   983  O  O6    . G     A 1 46 ? 10.565  3.041   -4.331  1.00 36.77  ? 46  G     A O6    1 
ATOM   984  N  N1    . G     A 1 46 ? 10.262  5.310   -4.407  1.00 38.82  ? 46  G     A N1    1 
ATOM   985  C  C2    . G     A 1 46 ? 10.040  6.494   -5.058  1.00 44.34  ? 46  G     A C2    1 
ATOM   986  N  N2    . G     A 1 46 ? 9.999   7.601   -4.291  1.00 42.04  ? 46  G     A N2    1 
ATOM   987  N  N3    . G     A 1 46 ? 9.866   6.586   -6.369  1.00 44.60  ? 46  G     A N3    1 
ATOM   988  C  C4    . G     A 1 46 ? 9.944   5.383   -6.988  1.00 43.46  ? 46  G     A C4    1 
ATOM   989  P  P     . A     A 1 47 ? 13.092  5.580   -12.876 1.00 50.25  ? 47  A     A P     1 
ATOM   990  O  OP1   . A     A 1 47 ? 12.568  5.146   -14.198 1.00 52.86  ? 47  A     A OP1   1 
ATOM   991  O  OP2   . A     A 1 47 ? 13.619  4.536   -11.954 1.00 44.67  ? 47  A     A OP2   1 
ATOM   992  O  "O5'" . A     A 1 47 ? 14.204  6.688   -13.132 1.00 47.73  ? 47  A     A "O5'" 1 
ATOM   993  C  "C5'" . A     A 1 47 ? 13.899  7.861   -13.879 1.00 48.14  ? 47  A     A "C5'" 1 
ATOM   994  C  "C4'" . A     A 1 47 ? 14.460  9.104   -13.228 1.00 48.58  ? 47  A     A "C4'" 1 
ATOM   995  O  "O4'" . A     A 1 47 ? 13.737  9.382   -12.003 1.00 49.24  ? 47  A     A "O4'" 1 
ATOM   996  C  "C3'" . A     A 1 47 ? 15.913  9.035   -12.786 1.00 50.16  ? 47  A     A "C3'" 1 
ATOM   997  O  "O3'" . A     A 1 47 ? 16.830  9.277   -13.830 1.00 54.31  ? 47  A     A "O3'" 1 
ATOM   998  C  "C2'" . A     A 1 47 ? 15.973  10.083  -11.693 1.00 50.95  ? 47  A     A "C2'" 1 
ATOM   999  O  "O2'" . A     A 1 47 ? 16.004  11.380  -12.260 1.00 53.06  ? 47  A     A "O2'" 1 
ATOM   1000 C  "C1'" . A     A 1 47 ? 14.624  9.875   -11.023 1.00 48.70  ? 47  A     A "C1'" 1 
ATOM   1001 N  N9    . A     A 1 47 ? 14.732  8.857   -9.971  1.00 50.17  ? 47  A     A N9    1 
ATOM   1002 C  C8    . A     A 1 47 ? 14.268  7.561   -9.998  1.00 48.69  ? 47  A     A C8    1 
ATOM   1003 N  N7    . A     A 1 47 ? 14.540  6.887   -8.900  1.00 48.55  ? 47  A     A N7    1 
ATOM   1004 C  C5    . A     A 1 47 ? 15.234  7.806   -8.114  1.00 47.02  ? 47  A     A C5    1 
ATOM   1005 C  C6    . A     A 1 47 ? 15.803  7.716   -6.836  1.00 44.83  ? 47  A     A C6    1 
ATOM   1006 N  N6    . A     A 1 47 ? 15.748  6.611   -6.092  1.00 44.31  ? 47  A     A N6    1 
ATOM   1007 N  N1    . A     A 1 47 ? 16.432  8.806   -6.344  1.00 44.02  ? 47  A     A N1    1 
ATOM   1008 C  C2    . A     A 1 47 ? 16.474  9.913   -7.097  1.00 45.33  ? 47  A     A C2    1 
ATOM   1009 N  N3    . A     A 1 47 ? 15.978  10.127  -8.318  1.00 46.86  ? 47  A     A N3    1 
ATOM   1010 C  C4    . A     A 1 47 ? 15.366  9.020   -8.768  1.00 49.01  ? 47  A     A C4    1 
ATOM   1011 P  P     . G     A 1 48 ? 18.227  8.487   -13.871 1.00 54.43  ? 48  G     A P     1 
ATOM   1012 O  OP1   . G     A 1 48 ? 19.054  9.128   -14.928 1.00 61.39  ? 48  G     A OP1   1 
ATOM   1013 O  OP2   . G     A 1 48 ? 17.932  7.029   -13.977 1.00 55.91  ? 48  G     A OP2   1 
ATOM   1014 O  "O5'" . G     A 1 48 ? 18.866  8.753   -12.437 1.00 48.60  ? 48  G     A "O5'" 1 
ATOM   1015 C  "C5'" . G     A 1 48 ? 19.466  9.992   -12.108 1.00 46.44  ? 48  G     A "C5'" 1 
ATOM   1016 C  "C4'" . G     A 1 48 ? 20.023  9.960   -10.710 1.00 48.15  ? 48  G     A "C4'" 1 
ATOM   1017 O  "O4'" . G     A 1 48 ? 18.965  9.611   -9.782  1.00 51.00  ? 48  G     A "O4'" 1 
ATOM   1018 C  "C3'" . G     A 1 48 ? 21.097  8.919   -10.447 1.00 47.39  ? 48  G     A "C3'" 1 
ATOM   1019 O  "O3'" . G     A 1 48 ? 22.381  9.345   -10.852 1.00 52.52  ? 48  G     A "O3'" 1 
ATOM   1020 C  "C2'" . G     A 1 48 ? 20.988  8.707   -8.947  1.00 45.87  ? 48  G     A "C2'" 1 
ATOM   1021 O  "O2'" . G     A 1 48 ? 21.614  9.778   -8.252  1.00 48.08  ? 48  G     A "O2'" 1 
ATOM   1022 C  "C1'" . G     A 1 48 ? 19.480  8.814   -8.744  1.00 43.12  ? 48  G     A "C1'" 1 
ATOM   1023 N  N9    . G     A 1 48 ? 18.810  7.502   -8.803  1.00 46.04  ? 48  G     A N9    1 
ATOM   1024 C  C8    . G     A 1 48 ? 18.040  6.982   -9.821  1.00 46.84  ? 48  G     A C8    1 
ATOM   1025 N  N7    . G     A 1 48 ? 17.564  5.787   -9.540  1.00 47.58  ? 48  G     A N7    1 
ATOM   1026 C  C5    . G     A 1 48 ? 18.036  5.512   -8.260  1.00 44.33  ? 48  G     A C5    1 
ATOM   1027 C  C6    . G     A 1 48 ? 17.855  4.381   -7.415  1.00 45.19  ? 48  G     A C6    1 
ATOM   1028 O  O6    . G     A 1 48 ? 17.225  3.324   -7.615  1.00 42.96  ? 48  G     A O6    1 
ATOM   1029 N  N1    . G     A 1 48 ? 18.525  4.555   -6.208  1.00 43.42  ? 48  G     A N1    1 
ATOM   1030 C  C2    . G     A 1 48 ? 19.267  5.657   -5.836  1.00 43.46  ? 48  G     A C2    1 
ATOM   1031 N  N2    . G     A 1 48 ? 19.838  5.633   -4.618  1.00 42.44  ? 48  G     A N2    1 
ATOM   1032 N  N3    . G     A 1 48 ? 19.430  6.708   -6.609  1.00 44.24  ? 48  G     A N3    1 
ATOM   1033 C  C4    . G     A 1 48 ? 18.797  6.566   -7.793  1.00 45.49  ? 48  G     A C4    1 
ATOM   1034 P  P     . C     A 1 49 ? 23.451  8.285   -11.403 1.00 48.08  ? 49  C     A P     1 
ATOM   1035 O  OP1   . C     A 1 49 ? 24.660  9.061   -11.782 1.00 50.81  ? 49  C     A OP1   1 
ATOM   1036 O  OP2   . C     A 1 49 ? 22.795  7.373   -12.368 1.00 48.04  ? 49  C     A OP2   1 
ATOM   1037 O  "O5'" . C     A 1 49 ? 23.829  7.428   -10.126 1.00 48.66  ? 49  C     A "O5'" 1 
ATOM   1038 C  "C5'" . C     A 1 49 ? 24.558  8.005   -9.056  1.00 49.25  ? 49  C     A "C5'" 1 
ATOM   1039 C  "C4'" . C     A 1 49 ? 24.536  7.102   -7.852  1.00 48.86  ? 49  C     A "C4'" 1 
ATOM   1040 O  "O4'" . C     A 1 49 ? 23.160  6.877   -7.431  1.00 48.50  ? 49  C     A "O4'" 1 
ATOM   1041 C  "C3'" . C     A 1 49 ? 25.062  5.701   -8.081  1.00 48.11  ? 49  C     A "C3'" 1 
ATOM   1042 O  "O3'" . C     A 1 49 ? 26.475  5.617   -8.118  1.00 50.11  ? 49  C     A "O3'" 1 
ATOM   1043 C  "C2'" . C     A 1 49 ? 24.412  4.933   -6.942  1.00 44.39  ? 49  C     A "C2'" 1 
ATOM   1044 O  "O2'" . C     A 1 49 ? 25.032  5.255   -5.709  1.00 45.78  ? 49  C     A "O2'" 1 
ATOM   1045 C  "C1'" . C     A 1 49 ? 23.022  5.559   -6.943  1.00 43.09  ? 49  C     A "C1'" 1 
ATOM   1046 N  N1    . C     A 1 49 ? 22.109  4.815   -7.837  1.00 44.57  ? 49  C     A N1    1 
ATOM   1047 C  C2    . C     A 1 49 ? 21.572  3.637   -7.332  1.00 43.60  ? 49  C     A C2    1 
ATOM   1048 O  O2    . C     A 1 49 ? 21.875  3.299   -6.179  1.00 46.06  ? 49  C     A O2    1 
ATOM   1049 N  N3    . C     A 1 49 ? 20.744  2.903   -8.095  1.00 41.77  ? 49  C     A N3    1 
ATOM   1050 C  C4    . C     A 1 49 ? 20.446  3.295   -9.331  1.00 46.36  ? 49  C     A C4    1 
ATOM   1051 N  N4    . C     A 1 49 ? 19.615  2.513   -10.042 1.00 41.28  ? 49  C     A N4    1 
ATOM   1052 C  C5    . C     A 1 49 ? 20.996  4.496   -9.882  1.00 44.93  ? 49  C     A C5    1 
ATOM   1053 C  C6    . C     A 1 49 ? 21.817  5.220   -9.110  1.00 42.57  ? 49  C     A C6    1 
ATOM   1054 P  P     . G     A 1 50 ? 27.174  4.580   -9.124  1.00 45.14  ? 50  G     A P     1 
ATOM   1055 O  OP1   . G     A 1 50 ? 28.590  5.008   -9.221  1.00 49.12  ? 50  G     A OP1   1 
ATOM   1056 O  OP2   . G     A 1 50 ? 26.322  4.451   -10.338 1.00 44.35  ? 50  G     A OP2   1 
ATOM   1057 O  "O5'" . G     A 1 50 ? 27.086  3.189   -8.347  1.00 46.31  ? 50  G     A "O5'" 1 
ATOM   1058 C  "C5'" . G     A 1 50 ? 27.568  3.087   -7.020  1.00 40.78  ? 50  G     A "C5'" 1 
ATOM   1059 C  "C4'" . G     A 1 50 ? 27.182  1.779   -6.379  1.00 42.75  ? 50  G     A "C4'" 1 
ATOM   1060 O  "O4'" . G     A 1 50 ? 25.744  1.691   -6.227  1.00 48.58  ? 50  G     A "O4'" 1 
ATOM   1061 C  "C3'" . G     A 1 50 ? 27.530  0.516   -7.131  1.00 43.28  ? 50  G     A "C3'" 1 
ATOM   1062 O  "O3'" . G     A 1 50 ? 28.892  0.174   -7.020  1.00 40.90  ? 50  G     A "O3'" 1 
ATOM   1063 C  "C2'" . G     A 1 50 ? 26.601  -0.498  -6.491  1.00 45.63  ? 50  G     A "C2'" 1 
ATOM   1064 O  "O2'" . G     A 1 50 ? 27.082  -0.855  -5.206  1.00 44.93  ? 50  G     A "O2'" 1 
ATOM   1065 C  "C1'" . G     A 1 50 ? 25.340  0.340   -6.309  1.00 45.21  ? 50  G     A "C1'" 1 
ATOM   1066 N  N9    . G     A 1 50 ? 24.422  0.193   -7.452  1.00 43.77  ? 50  G     A N9    1 
ATOM   1067 C  C8    . G     A 1 50 ? 24.180  1.075   -8.475  1.00 44.15  ? 50  G     A C8    1 
ATOM   1068 N  N7    . G     A 1 50 ? 23.306  0.630   -9.343  1.00 44.76  ? 50  G     A N7    1 
ATOM   1069 C  C5    . G     A 1 50 ? 22.953  -0.612  -8.855  1.00 42.84  ? 50  G     A C5    1 
ATOM   1070 C  C6    . G     A 1 50 ? 22.045  -1.560  -9.367  1.00 44.36  ? 50  G     A C6    1 
ATOM   1071 O  O6    . G     A 1 50 ? 21.347  -1.472  -10.385 1.00 44.15  ? 50  G     A O6    1 
ATOM   1072 N  N1    . G     A 1 50 ? 22.006  -2.695  -8.564  1.00 46.38  ? 50  G     A N1    1 
ATOM   1073 C  C2    . G     A 1 50 ? 22.739  -2.879  -7.416  1.00 45.02  ? 50  G     A C2    1 
ATOM   1074 N  N2    . G     A 1 50 ? 22.562  -4.037  -6.774  1.00 42.07  ? 50  G     A N2    1 
ATOM   1075 N  N3    . G     A 1 50 ? 23.588  -1.996  -6.926  1.00 43.47  ? 50  G     A N3    1 
ATOM   1076 C  C4    . G     A 1 50 ? 23.637  -0.899  -7.696  1.00 44.84  ? 50  G     A C4    1 
ATOM   1077 P  P     . C     A 1 51 ? 29.612  -0.571  -8.239  1.00 49.19  ? 51  C     A P     1 
ATOM   1078 O  OP1   . C     A 1 51 ? 31.026  -0.698  -7.833  1.00 47.90  ? 51  C     A OP1   1 
ATOM   1079 O  OP2   . C     A 1 51 ? 29.259  0.059   -9.551  1.00 42.54  ? 51  C     A OP2   1 
ATOM   1080 O  "O5'" . C     A 1 51 ? 28.934  -2.018  -8.241  1.00 47.23  ? 51  C     A "O5'" 1 
ATOM   1081 C  "C5'" . C     A 1 51 ? 29.111  -2.913  -7.151  1.00 45.53  ? 51  C     A "C5'" 1 
ATOM   1082 C  "C4'" . C     A 1 51 ? 28.260  -4.156  -7.300  1.00 45.99  ? 51  C     A "C4'" 1 
ATOM   1083 O  "O4'" . C     A 1 51 ? 26.852  -3.806  -7.305  1.00 42.47  ? 51  C     A "O4'" 1 
ATOM   1084 C  "C3'" . C     A 1 51 ? 28.439  -4.948  -8.581  1.00 46.34  ? 51  C     A "C3'" 1 
ATOM   1085 O  "O3'" . C     A 1 51 ? 29.585  -5.779  -8.557  1.00 48.64  ? 51  C     A "O3'" 1 
ATOM   1086 C  "C2'" . C     A 1 51 ? 27.129  -5.713  -8.667  1.00 47.79  ? 51  C     A "C2'" 1 
ATOM   1087 O  "O2'" . C     A 1 51 ? 27.113  -6.760  -7.709  1.00 47.23  ? 51  C     A "O2'" 1 
ATOM   1088 C  "C1'" . C     A 1 51 ? 26.150  -4.652  -8.190  1.00 46.24  ? 51  C     A "C1'" 1 
ATOM   1089 N  N1    . C     A 1 51 ? 25.602  -3.837  -9.307  1.00 43.79  ? 51  C     A N1    1 
ATOM   1090 C  C2    . C     A 1 51 ? 24.579  -4.376  -10.102 1.00 45.60  ? 51  C     A C2    1 
ATOM   1091 O  O2    . C     A 1 51 ? 24.186  -5.526  -9.850  1.00 40.77  ? 51  C     A O2    1 
ATOM   1092 N  N3    . C     A 1 51 ? 24.060  -3.638  -11.126 1.00 41.96  ? 51  C     A N3    1 
ATOM   1093 C  C4    . C     A 1 51 ? 24.518  -2.402  -11.361 1.00 43.35  ? 51  C     A C4    1 
ATOM   1094 N  N4    . C     A 1 51 ? 23.981  -1.705  -12.367 1.00 42.60  ? 51  C     A N4    1 
ATOM   1095 C  C5    . C     A 1 51 ? 25.553  -1.820  -10.567 1.00 42.00  ? 51  C     A C5    1 
ATOM   1096 C  C6    . C     A 1 51 ? 26.051  -2.566  -9.563  1.00 43.39  ? 51  C     A C6    1 
ATOM   1097 P  P     . C     A 1 52 ? 30.477  -5.972  -9.884  1.00 44.73  ? 52  C     A P     1 
ATOM   1098 O  OP1   . C     A 1 52 ? 31.713  -6.608  -9.371  1.00 55.68  ? 52  C     A OP1   1 
ATOM   1099 O  OP2   . C     A 1 52 ? 30.562  -4.715  -10.661 1.00 41.88  ? 52  C     A OP2   1 
ATOM   1100 O  "O5'" . C     A 1 52 ? 29.645  -7.029  -10.742 1.00 46.48  ? 52  C     A "O5'" 1 
ATOM   1101 C  "C5'" . C     A 1 52 ? 29.157  -8.216  -10.131 1.00 53.16  ? 52  C     A "C5'" 1 
ATOM   1102 C  "C4'" . C     A 1 52 ? 28.151  -8.928  -11.001 1.00 51.28  ? 52  C     A "C4'" 1 
ATOM   1103 O  "O4'" . C     A 1 52 ? 26.894  -8.200  -11.003 1.00 48.09  ? 52  C     A "O4'" 1 
ATOM   1104 C  "C3'" . C     A 1 52 ? 28.497  -9.053  -12.479 1.00 54.57  ? 52  C     A "C3'" 1 
ATOM   1105 O  "O3'" . C     A 1 52 ? 29.443  -10.077 -12.772 1.00 53.08  ? 52  C     A "O3'" 1 
ATOM   1106 C  "C2'" . C     A 1 52 ? 27.128  -9.273  -13.108 1.00 55.82  ? 52  C     A "C2'" 1 
ATOM   1107 O  "O2'" . C     A 1 52 ? 26.678  -10.604 -12.885 1.00 53.15  ? 52  C     A "O2'" 1 
ATOM   1108 C  "C1'" . C     A 1 52 ? 26.263  -8.338  -12.264 1.00 52.58  ? 52  C     A "C1'" 1 
ATOM   1109 N  N1    . C     A 1 52 ? 26.116  -7.003  -12.897 1.00 53.40  ? 52  C     A N1    1 
ATOM   1110 C  C2    . C     A 1 52 ? 25.159  -6.866  -13.915 1.00 53.64  ? 52  C     A C2    1 
ATOM   1111 O  O2    . C     A 1 52 ? 24.478  -7.855  -14.241 1.00 56.17  ? 52  C     A O2    1 
ATOM   1112 N  N3    . C     A 1 52 ? 24.984  -5.665  -14.512 1.00 48.30  ? 52  C     A N3    1 
ATOM   1113 C  C4    . C     A 1 52 ? 25.728  -4.626  -14.133 1.00 50.27  ? 52  C     A C4    1 
ATOM   1114 N  N4    . C     A 1 52 ? 25.518  -3.461  -14.750 1.00 47.96  ? 52  C     A N4    1 
ATOM   1115 C  C5    . C     A 1 52 ? 26.716  -4.734  -13.106 1.00 47.15  ? 52  C     A C5    1 
ATOM   1116 C  C6    . C     A 1 52 ? 26.877  -5.926  -12.521 1.00 49.11  ? 52  C     A C6    1 
ATOM   1117 P  P     . U     A 1 53 ? 30.438  -9.930  -14.036 1.00 56.55  ? 53  U     A P     1 
ATOM   1118 O  OP1   . U     A 1 53 ? 31.395  -11.061 -13.957 1.00 57.68  ? 53  U     A OP1   1 
ATOM   1119 O  OP2   . U     A 1 53 ? 30.990  -8.551  -14.106 1.00 51.99  ? 53  U     A OP2   1 
ATOM   1120 O  "O5'" . U     A 1 53 ? 29.487  -10.117 -15.310 1.00 56.78  ? 53  U     A "O5'" 1 
ATOM   1121 C  "C5'" . U     A 1 53 ? 28.695  -11.292 -15.472 1.00 51.97  ? 53  U     A "C5'" 1 
ATOM   1122 C  "C4'" . U     A 1 53 ? 27.658  -11.162 -16.573 1.00 55.69  ? 53  U     A "C4'" 1 
ATOM   1123 O  "O4'" . U     A 1 53 ? 26.959  -9.885  -16.463 1.00 55.34  ? 53  U     A "O4'" 1 
ATOM   1124 C  "C3'" . U     A 1 53 ? 28.189  -11.240 -18.008 1.00 60.09  ? 53  U     A "C3'" 1 
ATOM   1125 O  "O3'" . U     A 1 53 ? 27.243  -11.923 -18.837 1.00 63.33  ? 53  U     A "O3'" 1 
ATOM   1126 C  "C2'" . U     A 1 53 ? 28.244  -9.779  -18.431 1.00 59.41  ? 53  U     A "C2'" 1 
ATOM   1127 O  "O2'" . U     A 1 53 ? 28.158  -9.585  -19.824 1.00 63.19  ? 53  U     A "O2'" 1 
ATOM   1128 C  "C1'" . U     A 1 53 ? 27.035  -9.191  -17.696 1.00 59.77  ? 53  U     A "C1'" 1 
ATOM   1129 N  N1    . U     A 1 53 ? 27.176  -7.749  -17.422 1.00 58.36  ? 53  U     A N1    1 
ATOM   1130 C  C2    . U     A 1 53 ? 26.388  -6.842  -18.116 1.00 56.96  ? 53  U     A C2    1 
ATOM   1131 O  O2    . U     A 1 53 ? 25.540  -7.163  -18.932 1.00 59.02  ? 53  U     A O2    1 
ATOM   1132 N  N3    . U     A 1 53 ? 26.613  -5.521  -17.814 1.00 55.17  ? 53  U     A N3    1 
ATOM   1133 C  C4    . U     A 1 53 ? 27.539  -5.024  -16.918 1.00 53.30  ? 53  U     A C4    1 
ATOM   1134 O  O4    . U     A 1 53 ? 27.626  -3.809  -16.757 1.00 53.97  ? 53  U     A O4    1 
ATOM   1135 C  C5    . U     A 1 53 ? 28.322  -6.016  -16.247 1.00 52.90  ? 53  U     A C5    1 
ATOM   1136 C  C6    . U     A 1 53 ? 28.121  -7.311  -16.520 1.00 53.68  ? 53  U     A C6    1 
HETATM 1137 MG MG    . MG    B 2 .  ? -8.406  -10.790 3.229   1.00 55.61  ? 101 MG    A MG    1 
HETATM 1138 MG MG    . MG    C 2 .  ? 27.219  -12.007 -20.721 1.00 56.86  ? 102 MG    A MG    1 
HETATM 1139 MG MG    . MG    D 2 .  ? 22.740  2.191   -11.923 1.00 49.44  ? 103 MG    A MG    1 
HETATM 1140 MG MG    . MG    E 2 .  ? 8.311   1.002   -4.921  1.00 52.48  ? 104 MG    A MG    1 
HETATM 1141 MG MG    . MG    F 2 .  ? -9.898  0.949   6.668   1.00 50.89  ? 105 MG    A MG    1 
HETATM 1142 C  C02   . A1LXN G 3 .  ? -3.387  2.161   2.637   1.00 38.13  ? 106 A1LXN A C02   1 
HETATM 1143 C  C04   . A1LXN G 3 .  ? -2.219  0.576   3.608   1.00 41.29  ? 106 A1LXN A C04   1 
HETATM 1144 C  C06   . A1LXN G 3 .  ? -1.487  -1.503  4.358   1.00 36.35  ? 106 A1LXN A C06   1 
HETATM 1145 C  C09   . A1LXN G 3 .  ? -3.420  -1.432  3.081   1.00 41.14  ? 106 A1LXN A C09   1 
HETATM 1146 C  C11   . A1LXN G 3 .  ? -3.295  -0.011  2.973   1.00 35.84  ? 106 A1LXN A C11   1 
HETATM 1147 C  C12   . A1LXN G 3 .  ? -3.842  3.547   2.161   1.00 34.00  ? 106 A1LXN A C12   1 
HETATM 1148 N  N01   . A1LXN G 3 .  ? -2.313  1.928   3.381   1.00 37.65  ? 106 A1LXN A N01   1 
HETATM 1149 N  N03   . A1LXN G 3 .  ? -3.995  1.004   2.377   1.00 37.48  ? 106 A1LXN A N03   1 
HETATM 1150 N  N05   . A1LXN G 3 .  ? -1.327  -0.196  4.298   1.00 37.23  ? 106 A1LXN A N05   1 
HETATM 1151 N  N07   . A1LXN G 3 .  ? -0.527  -2.285  5.092   1.00 35.46  ? 106 A1LXN A N07   1 
HETATM 1152 N  N08   . A1LXN G 3 .  ? -2.505  -2.118  3.769   1.00 35.18  ? 106 A1LXN A N08   1 
HETATM 1153 O  O10   . A1LXN G 3 .  ? -4.336  -2.017  2.568   1.00 37.81  ? 106 A1LXN A O10   1 
HETATM 1154 N  N1    . SPM   H 4 .  ? -19.934 0.221   13.206  1.00 47.72  ? 107 SPM   A N1    1 
HETATM 1155 C  C2    . SPM   H 4 .  ? -19.653 -1.192  13.416  1.00 52.18  ? 107 SPM   A C2    1 
HETATM 1156 C  C3    . SPM   H 4 .  ? -20.951 -2.000  13.467  1.00 47.23  ? 107 SPM   A C3    1 
HETATM 1157 C  C4    . SPM   H 4 .  ? -20.653 -3.500  13.379  1.00 48.48  ? 107 SPM   A C4    1 
HETATM 1158 N  N5    . SPM   H 4 .  ? -21.852 -4.318  13.264  1.00 45.97  ? 107 SPM   A N5    1 
HETATM 1159 C  C6    . SPM   H 4 .  ? -21.867 -5.699  13.733  1.00 46.18  ? 107 SPM   A C6    1 
HETATM 1160 C  C7    . SPM   H 4 .  ? -22.667 -5.824  15.028  1.00 47.09  ? 107 SPM   A C7    1 
HETATM 1161 C  C8    . SPM   H 4 .  ? -23.330 -7.186  15.167  1.00 48.22  ? 107 SPM   A C8    1 
HETATM 1162 C  C9    . SPM   H 4 .  ? -24.847 -7.061  15.297  1.00 43.61  ? 107 SPM   A C9    1 
HETATM 1163 N  N10   . SPM   H 4 .  ? -25.470 -8.367  15.422  1.00 49.45  ? 107 SPM   A N10   1 
HETATM 1164 C  C11   . SPM   H 4 .  ? -26.912 -8.544  15.304  1.00 47.71  ? 107 SPM   A C11   1 
HETATM 1165 C  C12   . SPM   H 4 .  ? -27.267 -10.018 15.094  1.00 52.98  ? 107 SPM   A C12   1 
HETATM 1166 C  C13   . SPM   H 4 .  ? -28.762 -10.211 14.855  1.00 58.05  ? 107 SPM   A C13   1 
HETATM 1167 N  N14   . SPM   H 4 .  ? -29.151 -9.526  13.635  1.00 57.54  ? 107 SPM   A N14   1 
HETATM 1168 O  O     . HOH   I 5 .  ? 15.726  12.521  -0.164  1.00 48.29  ? 201 HOH   A O     1 
HETATM 1169 O  O     . HOH   I 5 .  ? -5.715  0.819   4.882   1.00 41.56  ? 202 HOH   A O     1 
HETATM 1170 O  O     . HOH   I 5 .  ? -8.033  -0.320  6.987   1.00 37.52  ? 203 HOH   A O     1 
HETATM 1171 O  O     . HOH   I 5 .  ? -11.624 2.098   6.103   1.00 43.35  ? 204 HOH   A O     1 
HETATM 1172 O  O     . HOH   I 5 .  ? 1.713   6.464   -0.311  1.00 45.03  ? 205 HOH   A O     1 
HETATM 1173 O  O     . HOH   I 5 .  ? 16.585  -0.532  -10.640 1.00 50.76  ? 206 HOH   A O     1 
HETATM 1174 O  O     . HOH   I 5 .  ? -6.434  -10.464 4.180   1.00 46.70  ? 207 HOH   A O     1 
HETATM 1175 O  O     . HOH   I 5 .  ? -10.866 0.530   8.499   1.00 45.40  ? 208 HOH   A O     1 
HETATM 1176 O  O     . HOH   I 5 .  ? -0.896  1.310   -7.181  1.00 44.17  ? 209 HOH   A O     1 
HETATM 1177 O  O     . HOH   I 5 .  ? -8.123  -3.868  12.135  1.00 41.68  ? 210 HOH   A O     1 
HETATM 1178 O  O     . HOH   I 5 .  ? -8.733  2.819   6.946   1.00 40.93  ? 211 HOH   A O     1 
HETATM 1179 O  O     . HOH   I 5 .  ? 9.588   0.330   -6.182  1.00 46.63  ? 212 HOH   A O     1 
HETATM 1180 O  O     . HOH   I 5 .  ? -0.529  -5.824  11.887  1.00 46.85  ? 213 HOH   A O     1 
HETATM 1181 O  O     . HOH   I 5 .  ? -15.079 -3.675  8.870   1.00 47.25  ? 214 HOH   A O     1 
HETATM 1182 O  O     . HOH   I 5 .  ? 1.953   -4.849  5.533   1.00 42.30  ? 215 HOH   A O     1 
HETATM 1183 O  O     . HOH   I 5 .  ? -13.976 -0.678  6.057   1.00 46.99  ? 216 HOH   A O     1 
HETATM 1184 O  O     . HOH   I 5 .  ? -23.750 1.187   13.826  1.00 41.51  ? 217 HOH   A O     1 
HETATM 1185 O  O     . HOH   I 5 .  ? 7.831   -1.118  -0.580  1.00 44.99  ? 218 HOH   A O     1 
HETATM 1186 O  O     . HOH   I 5 .  ? 2.180   -11.871 8.269   1.00 48.47  ? 219 HOH   A O     1 
HETATM 1187 O  O     . HOH   I 5 .  ? -7.171  -1.844  4.930   1.00 41.31  ? 220 HOH   A O     1 
HETATM 1188 O  O     . HOH   I 5 .  ? -12.881 -1.028  9.087   1.00 49.27  ? 221 HOH   A O     1 
HETATM 1189 O  O     . HOH   I 5 .  ? 31.048  -10.565 -19.266 1.00 57.89  ? 222 HOH   A O     1 
HETATM 1190 O  O     . HOH   I 5 .  ? 17.588  0.752   -12.301 1.00 50.58  ? 223 HOH   A O     1 
HETATM 1191 O  O     . HOH   I 5 .  ? 7.324   1.483   -1.456  1.00 50.26  ? 224 HOH   A O     1 
HETATM 1192 O  O     . HOH   I 5 .  ? 10.240  1.780   -1.373  1.00 47.81  ? 225 HOH   A O     1 
HETATM 1193 O  O     . HOH   I 5 .  ? 1.428   3.163   -10.206 1.00 36.47  ? 226 HOH   A O     1 
HETATM 1194 O  O     . HOH   I 5 .  ? -9.997  3.146   -1.030  1.00 48.50  ? 227 HOH   A O     1 
HETATM 1195 O  O     . HOH   I 5 .  ? 9.289   -0.445  -4.127  1.00 52.09  ? 228 HOH   A O     1 
HETATM 1196 O  O     . HOH   I 5 .  ? -29.932 -1.870  14.252  1.00 60.61  ? 229 HOH   A O     1 
HETATM 1197 O  O     . HOH   I 5 .  ? 10.501  2.971   2.509   1.00 55.54  ? 230 HOH   A O     1 
HETATM 1198 O  O     . HOH   I 5 .  ? -11.286 -0.776  6.083   1.00 47.05  ? 231 HOH   A O     1 
HETATM 1199 O  O     . HOH   I 5 .  ? -9.241  1.344   4.609   1.00 51.61  ? 232 HOH   A O     1 
# 
